data_2RB6
# 
_entry.id   2RB6 
# 
_audit_conform.dict_name       mmcif_pdbx.dic 
_audit_conform.dict_version    5.399 
_audit_conform.dict_location   http://mmcif.pdb.org/dictionaries/ascii/mmcif_pdbx.dic 
# 
loop_
_database_2.database_id 
_database_2.database_code 
_database_2.pdbx_database_accession 
_database_2.pdbx_DOI 
PDB   2RB6         pdb_00002rb6 10.2210/pdb2rb6/pdb 
RCSB  RCSB044648   ?            ?                   
WWPDB D_1000044648 ?            ?                   
# 
loop_
_pdbx_audit_revision_history.ordinal 
_pdbx_audit_revision_history.data_content_type 
_pdbx_audit_revision_history.major_revision 
_pdbx_audit_revision_history.minor_revision 
_pdbx_audit_revision_history.revision_date 
1 'Structure model' 1 0 2007-10-23 
2 'Structure model' 1 1 2011-07-13 
3 'Structure model' 1 2 2017-10-25 
4 'Structure model' 1 3 2024-11-20 
# 
_pdbx_audit_revision_details.ordinal             1 
_pdbx_audit_revision_details.revision_ordinal    1 
_pdbx_audit_revision_details.data_content_type   'Structure model' 
_pdbx_audit_revision_details.provider            repository 
_pdbx_audit_revision_details.type                'Initial release' 
_pdbx_audit_revision_details.description         ? 
_pdbx_audit_revision_details.details             ? 
# 
loop_
_pdbx_audit_revision_group.ordinal 
_pdbx_audit_revision_group.revision_ordinal 
_pdbx_audit_revision_group.data_content_type 
_pdbx_audit_revision_group.group 
1 2 'Structure model' 'Source and taxonomy'       
2 2 'Structure model' 'Version format compliance' 
3 3 'Structure model' 'Refinement description'    
4 4 'Structure model' 'Data collection'           
5 4 'Structure model' 'Database references'       
6 4 'Structure model' 'Derived calculations'      
7 4 'Structure model' 'Structure summary'         
# 
loop_
_pdbx_audit_revision_category.ordinal 
_pdbx_audit_revision_category.revision_ordinal 
_pdbx_audit_revision_category.data_content_type 
_pdbx_audit_revision_category.category 
1 3 'Structure model' software                  
2 4 'Structure model' chem_comp_atom            
3 4 'Structure model' chem_comp_bond            
4 4 'Structure model' database_2                
5 4 'Structure model' pdbx_entry_details        
6 4 'Structure model' pdbx_modification_feature 
7 4 'Structure model' struct_conn               
8 4 'Structure model' struct_ref_seq_dif        
# 
loop_
_pdbx_audit_revision_item.ordinal 
_pdbx_audit_revision_item.revision_ordinal 
_pdbx_audit_revision_item.data_content_type 
_pdbx_audit_revision_item.item 
1 3 'Structure model' '_software.name'                      
2 4 'Structure model' '_database_2.pdbx_DOI'                
3 4 'Structure model' '_database_2.pdbx_database_accession' 
4 4 'Structure model' '_struct_conn.pdbx_leaving_atom_flag' 
5 4 'Structure model' '_struct_ref_seq_dif.details'         
# 
_pdbx_database_status.status_code                     REL 
_pdbx_database_status.entry_id                        2RB6 
_pdbx_database_status.recvd_initial_deposition_date   2007-09-18 
_pdbx_database_status.deposit_site                    RCSB 
_pdbx_database_status.process_site                    RCSB 
_pdbx_database_status.status_code_sf                  REL 
_pdbx_database_status.status_code_mr                  ? 
_pdbx_database_status.SG_entry                        Y 
_pdbx_database_status.pdb_format_compatible           Y 
_pdbx_database_status.status_code_cs                  ? 
_pdbx_database_status.methods_development_category    ? 
_pdbx_database_status.status_code_nmr_data            ? 
# 
loop_
_pdbx_database_related.db_name 
_pdbx_database_related.db_id 
_pdbx_database_related.details 
_pdbx_database_related.content_type 
TargetDB SoR78A .                                                                    unspecified 
PDB      2JN0   'Solution NMR structure of E.coli ygdR protein (structural homolog)' unspecified 
# 
loop_
_audit_author.name 
_audit_author.pdbx_ordinal 
'Kuzin, A.P.'                                     1  
'Su, M.'                                          2  
'Seetharaman, J.'                                 3  
'Vorobiev, S.M.'                                  4  
'Wang, H.'                                        5  
'Mao, L.'                                         6  
'Cunningham, K.'                                  7  
'Xiao, R.'                                        8  
'Liu, J.'                                         9  
'Baran, M.C.'                                     10 
'Acton, T.B.'                                     11 
'Rost, B.'                                        12 
'Montelione, G.T.'                                13 
'Hunt, J.F.'                                      14 
'Tong, L.'                                        15 
'Northeast Structural Genomics Consortium (NESG)' 16 
# 
_citation.id                        primary 
_citation.title                     'X-Ray structure of the protein Q8EI81.' 
_citation.journal_abbrev            'To be Published' 
_citation.journal_volume            ? 
_citation.page_first                ? 
_citation.page_last                 ? 
_citation.year                      ? 
_citation.journal_id_ASTM           ? 
_citation.country                   ? 
_citation.journal_id_ISSN           ? 
_citation.journal_id_CSD            0353 
_citation.book_publisher            ? 
_citation.pdbx_database_id_PubMed   ? 
_citation.pdbx_database_id_DOI      ? 
# 
loop_
_citation_author.citation_id 
_citation_author.name 
_citation_author.ordinal 
_citation_author.identifier_ORCID 
primary 'Kuzin, A.P.'      1  ? 
primary 'Su, M.'           2  ? 
primary 'Seetharaman, J.'  3  ? 
primary 'Vorobiev, S.M.'   4  ? 
primary 'Wang, H.'         5  ? 
primary 'Mao, L.'          6  ? 
primary 'Cunningham, K.'   7  ? 
primary 'Xiao, R.'         8  ? 
primary 'Liu, J.'          9  ? 
primary 'Baran, M.C.'      10 ? 
primary 'Acton, T.B.'      11 ? 
primary 'Rost, B.'         12 ? 
primary 'Montelione, G.T.' 13 ? 
primary 'Hunt, J.F.'       14 ? 
primary 'Tong, L.'         15 ? 
# 
loop_
_entity.id 
_entity.type 
_entity.src_method 
_entity.pdbx_description 
_entity.formula_weight 
_entity.pdbx_number_of_molecules 
_entity.pdbx_ec 
_entity.pdbx_mutation 
_entity.pdbx_fragment 
_entity.details 
1 polymer man 'Uncharacterized protein' 7512.694 2  ? ? 'Residues 25-76' ? 
2 water   nat water                     18.015   46 ? ? ?                ? 
# 
_entity_poly.entity_id                      1 
_entity_poly.type                           'polypeptide(L)' 
_entity_poly.nstd_linkage                   no 
_entity_poly.nstd_monomer                   yes 
_entity_poly.pdbx_seq_one_letter_code       
;(MSE)SSQYI(MSE)STKDGK(MSE)ITSDSKPKLDKTTG(MSE)YLYYDEDGREV(MSE)IKQEDVTQIIERLEHHHHH
H
;
_entity_poly.pdbx_seq_one_letter_code_can   MSSQYIMSTKDGKMITSDSKPKLDKTTGMYLYYDEDGREVMIKQEDVTQIIERLEHHHHHH 
_entity_poly.pdbx_strand_id                 A,B 
_entity_poly.pdbx_target_identifier         SoR78A 
# 
_pdbx_entity_nonpoly.entity_id   2 
_pdbx_entity_nonpoly.name        water 
_pdbx_entity_nonpoly.comp_id     HOH 
# 
loop_
_entity_poly_seq.entity_id 
_entity_poly_seq.num 
_entity_poly_seq.mon_id 
_entity_poly_seq.hetero 
1 1  MSE n 
1 2  SER n 
1 3  SER n 
1 4  GLN n 
1 5  TYR n 
1 6  ILE n 
1 7  MSE n 
1 8  SER n 
1 9  THR n 
1 10 LYS n 
1 11 ASP n 
1 12 GLY n 
1 13 LYS n 
1 14 MSE n 
1 15 ILE n 
1 16 THR n 
1 17 SER n 
1 18 ASP n 
1 19 SER n 
1 20 LYS n 
1 21 PRO n 
1 22 LYS n 
1 23 LEU n 
1 24 ASP n 
1 25 LYS n 
1 26 THR n 
1 27 THR n 
1 28 GLY n 
1 29 MSE n 
1 30 TYR n 
1 31 LEU n 
1 32 TYR n 
1 33 TYR n 
1 34 ASP n 
1 35 GLU n 
1 36 ASP n 
1 37 GLY n 
1 38 ARG n 
1 39 GLU n 
1 40 VAL n 
1 41 MSE n 
1 42 ILE n 
1 43 LYS n 
1 44 GLN n 
1 45 GLU n 
1 46 ASP n 
1 47 VAL n 
1 48 THR n 
1 49 GLN n 
1 50 ILE n 
1 51 ILE n 
1 52 GLU n 
1 53 ARG n 
1 54 LEU n 
1 55 GLU n 
1 56 HIS n 
1 57 HIS n 
1 58 HIS n 
1 59 HIS n 
1 60 HIS n 
1 61 HIS n 
# 
_entity_src_gen.entity_id                          1 
_entity_src_gen.pdbx_src_id                        1 
_entity_src_gen.pdbx_alt_source_flag               sample 
_entity_src_gen.pdbx_seq_type                      ? 
_entity_src_gen.pdbx_beg_seq_num                   ? 
_entity_src_gen.pdbx_end_seq_num                   ? 
_entity_src_gen.gene_src_common_name               ? 
_entity_src_gen.gene_src_genus                     Shewanella 
_entity_src_gen.pdbx_gene_src_gene                 SO_0963 
_entity_src_gen.gene_src_species                   'Shewanella oneidensis' 
_entity_src_gen.gene_src_strain                    MR-1 
_entity_src_gen.gene_src_tissue                    ? 
_entity_src_gen.gene_src_tissue_fraction           ? 
_entity_src_gen.gene_src_details                   ? 
_entity_src_gen.pdbx_gene_src_fragment             ? 
_entity_src_gen.pdbx_gene_src_scientific_name      'Shewanella oneidensis' 
_entity_src_gen.pdbx_gene_src_ncbi_taxonomy_id     211586 
_entity_src_gen.pdbx_gene_src_variant              ? 
_entity_src_gen.pdbx_gene_src_cell_line            ? 
_entity_src_gen.pdbx_gene_src_atcc                 ? 
_entity_src_gen.pdbx_gene_src_organ                ? 
_entity_src_gen.pdbx_gene_src_organelle            ? 
_entity_src_gen.pdbx_gene_src_cell                 ? 
_entity_src_gen.pdbx_gene_src_cellular_location    ? 
_entity_src_gen.host_org_common_name               ? 
_entity_src_gen.pdbx_host_org_scientific_name      'Escherichia coli' 
_entity_src_gen.pdbx_host_org_ncbi_taxonomy_id     562 
_entity_src_gen.host_org_genus                     Escherichia 
_entity_src_gen.pdbx_host_org_gene                 ? 
_entity_src_gen.pdbx_host_org_organ                ? 
_entity_src_gen.host_org_species                   ? 
_entity_src_gen.pdbx_host_org_tissue               ? 
_entity_src_gen.pdbx_host_org_tissue_fraction      ? 
_entity_src_gen.pdbx_host_org_strain               ? 
_entity_src_gen.pdbx_host_org_variant              ? 
_entity_src_gen.pdbx_host_org_cell_line            ? 
_entity_src_gen.pdbx_host_org_atcc                 ? 
_entity_src_gen.pdbx_host_org_culture_collection   ? 
_entity_src_gen.pdbx_host_org_cell                 ? 
_entity_src_gen.pdbx_host_org_organelle            ? 
_entity_src_gen.pdbx_host_org_cellular_location    ? 
_entity_src_gen.pdbx_host_org_vector_type          ? 
_entity_src_gen.pdbx_host_org_vector               ? 
_entity_src_gen.host_org_details                   ? 
_entity_src_gen.expression_system_id               ? 
_entity_src_gen.plasmid_name                       ? 
_entity_src_gen.plasmid_details                    ? 
_entity_src_gen.pdbx_description                   ? 
# 
loop_
_chem_comp.id 
_chem_comp.type 
_chem_comp.mon_nstd_flag 
_chem_comp.name 
_chem_comp.pdbx_synonyms 
_chem_comp.formula 
_chem_comp.formula_weight 
ARG 'L-peptide linking' y ARGININE         ? 'C6 H15 N4 O2 1' 175.209 
ASP 'L-peptide linking' y 'ASPARTIC ACID'  ? 'C4 H7 N O4'     133.103 
GLN 'L-peptide linking' y GLUTAMINE        ? 'C5 H10 N2 O3'   146.144 
GLU 'L-peptide linking' y 'GLUTAMIC ACID'  ? 'C5 H9 N O4'     147.129 
GLY 'peptide linking'   y GLYCINE          ? 'C2 H5 N O2'     75.067  
HIS 'L-peptide linking' y HISTIDINE        ? 'C6 H10 N3 O2 1' 156.162 
HOH non-polymer         . WATER            ? 'H2 O'           18.015  
ILE 'L-peptide linking' y ISOLEUCINE       ? 'C6 H13 N O2'    131.173 
LEU 'L-peptide linking' y LEUCINE          ? 'C6 H13 N O2'    131.173 
LYS 'L-peptide linking' y LYSINE           ? 'C6 H15 N2 O2 1' 147.195 
MSE 'L-peptide linking' n SELENOMETHIONINE ? 'C5 H11 N O2 Se' 196.106 
PRO 'L-peptide linking' y PROLINE          ? 'C5 H9 N O2'     115.130 
SER 'L-peptide linking' y SERINE           ? 'C3 H7 N O3'     105.093 
THR 'L-peptide linking' y THREONINE        ? 'C4 H9 N O3'     119.119 
TYR 'L-peptide linking' y TYROSINE         ? 'C9 H11 N O3'    181.189 
VAL 'L-peptide linking' y VALINE           ? 'C5 H11 N O2'    117.146 
# 
loop_
_pdbx_poly_seq_scheme.asym_id 
_pdbx_poly_seq_scheme.entity_id 
_pdbx_poly_seq_scheme.seq_id 
_pdbx_poly_seq_scheme.mon_id 
_pdbx_poly_seq_scheme.ndb_seq_num 
_pdbx_poly_seq_scheme.pdb_seq_num 
_pdbx_poly_seq_scheme.auth_seq_num 
_pdbx_poly_seq_scheme.pdb_mon_id 
_pdbx_poly_seq_scheme.auth_mon_id 
_pdbx_poly_seq_scheme.pdb_strand_id 
_pdbx_poly_seq_scheme.pdb_ins_code 
_pdbx_poly_seq_scheme.hetero 
A 1 1  MSE 1  24 ?  ?   ?   A . n 
A 1 2  SER 2  25 25 SER SER A . n 
A 1 3  SER 3  26 26 SER SER A . n 
A 1 4  GLN 4  27 27 GLN GLN A . n 
A 1 5  TYR 5  28 28 TYR TYR A . n 
A 1 6  ILE 6  29 29 ILE ILE A . n 
A 1 7  MSE 7  30 30 MSE MSE A . n 
A 1 8  SER 8  31 31 SER SER A . n 
A 1 9  THR 9  32 32 THR THR A . n 
A 1 10 LYS 10 33 33 LYS LYS A . n 
A 1 11 ASP 11 34 34 ASP ASP A . n 
A 1 12 GLY 12 35 35 GLY GLY A . n 
A 1 13 LYS 13 36 36 LYS LYS A . n 
A 1 14 MSE 14 37 37 MSE MSE A . n 
A 1 15 ILE 15 38 38 ILE ILE A . n 
A 1 16 THR 16 39 39 THR THR A . n 
A 1 17 SER 17 40 40 SER SER A . n 
A 1 18 ASP 18 41 41 ASP ASP A . n 
A 1 19 SER 19 42 42 SER SER A . n 
A 1 20 LYS 20 43 43 LYS LYS A . n 
A 1 21 PRO 21 44 44 PRO PRO A . n 
A 1 22 LYS 22 45 45 LYS LYS A . n 
A 1 23 LEU 23 46 46 LEU LEU A . n 
A 1 24 ASP 24 47 47 ASP ASP A . n 
A 1 25 LYS 25 48 48 LYS LYS A . n 
A 1 26 THR 26 49 49 THR THR A . n 
A 1 27 THR 27 50 50 THR THR A . n 
A 1 28 GLY 28 51 51 GLY GLY A . n 
A 1 29 MSE 29 52 52 MSE MSE A . n 
A 1 30 TYR 30 53 53 TYR TYR A . n 
A 1 31 LEU 31 54 54 LEU LEU A . n 
A 1 32 TYR 32 55 55 TYR TYR A . n 
A 1 33 TYR 33 56 56 TYR TYR A . n 
A 1 34 ASP 34 57 57 ASP ASP A . n 
A 1 35 GLU 35 58 58 GLU GLU A . n 
A 1 36 ASP 36 59 59 ASP ASP A . n 
A 1 37 GLY 37 60 60 GLY GLY A . n 
A 1 38 ARG 38 61 61 ARG ARG A . n 
A 1 39 GLU 39 62 62 GLU GLU A . n 
A 1 40 VAL 40 63 63 VAL VAL A . n 
A 1 41 MSE 41 64 64 MSE MSE A . n 
A 1 42 ILE 42 65 65 ILE ILE A . n 
A 1 43 LYS 43 66 66 LYS LYS A . n 
A 1 44 GLN 44 67 67 GLN GLN A . n 
A 1 45 GLU 45 68 68 GLU GLU A . n 
A 1 46 ASP 46 69 69 ASP ASP A . n 
A 1 47 VAL 47 70 70 VAL VAL A . n 
A 1 48 THR 48 71 71 THR THR A . n 
A 1 49 GLN 49 72 72 GLN GLN A . n 
A 1 50 ILE 50 73 73 ILE ILE A . n 
A 1 51 ILE 51 74 74 ILE ILE A . n 
A 1 52 GLU 52 75 75 GLU GLU A . n 
A 1 53 ARG 53 76 76 ARG ARG A . n 
A 1 54 LEU 54 77 77 LEU LEU A . n 
A 1 55 GLU 55 78 78 GLU GLU A . n 
A 1 56 HIS 56 79 79 HIS HIS A . n 
A 1 57 HIS 57 80 80 HIS HIS A . n 
A 1 58 HIS 58 81 81 HIS HIS A . n 
A 1 59 HIS 59 82 ?  ?   ?   A . n 
A 1 60 HIS 60 83 ?  ?   ?   A . n 
A 1 61 HIS 61 84 ?  ?   ?   A . n 
B 1 1  MSE 1  24 ?  ?   ?   B . n 
B 1 2  SER 2  25 25 SER SER B . n 
B 1 3  SER 3  26 26 SER SER B . n 
B 1 4  GLN 4  27 27 GLN GLN B . n 
B 1 5  TYR 5  28 28 TYR TYR B . n 
B 1 6  ILE 6  29 29 ILE ILE B . n 
B 1 7  MSE 7  30 30 MSE MSE B . n 
B 1 8  SER 8  31 31 SER SER B . n 
B 1 9  THR 9  32 32 THR THR B . n 
B 1 10 LYS 10 33 33 LYS LYS B . n 
B 1 11 ASP 11 34 34 ASP ASP B . n 
B 1 12 GLY 12 35 35 GLY GLY B . n 
B 1 13 LYS 13 36 36 LYS LYS B . n 
B 1 14 MSE 14 37 37 MSE MSE B . n 
B 1 15 ILE 15 38 38 ILE ILE B . n 
B 1 16 THR 16 39 39 THR THR B . n 
B 1 17 SER 17 40 40 SER SER B . n 
B 1 18 ASP 18 41 41 ASP ASP B . n 
B 1 19 SER 19 42 42 SER SER B . n 
B 1 20 LYS 20 43 43 LYS LYS B . n 
B 1 21 PRO 21 44 44 PRO PRO B . n 
B 1 22 LYS 22 45 45 LYS LYS B . n 
B 1 23 LEU 23 46 46 LEU LEU B . n 
B 1 24 ASP 24 47 47 ASP ASP B . n 
B 1 25 LYS 25 48 48 LYS LYS B . n 
B 1 26 THR 26 49 49 THR THR B . n 
B 1 27 THR 27 50 50 THR THR B . n 
B 1 28 GLY 28 51 51 GLY GLY B . n 
B 1 29 MSE 29 52 52 MSE MSE B . n 
B 1 30 TYR 30 53 53 TYR TYR B . n 
B 1 31 LEU 31 54 54 LEU LEU B . n 
B 1 32 TYR 32 55 55 TYR TYR B . n 
B 1 33 TYR 33 56 56 TYR TYR B . n 
B 1 34 ASP 34 57 57 ASP ASP B . n 
B 1 35 GLU 35 58 58 GLU GLU B . n 
B 1 36 ASP 36 59 59 ASP ASP B . n 
B 1 37 GLY 37 60 60 GLY GLY B . n 
B 1 38 ARG 38 61 61 ARG ARG B . n 
B 1 39 GLU 39 62 62 GLU GLU B . n 
B 1 40 VAL 40 63 63 VAL VAL B . n 
B 1 41 MSE 41 64 64 MSE MSE B . n 
B 1 42 ILE 42 65 65 ILE ILE B . n 
B 1 43 LYS 43 66 66 LYS LYS B . n 
B 1 44 GLN 44 67 67 GLN GLN B . n 
B 1 45 GLU 45 68 68 GLU GLU B . n 
B 1 46 ASP 46 69 69 ASP ASP B . n 
B 1 47 VAL 47 70 70 VAL VAL B . n 
B 1 48 THR 48 71 71 THR THR B . n 
B 1 49 GLN 49 72 72 GLN GLN B . n 
B 1 50 ILE 50 73 73 ILE ILE B . n 
B 1 51 ILE 51 74 74 ILE ILE B . n 
B 1 52 GLU 52 75 75 GLU GLU B . n 
B 1 53 ARG 53 76 76 ARG ARG B . n 
B 1 54 LEU 54 77 77 LEU LEU B . n 
B 1 55 GLU 55 78 78 GLU GLU B . n 
B 1 56 HIS 56 79 79 HIS HIS B . n 
B 1 57 HIS 57 80 80 HIS HIS B . n 
B 1 58 HIS 58 81 ?  ?   ?   B . n 
B 1 59 HIS 59 82 ?  ?   ?   B . n 
B 1 60 HIS 60 83 ?  ?   ?   B . n 
B 1 61 HIS 61 84 ?  ?   ?   B . n 
# 
loop_
_pdbx_nonpoly_scheme.asym_id 
_pdbx_nonpoly_scheme.entity_id 
_pdbx_nonpoly_scheme.mon_id 
_pdbx_nonpoly_scheme.ndb_seq_num 
_pdbx_nonpoly_scheme.pdb_seq_num 
_pdbx_nonpoly_scheme.auth_seq_num 
_pdbx_nonpoly_scheme.pdb_mon_id 
_pdbx_nonpoly_scheme.auth_mon_id 
_pdbx_nonpoly_scheme.pdb_strand_id 
_pdbx_nonpoly_scheme.pdb_ins_code 
C 2 HOH 1  85  85  HOH HOH A . 
C 2 HOH 2  86  86  HOH HOH A . 
C 2 HOH 3  87  87  HOH HOH A . 
C 2 HOH 4  88  88  HOH HOH A . 
C 2 HOH 5  89  89  HOH HOH A . 
C 2 HOH 6  90  90  HOH HOH A . 
C 2 HOH 7  91  91  HOH HOH A . 
C 2 HOH 8  92  92  HOH HOH A . 
C 2 HOH 9  93  93  HOH HOH A . 
C 2 HOH 10 94  94  HOH HOH A . 
C 2 HOH 11 95  95  HOH HOH A . 
C 2 HOH 12 96  96  HOH HOH A . 
C 2 HOH 13 97  97  HOH HOH A . 
C 2 HOH 14 98  98  HOH HOH A . 
C 2 HOH 15 99  99  HOH HOH A . 
C 2 HOH 16 100 100 HOH HOH A . 
C 2 HOH 17 101 101 HOH HOH A . 
C 2 HOH 18 102 102 HOH HOH A . 
C 2 HOH 19 103 103 HOH HOH A . 
C 2 HOH 20 104 104 HOH HOH A . 
C 2 HOH 21 105 105 HOH HOH A . 
C 2 HOH 22 108 108 HOH HOH A . 
C 2 HOH 23 110 110 HOH HOH A . 
D 2 HOH 1  85  85  HOH HOH B . 
D 2 HOH 2  86  86  HOH HOH B . 
D 2 HOH 3  87  87  HOH HOH B . 
D 2 HOH 4  88  88  HOH HOH B . 
D 2 HOH 5  89  89  HOH HOH B . 
D 2 HOH 6  90  90  HOH HOH B . 
D 2 HOH 7  91  91  HOH HOH B . 
D 2 HOH 8  92  92  HOH HOH B . 
D 2 HOH 9  93  93  HOH HOH B . 
D 2 HOH 10 94  94  HOH HOH B . 
D 2 HOH 11 95  95  HOH HOH B . 
D 2 HOH 12 96  96  HOH HOH B . 
D 2 HOH 13 97  97  HOH HOH B . 
D 2 HOH 14 99  99  HOH HOH B . 
D 2 HOH 15 100 100 HOH HOH B . 
D 2 HOH 16 101 101 HOH HOH B . 
D 2 HOH 17 102 102 HOH HOH B . 
D 2 HOH 18 103 103 HOH HOH B . 
D 2 HOH 19 104 104 HOH HOH B . 
D 2 HOH 20 105 105 HOH HOH B . 
D 2 HOH 21 106 106 HOH HOH B . 
D 2 HOH 22 107 107 HOH HOH B . 
D 2 HOH 23 108 108 HOH HOH B . 
# 
loop_
_software.name 
_software.classification 
_software.version 
_software.citation_id 
_software.pdbx_ordinal 
CNS      refinement        1.2     ? 1 
ADSC     'data collection' Quantum ? 2 
HKL-2000 'data reduction'  .       ? 3 
HKL-2000 'data scaling'    .       ? 4 
SnB      phasing           .       ? 5 
# 
_cell.entry_id           2RB6 
_cell.length_a           49.880 
_cell.length_b           109.354 
_cell.length_c           27.070 
_cell.angle_alpha        90.00 
_cell.angle_beta         90.00 
_cell.angle_gamma        90.00 
_cell.Z_PDB              8 
_cell.pdbx_unique_axis   ? 
_cell.length_a_esd       ? 
_cell.length_b_esd       ? 
_cell.length_c_esd       ? 
_cell.angle_alpha_esd    ? 
_cell.angle_beta_esd     ? 
_cell.angle_gamma_esd    ? 
# 
_symmetry.entry_id                         2RB6 
_symmetry.space_group_name_H-M             'P 21 21 2' 
_symmetry.pdbx_full_space_group_name_H-M   ? 
_symmetry.cell_setting                     ? 
_symmetry.Int_Tables_number                18 
_symmetry.space_group_name_Hall            ? 
# 
_exptl.entry_id          2RB6 
_exptl.method            'X-RAY DIFFRACTION' 
_exptl.crystals_number   ? 
# 
_exptl_crystal.id                    1 
_exptl_crystal.density_meas          ? 
_exptl_crystal.density_Matthews      2.46 
_exptl_crystal.density_percent_sol   49.93 
_exptl_crystal.description           'The structure factor file contains Friedel pairs' 
_exptl_crystal.F_000                 ? 
_exptl_crystal.preparation           ? 
# 
_exptl_crystal_grow.crystal_id      1 
_exptl_crystal_grow.method          'MICROBATCH UNDER OIL' 
_exptl_crystal_grow.temp            293 
_exptl_crystal_grow.temp_details    ? 
_exptl_crystal_grow.pH              6.0 
_exptl_crystal_grow.pdbx_details    '0.1M NaNO3, 0.1M MES, 20% PEG 4000, pH 6.0, MICROBATCH UNDER OIL, temperature 293K' 
_exptl_crystal_grow.pdbx_pH_range   . 
# 
_diffrn.id                     1 
_diffrn.ambient_temp           100 
_diffrn.ambient_temp_details   ? 
_diffrn.crystal_id             1 
# 
_diffrn_detector.diffrn_id              1 
_diffrn_detector.detector               CCD 
_diffrn_detector.type                   'ADSC QUANTUM 210' 
_diffrn_detector.pdbx_collection_date   2007-09-07 
_diffrn_detector.details                ? 
# 
_diffrn_radiation.diffrn_id                        1 
_diffrn_radiation.wavelength_id                    1 
_diffrn_radiation.pdbx_monochromatic_or_laue_m_l   M 
_diffrn_radiation.monochromator                    ? 
_diffrn_radiation.pdbx_diffrn_protocol             'SINGLE WAVELENGTH' 
_diffrn_radiation.pdbx_scattering_type             x-ray 
# 
_diffrn_radiation_wavelength.id           1 
_diffrn_radiation_wavelength.wavelength   0.97900 
_diffrn_radiation_wavelength.wt           1.0 
# 
_diffrn_source.diffrn_id                   1 
_diffrn_source.source                      SYNCHROTRON 
_diffrn_source.type                        'NSLS BEAMLINE X4A' 
_diffrn_source.pdbx_synchrotron_site       NSLS 
_diffrn_source.pdbx_synchrotron_beamline   X4A 
_diffrn_source.pdbx_wavelength             ? 
_diffrn_source.pdbx_wavelength_list        0.97900 
# 
_reflns.entry_id                     2RB6 
_reflns.observed_criterion_sigma_I   -3.0 
_reflns.observed_criterion_sigma_F   ? 
_reflns.d_resolution_low             50.0 
_reflns.d_resolution_high            2.2 
_reflns.number_obs                   14617 
_reflns.number_all                   ? 
_reflns.percent_possible_obs         98.8 
_reflns.pdbx_Rmerge_I_obs            0.091 
_reflns.pdbx_Rsym_value              ? 
_reflns.pdbx_netI_over_sigmaI        19.7 
_reflns.B_iso_Wilson_estimate        48.6 
_reflns.pdbx_redundancy              50.5 
_reflns.R_free_details               ? 
_reflns.limit_h_max                  ? 
_reflns.limit_h_min                  ? 
_reflns.limit_k_max                  ? 
_reflns.limit_k_min                  ? 
_reflns.limit_l_max                  ? 
_reflns.limit_l_min                  ? 
_reflns.observed_criterion_F_max     ? 
_reflns.observed_criterion_F_min     ? 
_reflns.pdbx_chi_squared             ? 
_reflns.pdbx_scaling_rejects         ? 
_reflns.pdbx_ordinal                 1 
_reflns.pdbx_diffrn_id               1 
# 
_reflns_shell.d_res_high             2.20 
_reflns_shell.d_res_low              2.28 
_reflns_shell.percent_possible_all   99.3 
_reflns_shell.Rmerge_I_obs           0.562 
_reflns_shell.pdbx_Rsym_value        ? 
_reflns_shell.meanI_over_sigI_obs    5.3 
_reflns_shell.pdbx_redundancy        ? 
_reflns_shell.percent_possible_obs   ? 
_reflns_shell.number_unique_all      ? 
_reflns_shell.number_measured_all    ? 
_reflns_shell.number_measured_obs    ? 
_reflns_shell.number_unique_obs      ? 
_reflns_shell.pdbx_chi_squared       ? 
_reflns_shell.pdbx_ordinal           1 
_reflns_shell.pdbx_diffrn_id         1 
# 
_refine.entry_id                                 2RB6 
_refine.ls_number_reflns_obs                     9058 
_refine.ls_number_reflns_all                     ? 
_refine.pdbx_ls_sigma_I                          ? 
_refine.pdbx_ls_sigma_F                          1.0 
_refine.pdbx_data_cutoff_high_absF               129958.77 
_refine.pdbx_data_cutoff_low_absF                0.000000 
_refine.pdbx_data_cutoff_high_rms_absF           ? 
_refine.ls_d_res_low                             19.92 
_refine.ls_d_res_high                            2.50 
_refine.ls_percent_reflns_obs                    91.8 
_refine.ls_R_factor_obs                          0.241 
_refine.ls_R_factor_all                          ? 
_refine.ls_R_factor_R_work                       0.241 
_refine.ls_R_factor_R_free                       0.28 
_refine.ls_R_factor_R_free_error                 0.013 
_refine.ls_R_factor_R_free_error_details         ? 
_refine.ls_percent_reflns_R_free                 4.9 
_refine.ls_number_reflns_R_free                  443 
_refine.ls_number_parameters                     ? 
_refine.ls_number_restraints                     ? 
_refine.occupancy_min                            ? 
_refine.occupancy_max                            ? 
_refine.correlation_coeff_Fo_to_Fc               ? 
_refine.correlation_coeff_Fo_to_Fc_free          ? 
_refine.B_iso_mean                               41.9 
_refine.aniso_B[1][1]                            0.30 
_refine.aniso_B[2][2]                            -4.07 
_refine.aniso_B[3][3]                            3.77 
_refine.aniso_B[1][2]                            0.00 
_refine.aniso_B[1][3]                            0.00 
_refine.aniso_B[2][3]                            0.00 
_refine.solvent_model_details                    'FLAT MODEL' 
_refine.solvent_model_param_ksol                 0.3 
_refine.solvent_model_param_bsol                 43.8393 
_refine.pdbx_solvent_vdw_probe_radii             ? 
_refine.pdbx_solvent_ion_probe_radii             ? 
_refine.pdbx_solvent_shrinkage_radii             ? 
_refine.pdbx_ls_cross_valid_method               THROUGHOUT 
_refine.details                                  
'The Friedel pairs were used in phasing. Bulk solvent model was used in refinement' 
_refine.pdbx_starting_model                      ? 
_refine.pdbx_method_to_determine_struct          SAD 
_refine.pdbx_isotropic_thermal_model             RESTRAINED 
_refine.pdbx_stereochemistry_target_values       'Engh & Huber' 
_refine.pdbx_stereochem_target_val_spec_case     ? 
_refine.pdbx_R_Free_selection_details            RANDOM 
_refine.pdbx_overall_ESU_R                       ? 
_refine.pdbx_overall_ESU_R_Free                  ? 
_refine.overall_SU_ML                            ? 
_refine.overall_SU_B                             ? 
_refine.ls_redundancy_reflns_obs                 ? 
_refine.B_iso_min                                ? 
_refine.B_iso_max                                ? 
_refine.overall_SU_R_Cruickshank_DPI             ? 
_refine.overall_SU_R_free                        ? 
_refine.ls_wR_factor_R_free                      ? 
_refine.ls_wR_factor_R_work                      ? 
_refine.overall_FOM_free_R_set                   ? 
_refine.overall_FOM_work_R_set                   ? 
_refine.pdbx_refine_id                           'X-RAY DIFFRACTION' 
_refine.pdbx_diffrn_id                           1 
_refine.pdbx_TLS_residual_ADP_flag               ? 
_refine.pdbx_overall_phase_error                 ? 
_refine.pdbx_overall_SU_R_free_Cruickshank_DPI   ? 
_refine.pdbx_overall_SU_R_Blow_DPI               ? 
_refine.pdbx_overall_SU_R_free_Blow_DPI          ? 
# 
_refine_analyze.entry_id                        2RB6 
_refine_analyze.Luzzati_coordinate_error_obs    0.37 
_refine_analyze.Luzzati_sigma_a_obs             0.45 
_refine_analyze.Luzzati_d_res_low_obs           5.00 
_refine_analyze.Luzzati_coordinate_error_free   0.45 
_refine_analyze.Luzzati_sigma_a_free            0.53 
_refine_analyze.Luzzati_d_res_low_free          ? 
_refine_analyze.number_disordered_residues      ? 
_refine_analyze.occupancy_sum_hydrogen          ? 
_refine_analyze.occupancy_sum_non_hydrogen      ? 
_refine_analyze.pdbx_Luzzati_d_res_high_obs     ? 
_refine_analyze.pdbx_refine_id                  'X-RAY DIFFRACTION' 
# 
_refine_hist.pdbx_refine_id                   'X-RAY DIFFRACTION' 
_refine_hist.cycle_id                         LAST 
_refine_hist.pdbx_number_atoms_protein        926 
_refine_hist.pdbx_number_atoms_nucleic_acid   0 
_refine_hist.pdbx_number_atoms_ligand         0 
_refine_hist.number_atoms_solvent             46 
_refine_hist.number_atoms_total               972 
_refine_hist.d_res_high                       2.50 
_refine_hist.d_res_low                        19.92 
# 
loop_
_refine_ls_restr.type 
_refine_ls_restr.dev_ideal 
_refine_ls_restr.dev_ideal_target 
_refine_ls_restr.weight 
_refine_ls_restr.number 
_refine_ls_restr.pdbx_refine_id 
_refine_ls_restr.pdbx_restraint_function 
c_bond_d           0.006 ? ? ? 'X-RAY DIFFRACTION' ? 
c_angle_deg        1.2   ? ? ? 'X-RAY DIFFRACTION' ? 
c_dihedral_angle_d 25.7  ? ? ? 'X-RAY DIFFRACTION' ? 
c_improper_angle_d 0.58  ? ? ? 'X-RAY DIFFRACTION' ? 
# 
_refine_ls_shell.pdbx_total_number_of_bins_used   6 
_refine_ls_shell.d_res_high                       2.50 
_refine_ls_shell.d_res_low                        2.66 
_refine_ls_shell.number_reflns_R_work             1312 
_refine_ls_shell.R_factor_R_work                  0.37 
_refine_ls_shell.percent_reflns_obs               84.2 
_refine_ls_shell.R_factor_R_free                  0.457 
_refine_ls_shell.R_factor_R_free_error            0.060 
_refine_ls_shell.percent_reflns_R_free            4.2 
_refine_ls_shell.number_reflns_R_free             58 
_refine_ls_shell.number_reflns_all                ? 
_refine_ls_shell.R_factor_all                     ? 
_refine_ls_shell.number_reflns_obs                ? 
_refine_ls_shell.redundancy_reflns_obs            ? 
_refine_ls_shell.pdbx_refine_id                   'X-RAY DIFFRACTION' 
# 
loop_
_pdbx_xplor_file.serial_no 
_pdbx_xplor_file.param_file 
_pdbx_xplor_file.topol_file 
_pdbx_xplor_file.pdbx_refine_id 
1 protein_rep.param protein.top 'X-RAY DIFFRACTION' 
2 water.param       water.top   'X-RAY DIFFRACTION' 
# 
_struct.entry_id                  2RB6 
_struct.title                     'X-Ray structure of the protein Q8EI81. Northeast Structural Genomics Consortium target SoR78A' 
_struct.pdbx_model_details        ? 
_struct.pdbx_CASP_flag            ? 
_struct.pdbx_model_type_details   ? 
# 
_struct_keywords.entry_id        2RB6 
_struct_keywords.pdbx_keywords   'STRUCTURAL GENOMICS, UNKNOWN FUNCTION' 
_struct_keywords.text            
;NESG, Q8EI81_SHEON, Structural Genomics, PSI-2, Protein Structure Initiative, Northeast Structural Genomics Consortium, UNKNOWN FUNCTION
;
# 
loop_
_struct_asym.id 
_struct_asym.pdbx_blank_PDB_chainid_flag 
_struct_asym.pdbx_modified 
_struct_asym.entity_id 
_struct_asym.details 
A N N 1 ? 
B N N 1 ? 
C N N 2 ? 
D N N 2 ? 
# 
_struct_ref.id                         1 
_struct_ref.db_name                    UNP 
_struct_ref.db_code                    Q8EI81_SHEON 
_struct_ref.pdbx_db_accession          Q8EI81 
_struct_ref.entity_id                  1 
_struct_ref.pdbx_seq_one_letter_code   SSQYIMSTKDGKMITSDSKPKLDKTTGMYLYYDEDGREVMIKQEDVTQIIER 
_struct_ref.pdbx_align_begin           25 
_struct_ref.pdbx_db_isoform            ? 
# 
loop_
_struct_ref_seq.align_id 
_struct_ref_seq.ref_id 
_struct_ref_seq.pdbx_PDB_id_code 
_struct_ref_seq.pdbx_strand_id 
_struct_ref_seq.seq_align_beg 
_struct_ref_seq.pdbx_seq_align_beg_ins_code 
_struct_ref_seq.seq_align_end 
_struct_ref_seq.pdbx_seq_align_end_ins_code 
_struct_ref_seq.pdbx_db_accession 
_struct_ref_seq.db_align_beg 
_struct_ref_seq.pdbx_db_align_beg_ins_code 
_struct_ref_seq.db_align_end 
_struct_ref_seq.pdbx_db_align_end_ins_code 
_struct_ref_seq.pdbx_auth_seq_align_beg 
_struct_ref_seq.pdbx_auth_seq_align_end 
1 1 2RB6 A 2 ? 53 ? Q8EI81 25 ? 76 ? 25 76 
2 1 2RB6 B 2 ? 53 ? Q8EI81 25 ? 76 ? 25 76 
# 
loop_
_struct_ref_seq_dif.align_id 
_struct_ref_seq_dif.pdbx_pdb_id_code 
_struct_ref_seq_dif.mon_id 
_struct_ref_seq_dif.pdbx_pdb_strand_id 
_struct_ref_seq_dif.seq_num 
_struct_ref_seq_dif.pdbx_pdb_ins_code 
_struct_ref_seq_dif.pdbx_seq_db_name 
_struct_ref_seq_dif.pdbx_seq_db_accession_code 
_struct_ref_seq_dif.db_mon_id 
_struct_ref_seq_dif.pdbx_seq_db_seq_num 
_struct_ref_seq_dif.details 
_struct_ref_seq_dif.pdbx_auth_seq_num 
_struct_ref_seq_dif.pdbx_ordinal 
1 2RB6 MSE A 1  ? UNP Q8EI81 ? ? 'expression tag' 24 1  
1 2RB6 LEU A 54 ? UNP Q8EI81 ? ? 'expression tag' 77 2  
1 2RB6 GLU A 55 ? UNP Q8EI81 ? ? 'expression tag' 78 3  
1 2RB6 HIS A 56 ? UNP Q8EI81 ? ? 'expression tag' 79 4  
1 2RB6 HIS A 57 ? UNP Q8EI81 ? ? 'expression tag' 80 5  
1 2RB6 HIS A 58 ? UNP Q8EI81 ? ? 'expression tag' 81 6  
1 2RB6 HIS A 59 ? UNP Q8EI81 ? ? 'expression tag' 82 7  
1 2RB6 HIS A 60 ? UNP Q8EI81 ? ? 'expression tag' 83 8  
1 2RB6 HIS A 61 ? UNP Q8EI81 ? ? 'expression tag' 84 9  
2 2RB6 MSE B 1  ? UNP Q8EI81 ? ? 'expression tag' 24 10 
2 2RB6 LEU B 54 ? UNP Q8EI81 ? ? 'expression tag' 77 11 
2 2RB6 GLU B 55 ? UNP Q8EI81 ? ? 'expression tag' 78 12 
2 2RB6 HIS B 56 ? UNP Q8EI81 ? ? 'expression tag' 79 13 
2 2RB6 HIS B 57 ? UNP Q8EI81 ? ? 'expression tag' 80 14 
2 2RB6 HIS B 58 ? UNP Q8EI81 ? ? 'expression tag' 81 15 
2 2RB6 HIS B 59 ? UNP Q8EI81 ? ? 'expression tag' 82 16 
2 2RB6 HIS B 60 ? UNP Q8EI81 ? ? 'expression tag' 83 17 
2 2RB6 HIS B 61 ? UNP Q8EI81 ? ? 'expression tag' 84 18 
# 
loop_
_pdbx_struct_assembly.id 
_pdbx_struct_assembly.details 
_pdbx_struct_assembly.method_details 
_pdbx_struct_assembly.oligomeric_details 
_pdbx_struct_assembly.oligomeric_count 
1 author_defined_assembly   ?    monomeric 1 
2 author_defined_assembly   ?    monomeric 1 
3 software_defined_assembly PISA dimeric   2 
# 
_pdbx_struct_assembly_prop.biol_id   3 
_pdbx_struct_assembly_prop.type      'ABSA (A^2)' 
_pdbx_struct_assembly_prop.value     1120 
_pdbx_struct_assembly_prop.details   ? 
# 
loop_
_pdbx_struct_assembly_gen.assembly_id 
_pdbx_struct_assembly_gen.oper_expression 
_pdbx_struct_assembly_gen.asym_id_list 
1 1 A,C 
2 1 B,D 
3 1 A,C 
3 2 B,D 
# 
loop_
_pdbx_struct_oper_list.id 
_pdbx_struct_oper_list.type 
_pdbx_struct_oper_list.name 
_pdbx_struct_oper_list.symmetry_operation 
_pdbx_struct_oper_list.matrix[1][1] 
_pdbx_struct_oper_list.matrix[1][2] 
_pdbx_struct_oper_list.matrix[1][3] 
_pdbx_struct_oper_list.vector[1] 
_pdbx_struct_oper_list.matrix[2][1] 
_pdbx_struct_oper_list.matrix[2][2] 
_pdbx_struct_oper_list.matrix[2][3] 
_pdbx_struct_oper_list.vector[2] 
_pdbx_struct_oper_list.matrix[3][1] 
_pdbx_struct_oper_list.matrix[3][2] 
_pdbx_struct_oper_list.matrix[3][3] 
_pdbx_struct_oper_list.vector[3] 
1 'identity operation'         1_555 x,y,z   1.0000000000 0.0000000000 0.0000000000 0.0000000000  0.0000000000 1.0000000000 0.0000000000 0.0000000000  0.0000000000 0.0000000000 1.0000000000 0.0000000000   
2 'crystal symmetry operation' 1_554 x,y,z-1 1.0000000000 0.0000000000 0.0000000000 10.6502263816 0.0000000000 1.0000000000 0.0000000000 -7.4467353628 0.0000000000 0.0000000000 1.0000000000 -23.7466568269 
# 
_struct_biol.id   1 
# 
loop_
_struct_conn.id 
_struct_conn.conn_type_id 
_struct_conn.pdbx_leaving_atom_flag 
_struct_conn.pdbx_PDB_id 
_struct_conn.ptnr1_label_asym_id 
_struct_conn.ptnr1_label_comp_id 
_struct_conn.ptnr1_label_seq_id 
_struct_conn.ptnr1_label_atom_id 
_struct_conn.pdbx_ptnr1_label_alt_id 
_struct_conn.pdbx_ptnr1_PDB_ins_code 
_struct_conn.pdbx_ptnr1_standard_comp_id 
_struct_conn.ptnr1_symmetry 
_struct_conn.ptnr2_label_asym_id 
_struct_conn.ptnr2_label_comp_id 
_struct_conn.ptnr2_label_seq_id 
_struct_conn.ptnr2_label_atom_id 
_struct_conn.pdbx_ptnr2_label_alt_id 
_struct_conn.pdbx_ptnr2_PDB_ins_code 
_struct_conn.ptnr1_auth_asym_id 
_struct_conn.ptnr1_auth_comp_id 
_struct_conn.ptnr1_auth_seq_id 
_struct_conn.ptnr2_auth_asym_id 
_struct_conn.ptnr2_auth_comp_id 
_struct_conn.ptnr2_auth_seq_id 
_struct_conn.ptnr2_symmetry 
_struct_conn.pdbx_ptnr3_label_atom_id 
_struct_conn.pdbx_ptnr3_label_seq_id 
_struct_conn.pdbx_ptnr3_label_comp_id 
_struct_conn.pdbx_ptnr3_label_asym_id 
_struct_conn.pdbx_ptnr3_label_alt_id 
_struct_conn.pdbx_ptnr3_PDB_ins_code 
_struct_conn.details 
_struct_conn.pdbx_dist_value 
_struct_conn.pdbx_value_order 
_struct_conn.pdbx_role 
covale1  covale both ? A ILE 6  C ? ? ? 1_555 A MSE 7  N ? ? A ILE 29 A MSE 30 1_555 ? ? ? ? ? ? ? 1.330 ? ? 
covale2  covale both ? A MSE 7  C ? ? ? 1_555 A SER 8  N ? ? A MSE 30 A SER 31 1_555 ? ? ? ? ? ? ? 1.326 ? ? 
covale3  covale both ? A LYS 13 C ? ? ? 1_555 A MSE 14 N ? ? A LYS 36 A MSE 37 1_555 ? ? ? ? ? ? ? 1.328 ? ? 
covale4  covale both ? A MSE 14 C ? ? ? 1_555 A ILE 15 N ? ? A MSE 37 A ILE 38 1_555 ? ? ? ? ? ? ? 1.331 ? ? 
covale5  covale both ? A GLY 28 C ? ? ? 1_555 A MSE 29 N ? ? A GLY 51 A MSE 52 1_555 ? ? ? ? ? ? ? 1.332 ? ? 
covale6  covale both ? A MSE 29 C ? ? ? 1_555 A TYR 30 N ? ? A MSE 52 A TYR 53 1_555 ? ? ? ? ? ? ? 1.331 ? ? 
covale7  covale both ? A VAL 40 C ? ? ? 1_555 A MSE 41 N ? ? A VAL 63 A MSE 64 1_555 ? ? ? ? ? ? ? 1.325 ? ? 
covale8  covale both ? A MSE 41 C ? ? ? 1_555 A ILE 42 N ? ? A MSE 64 A ILE 65 1_555 ? ? ? ? ? ? ? 1.327 ? ? 
covale9  covale both ? B ILE 6  C ? ? ? 1_555 B MSE 7  N ? ? B ILE 29 B MSE 30 1_555 ? ? ? ? ? ? ? 1.329 ? ? 
covale10 covale both ? B MSE 7  C ? ? ? 1_555 B SER 8  N ? ? B MSE 30 B SER 31 1_555 ? ? ? ? ? ? ? 1.327 ? ? 
covale11 covale both ? B LYS 13 C ? ? ? 1_555 B MSE 14 N ? ? B LYS 36 B MSE 37 1_555 ? ? ? ? ? ? ? 1.328 ? ? 
covale12 covale both ? B MSE 14 C ? ? ? 1_555 B ILE 15 N ? ? B MSE 37 B ILE 38 1_555 ? ? ? ? ? ? ? 1.333 ? ? 
covale13 covale both ? B GLY 28 C ? ? ? 1_555 B MSE 29 N ? ? B GLY 51 B MSE 52 1_555 ? ? ? ? ? ? ? 1.327 ? ? 
covale14 covale both ? B MSE 29 C ? ? ? 1_555 B TYR 30 N ? ? B MSE 52 B TYR 53 1_555 ? ? ? ? ? ? ? 1.326 ? ? 
covale15 covale both ? B VAL 40 C ? ? ? 1_555 B MSE 41 N ? ? B VAL 63 B MSE 64 1_555 ? ? ? ? ? ? ? 1.327 ? ? 
covale16 covale both ? B MSE 41 C ? ? ? 1_555 B ILE 42 N ? ? B MSE 64 B ILE 65 1_555 ? ? ? ? ? ? ? 1.329 ? ? 
# 
_struct_conn_type.id          covale 
_struct_conn_type.criteria    ? 
_struct_conn_type.reference   ? 
# 
loop_
_pdbx_modification_feature.ordinal 
_pdbx_modification_feature.label_comp_id 
_pdbx_modification_feature.label_asym_id 
_pdbx_modification_feature.label_seq_id 
_pdbx_modification_feature.label_alt_id 
_pdbx_modification_feature.modified_residue_label_comp_id 
_pdbx_modification_feature.modified_residue_label_asym_id 
_pdbx_modification_feature.modified_residue_label_seq_id 
_pdbx_modification_feature.modified_residue_label_alt_id 
_pdbx_modification_feature.auth_comp_id 
_pdbx_modification_feature.auth_asym_id 
_pdbx_modification_feature.auth_seq_id 
_pdbx_modification_feature.PDB_ins_code 
_pdbx_modification_feature.symmetry 
_pdbx_modification_feature.modified_residue_auth_comp_id 
_pdbx_modification_feature.modified_residue_auth_asym_id 
_pdbx_modification_feature.modified_residue_auth_seq_id 
_pdbx_modification_feature.modified_residue_PDB_ins_code 
_pdbx_modification_feature.modified_residue_symmetry 
_pdbx_modification_feature.comp_id_linking_atom 
_pdbx_modification_feature.modified_residue_id_linking_atom 
_pdbx_modification_feature.modified_residue_id 
_pdbx_modification_feature.ref_pcm_id 
_pdbx_modification_feature.ref_comp_id 
_pdbx_modification_feature.type 
_pdbx_modification_feature.category 
1 MSE A 7  ? . . . . MSE A 30 ? 1_555 . . . . . . . MET 1 MSE Selenomethionine 'Named protein modification' 
2 MSE A 14 ? . . . . MSE A 37 ? 1_555 . . . . . . . MET 1 MSE Selenomethionine 'Named protein modification' 
3 MSE A 29 ? . . . . MSE A 52 ? 1_555 . . . . . . . MET 1 MSE Selenomethionine 'Named protein modification' 
4 MSE A 41 ? . . . . MSE A 64 ? 1_555 . . . . . . . MET 1 MSE Selenomethionine 'Named protein modification' 
5 MSE B 7  ? . . . . MSE B 30 ? 1_555 . . . . . . . MET 1 MSE Selenomethionine 'Named protein modification' 
6 MSE B 14 ? . . . . MSE B 37 ? 1_555 . . . . . . . MET 1 MSE Selenomethionine 'Named protein modification' 
7 MSE B 29 ? . . . . MSE B 52 ? 1_555 . . . . . . . MET 1 MSE Selenomethionine 'Named protein modification' 
8 MSE B 41 ? . . . . MSE B 64 ? 1_555 . . . . . . . MET 1 MSE Selenomethionine 'Named protein modification' 
# 
loop_
_struct_sheet.id 
_struct_sheet.type 
_struct_sheet.number_strands 
_struct_sheet.details 
A ? 6 ? 
B ? 3 ? 
C ? 3 ? 
# 
loop_
_struct_sheet_order.sheet_id 
_struct_sheet_order.range_id_1 
_struct_sheet_order.range_id_2 
_struct_sheet_order.offset 
_struct_sheet_order.sense 
A 1 2 ? anti-parallel 
A 2 3 ? anti-parallel 
A 3 4 ? anti-parallel 
A 4 5 ? anti-parallel 
A 5 6 ? anti-parallel 
B 1 2 ? anti-parallel 
B 2 3 ? anti-parallel 
C 1 2 ? anti-parallel 
C 2 3 ? anti-parallel 
# 
loop_
_struct_sheet_range.sheet_id 
_struct_sheet_range.id 
_struct_sheet_range.beg_label_comp_id 
_struct_sheet_range.beg_label_asym_id 
_struct_sheet_range.beg_label_seq_id 
_struct_sheet_range.pdbx_beg_PDB_ins_code 
_struct_sheet_range.end_label_comp_id 
_struct_sheet_range.end_label_asym_id 
_struct_sheet_range.end_label_seq_id 
_struct_sheet_range.pdbx_end_PDB_ins_code 
_struct_sheet_range.beg_auth_comp_id 
_struct_sheet_range.beg_auth_asym_id 
_struct_sheet_range.beg_auth_seq_id 
_struct_sheet_range.end_auth_comp_id 
_struct_sheet_range.end_auth_asym_id 
_struct_sheet_range.end_auth_seq_id 
A 1 MSE A 14 ? SER A 17 ? MSE A 37 SER A 40 
A 2 GLN A 4  ? THR A 9  ? GLN A 27 THR A 32 
A 3 VAL A 47 ? ARG A 53 ? VAL A 70 ARG A 76 
A 4 VAL B 47 ? ARG B 53 ? VAL B 70 ARG B 76 
A 5 GLN B 4  ? THR B 9  ? GLN B 27 THR B 32 
A 6 MSE B 14 ? SER B 17 ? MSE B 37 SER B 40 
B 1 LYS A 22 ? ASP A 24 ? LYS A 45 ASP A 47 
B 2 MSE A 29 ? TYR A 33 ? MSE A 52 TYR A 56 
B 3 GLU A 39 ? LYS A 43 ? GLU A 62 LYS A 66 
C 1 LYS B 22 ? ASP B 24 ? LYS B 45 ASP B 47 
C 2 MSE B 29 ? TYR B 33 ? MSE B 52 TYR B 56 
C 3 GLU B 39 ? LYS B 43 ? GLU B 62 LYS B 66 
# 
loop_
_pdbx_struct_sheet_hbond.sheet_id 
_pdbx_struct_sheet_hbond.range_id_1 
_pdbx_struct_sheet_hbond.range_id_2 
_pdbx_struct_sheet_hbond.range_1_label_atom_id 
_pdbx_struct_sheet_hbond.range_1_label_comp_id 
_pdbx_struct_sheet_hbond.range_1_label_asym_id 
_pdbx_struct_sheet_hbond.range_1_label_seq_id 
_pdbx_struct_sheet_hbond.range_1_PDB_ins_code 
_pdbx_struct_sheet_hbond.range_1_auth_atom_id 
_pdbx_struct_sheet_hbond.range_1_auth_comp_id 
_pdbx_struct_sheet_hbond.range_1_auth_asym_id 
_pdbx_struct_sheet_hbond.range_1_auth_seq_id 
_pdbx_struct_sheet_hbond.range_2_label_atom_id 
_pdbx_struct_sheet_hbond.range_2_label_comp_id 
_pdbx_struct_sheet_hbond.range_2_label_asym_id 
_pdbx_struct_sheet_hbond.range_2_label_seq_id 
_pdbx_struct_sheet_hbond.range_2_PDB_ins_code 
_pdbx_struct_sheet_hbond.range_2_auth_atom_id 
_pdbx_struct_sheet_hbond.range_2_auth_comp_id 
_pdbx_struct_sheet_hbond.range_2_auth_asym_id 
_pdbx_struct_sheet_hbond.range_2_auth_seq_id 
A 1 2 O ILE A 15 ? O ILE A 38 N MSE A 7  ? N MSE A 30 
A 2 3 N ILE A 6  ? N ILE A 29 O ILE A 51 ? O ILE A 74 
A 3 4 N GLU A 52 ? N GLU A 75 O ILE B 50 ? O ILE B 73 
A 4 5 O THR B 48 ? O THR B 71 N SER B 8  ? N SER B 31 
A 5 6 N MSE B 7  ? N MSE B 30 O ILE B 15 ? O ILE B 38 
B 1 2 N ASP A 24 ? N ASP A 47 O MSE A 29 ? O MSE A 52 
B 2 3 N TYR A 30 ? N TYR A 53 O ILE A 42 ? O ILE A 65 
C 1 2 N ASP B 24 ? N ASP B 47 O MSE B 29 ? O MSE B 52 
C 2 3 N TYR B 32 ? N TYR B 55 O VAL B 40 ? O VAL B 63 
# 
_pdbx_entry_details.entry_id                   2RB6 
_pdbx_entry_details.compound_details           ? 
_pdbx_entry_details.source_details             ? 
_pdbx_entry_details.nonpolymer_details         ? 
_pdbx_entry_details.sequence_details           ? 
_pdbx_entry_details.has_ligand_of_interest     ? 
_pdbx_entry_details.has_protein_modification   Y 
# 
loop_
_pdbx_validate_torsion.id 
_pdbx_validate_torsion.PDB_model_num 
_pdbx_validate_torsion.auth_comp_id 
_pdbx_validate_torsion.auth_asym_id 
_pdbx_validate_torsion.auth_seq_id 
_pdbx_validate_torsion.PDB_ins_code 
_pdbx_validate_torsion.label_alt_id 
_pdbx_validate_torsion.phi 
_pdbx_validate_torsion.psi 
1 1 HIS A 80 ? ? -95.90  36.67   
2 1 ASP B 34 ? ? -55.25  -7.32   
3 1 ASP B 57 ? ? -105.15 -148.13 
4 1 ASP B 59 ? ? -65.38  0.18    
5 1 HIS B 79 ? ? -116.81 -156.01 
# 
_pdbx_SG_project.id                    1 
_pdbx_SG_project.project_name          'PSI, Protein Structure Initiative' 
_pdbx_SG_project.full_name_of_center   'Northeast Structural Genomics Consortium' 
_pdbx_SG_project.initial_of_center     NESG 
# 
loop_
_pdbx_struct_mod_residue.id 
_pdbx_struct_mod_residue.label_asym_id 
_pdbx_struct_mod_residue.label_comp_id 
_pdbx_struct_mod_residue.label_seq_id 
_pdbx_struct_mod_residue.auth_asym_id 
_pdbx_struct_mod_residue.auth_comp_id 
_pdbx_struct_mod_residue.auth_seq_id 
_pdbx_struct_mod_residue.PDB_ins_code 
_pdbx_struct_mod_residue.parent_comp_id 
_pdbx_struct_mod_residue.details 
1 A MSE 7  A MSE 30 ? MET SELENOMETHIONINE 
2 A MSE 14 A MSE 37 ? MET SELENOMETHIONINE 
3 A MSE 29 A MSE 52 ? MET SELENOMETHIONINE 
4 A MSE 41 A MSE 64 ? MET SELENOMETHIONINE 
5 B MSE 7  B MSE 30 ? MET SELENOMETHIONINE 
6 B MSE 14 B MSE 37 ? MET SELENOMETHIONINE 
7 B MSE 29 B MSE 52 ? MET SELENOMETHIONINE 
8 B MSE 41 B MSE 64 ? MET SELENOMETHIONINE 
# 
loop_
_pdbx_unobs_or_zero_occ_residues.id 
_pdbx_unobs_or_zero_occ_residues.PDB_model_num 
_pdbx_unobs_or_zero_occ_residues.polymer_flag 
_pdbx_unobs_or_zero_occ_residues.occupancy_flag 
_pdbx_unobs_or_zero_occ_residues.auth_asym_id 
_pdbx_unobs_or_zero_occ_residues.auth_comp_id 
_pdbx_unobs_or_zero_occ_residues.auth_seq_id 
_pdbx_unobs_or_zero_occ_residues.PDB_ins_code 
_pdbx_unobs_or_zero_occ_residues.label_asym_id 
_pdbx_unobs_or_zero_occ_residues.label_comp_id 
_pdbx_unobs_or_zero_occ_residues.label_seq_id 
1 1 Y 1 A MSE 24 ? A MSE 1  
2 1 Y 1 A HIS 82 ? A HIS 59 
3 1 Y 1 A HIS 83 ? A HIS 60 
4 1 Y 1 A HIS 84 ? A HIS 61 
5 1 Y 1 B MSE 24 ? B MSE 1  
6 1 Y 1 B HIS 81 ? B HIS 58 
7 1 Y 1 B HIS 82 ? B HIS 59 
8 1 Y 1 B HIS 83 ? B HIS 60 
9 1 Y 1 B HIS 84 ? B HIS 61 
# 
loop_
_chem_comp_atom.comp_id 
_chem_comp_atom.atom_id 
_chem_comp_atom.type_symbol 
_chem_comp_atom.pdbx_aromatic_flag 
_chem_comp_atom.pdbx_stereo_config 
_chem_comp_atom.pdbx_ordinal 
ARG N    N  N N 1   
ARG CA   C  N S 2   
ARG C    C  N N 3   
ARG O    O  N N 4   
ARG CB   C  N N 5   
ARG CG   C  N N 6   
ARG CD   C  N N 7   
ARG NE   N  N N 8   
ARG CZ   C  N N 9   
ARG NH1  N  N N 10  
ARG NH2  N  N N 11  
ARG OXT  O  N N 12  
ARG H    H  N N 13  
ARG H2   H  N N 14  
ARG HA   H  N N 15  
ARG HB2  H  N N 16  
ARG HB3  H  N N 17  
ARG HG2  H  N N 18  
ARG HG3  H  N N 19  
ARG HD2  H  N N 20  
ARG HD3  H  N N 21  
ARG HE   H  N N 22  
ARG HH11 H  N N 23  
ARG HH12 H  N N 24  
ARG HH21 H  N N 25  
ARG HH22 H  N N 26  
ARG HXT  H  N N 27  
ASP N    N  N N 28  
ASP CA   C  N S 29  
ASP C    C  N N 30  
ASP O    O  N N 31  
ASP CB   C  N N 32  
ASP CG   C  N N 33  
ASP OD1  O  N N 34  
ASP OD2  O  N N 35  
ASP OXT  O  N N 36  
ASP H    H  N N 37  
ASP H2   H  N N 38  
ASP HA   H  N N 39  
ASP HB2  H  N N 40  
ASP HB3  H  N N 41  
ASP HD2  H  N N 42  
ASP HXT  H  N N 43  
GLN N    N  N N 44  
GLN CA   C  N S 45  
GLN C    C  N N 46  
GLN O    O  N N 47  
GLN CB   C  N N 48  
GLN CG   C  N N 49  
GLN CD   C  N N 50  
GLN OE1  O  N N 51  
GLN NE2  N  N N 52  
GLN OXT  O  N N 53  
GLN H    H  N N 54  
GLN H2   H  N N 55  
GLN HA   H  N N 56  
GLN HB2  H  N N 57  
GLN HB3  H  N N 58  
GLN HG2  H  N N 59  
GLN HG3  H  N N 60  
GLN HE21 H  N N 61  
GLN HE22 H  N N 62  
GLN HXT  H  N N 63  
GLU N    N  N N 64  
GLU CA   C  N S 65  
GLU C    C  N N 66  
GLU O    O  N N 67  
GLU CB   C  N N 68  
GLU CG   C  N N 69  
GLU CD   C  N N 70  
GLU OE1  O  N N 71  
GLU OE2  O  N N 72  
GLU OXT  O  N N 73  
GLU H    H  N N 74  
GLU H2   H  N N 75  
GLU HA   H  N N 76  
GLU HB2  H  N N 77  
GLU HB3  H  N N 78  
GLU HG2  H  N N 79  
GLU HG3  H  N N 80  
GLU HE2  H  N N 81  
GLU HXT  H  N N 82  
GLY N    N  N N 83  
GLY CA   C  N N 84  
GLY C    C  N N 85  
GLY O    O  N N 86  
GLY OXT  O  N N 87  
GLY H    H  N N 88  
GLY H2   H  N N 89  
GLY HA2  H  N N 90  
GLY HA3  H  N N 91  
GLY HXT  H  N N 92  
HIS N    N  N N 93  
HIS CA   C  N S 94  
HIS C    C  N N 95  
HIS O    O  N N 96  
HIS CB   C  N N 97  
HIS CG   C  Y N 98  
HIS ND1  N  Y N 99  
HIS CD2  C  Y N 100 
HIS CE1  C  Y N 101 
HIS NE2  N  Y N 102 
HIS OXT  O  N N 103 
HIS H    H  N N 104 
HIS H2   H  N N 105 
HIS HA   H  N N 106 
HIS HB2  H  N N 107 
HIS HB3  H  N N 108 
HIS HD1  H  N N 109 
HIS HD2  H  N N 110 
HIS HE1  H  N N 111 
HIS HE2  H  N N 112 
HIS HXT  H  N N 113 
HOH O    O  N N 114 
HOH H1   H  N N 115 
HOH H2   H  N N 116 
ILE N    N  N N 117 
ILE CA   C  N S 118 
ILE C    C  N N 119 
ILE O    O  N N 120 
ILE CB   C  N S 121 
ILE CG1  C  N N 122 
ILE CG2  C  N N 123 
ILE CD1  C  N N 124 
ILE OXT  O  N N 125 
ILE H    H  N N 126 
ILE H2   H  N N 127 
ILE HA   H  N N 128 
ILE HB   H  N N 129 
ILE HG12 H  N N 130 
ILE HG13 H  N N 131 
ILE HG21 H  N N 132 
ILE HG22 H  N N 133 
ILE HG23 H  N N 134 
ILE HD11 H  N N 135 
ILE HD12 H  N N 136 
ILE HD13 H  N N 137 
ILE HXT  H  N N 138 
LEU N    N  N N 139 
LEU CA   C  N S 140 
LEU C    C  N N 141 
LEU O    O  N N 142 
LEU CB   C  N N 143 
LEU CG   C  N N 144 
LEU CD1  C  N N 145 
LEU CD2  C  N N 146 
LEU OXT  O  N N 147 
LEU H    H  N N 148 
LEU H2   H  N N 149 
LEU HA   H  N N 150 
LEU HB2  H  N N 151 
LEU HB3  H  N N 152 
LEU HG   H  N N 153 
LEU HD11 H  N N 154 
LEU HD12 H  N N 155 
LEU HD13 H  N N 156 
LEU HD21 H  N N 157 
LEU HD22 H  N N 158 
LEU HD23 H  N N 159 
LEU HXT  H  N N 160 
LYS N    N  N N 161 
LYS CA   C  N S 162 
LYS C    C  N N 163 
LYS O    O  N N 164 
LYS CB   C  N N 165 
LYS CG   C  N N 166 
LYS CD   C  N N 167 
LYS CE   C  N N 168 
LYS NZ   N  N N 169 
LYS OXT  O  N N 170 
LYS H    H  N N 171 
LYS H2   H  N N 172 
LYS HA   H  N N 173 
LYS HB2  H  N N 174 
LYS HB3  H  N N 175 
LYS HG2  H  N N 176 
LYS HG3  H  N N 177 
LYS HD2  H  N N 178 
LYS HD3  H  N N 179 
LYS HE2  H  N N 180 
LYS HE3  H  N N 181 
LYS HZ1  H  N N 182 
LYS HZ2  H  N N 183 
LYS HZ3  H  N N 184 
LYS HXT  H  N N 185 
MSE N    N  N N 186 
MSE CA   C  N S 187 
MSE C    C  N N 188 
MSE O    O  N N 189 
MSE OXT  O  N N 190 
MSE CB   C  N N 191 
MSE CG   C  N N 192 
MSE SE   SE N N 193 
MSE CE   C  N N 194 
MSE H    H  N N 195 
MSE H2   H  N N 196 
MSE HA   H  N N 197 
MSE HXT  H  N N 198 
MSE HB2  H  N N 199 
MSE HB3  H  N N 200 
MSE HG2  H  N N 201 
MSE HG3  H  N N 202 
MSE HE1  H  N N 203 
MSE HE2  H  N N 204 
MSE HE3  H  N N 205 
PRO N    N  N N 206 
PRO CA   C  N S 207 
PRO C    C  N N 208 
PRO O    O  N N 209 
PRO CB   C  N N 210 
PRO CG   C  N N 211 
PRO CD   C  N N 212 
PRO OXT  O  N N 213 
PRO H    H  N N 214 
PRO HA   H  N N 215 
PRO HB2  H  N N 216 
PRO HB3  H  N N 217 
PRO HG2  H  N N 218 
PRO HG3  H  N N 219 
PRO HD2  H  N N 220 
PRO HD3  H  N N 221 
PRO HXT  H  N N 222 
SER N    N  N N 223 
SER CA   C  N S 224 
SER C    C  N N 225 
SER O    O  N N 226 
SER CB   C  N N 227 
SER OG   O  N N 228 
SER OXT  O  N N 229 
SER H    H  N N 230 
SER H2   H  N N 231 
SER HA   H  N N 232 
SER HB2  H  N N 233 
SER HB3  H  N N 234 
SER HG   H  N N 235 
SER HXT  H  N N 236 
THR N    N  N N 237 
THR CA   C  N S 238 
THR C    C  N N 239 
THR O    O  N N 240 
THR CB   C  N R 241 
THR OG1  O  N N 242 
THR CG2  C  N N 243 
THR OXT  O  N N 244 
THR H    H  N N 245 
THR H2   H  N N 246 
THR HA   H  N N 247 
THR HB   H  N N 248 
THR HG1  H  N N 249 
THR HG21 H  N N 250 
THR HG22 H  N N 251 
THR HG23 H  N N 252 
THR HXT  H  N N 253 
TYR N    N  N N 254 
TYR CA   C  N S 255 
TYR C    C  N N 256 
TYR O    O  N N 257 
TYR CB   C  N N 258 
TYR CG   C  Y N 259 
TYR CD1  C  Y N 260 
TYR CD2  C  Y N 261 
TYR CE1  C  Y N 262 
TYR CE2  C  Y N 263 
TYR CZ   C  Y N 264 
TYR OH   O  N N 265 
TYR OXT  O  N N 266 
TYR H    H  N N 267 
TYR H2   H  N N 268 
TYR HA   H  N N 269 
TYR HB2  H  N N 270 
TYR HB3  H  N N 271 
TYR HD1  H  N N 272 
TYR HD2  H  N N 273 
TYR HE1  H  N N 274 
TYR HE2  H  N N 275 
TYR HH   H  N N 276 
TYR HXT  H  N N 277 
VAL N    N  N N 278 
VAL CA   C  N S 279 
VAL C    C  N N 280 
VAL O    O  N N 281 
VAL CB   C  N N 282 
VAL CG1  C  N N 283 
VAL CG2  C  N N 284 
VAL OXT  O  N N 285 
VAL H    H  N N 286 
VAL H2   H  N N 287 
VAL HA   H  N N 288 
VAL HB   H  N N 289 
VAL HG11 H  N N 290 
VAL HG12 H  N N 291 
VAL HG13 H  N N 292 
VAL HG21 H  N N 293 
VAL HG22 H  N N 294 
VAL HG23 H  N N 295 
VAL HXT  H  N N 296 
# 
loop_
_chem_comp_bond.comp_id 
_chem_comp_bond.atom_id_1 
_chem_comp_bond.atom_id_2 
_chem_comp_bond.value_order 
_chem_comp_bond.pdbx_aromatic_flag 
_chem_comp_bond.pdbx_stereo_config 
_chem_comp_bond.pdbx_ordinal 
ARG N   CA   sing N N 1   
ARG N   H    sing N N 2   
ARG N   H2   sing N N 3   
ARG CA  C    sing N N 4   
ARG CA  CB   sing N N 5   
ARG CA  HA   sing N N 6   
ARG C   O    doub N N 7   
ARG C   OXT  sing N N 8   
ARG CB  CG   sing N N 9   
ARG CB  HB2  sing N N 10  
ARG CB  HB3  sing N N 11  
ARG CG  CD   sing N N 12  
ARG CG  HG2  sing N N 13  
ARG CG  HG3  sing N N 14  
ARG CD  NE   sing N N 15  
ARG CD  HD2  sing N N 16  
ARG CD  HD3  sing N N 17  
ARG NE  CZ   sing N N 18  
ARG NE  HE   sing N N 19  
ARG CZ  NH1  sing N N 20  
ARG CZ  NH2  doub N N 21  
ARG NH1 HH11 sing N N 22  
ARG NH1 HH12 sing N N 23  
ARG NH2 HH21 sing N N 24  
ARG NH2 HH22 sing N N 25  
ARG OXT HXT  sing N N 26  
ASP N   CA   sing N N 27  
ASP N   H    sing N N 28  
ASP N   H2   sing N N 29  
ASP CA  C    sing N N 30  
ASP CA  CB   sing N N 31  
ASP CA  HA   sing N N 32  
ASP C   O    doub N N 33  
ASP C   OXT  sing N N 34  
ASP CB  CG   sing N N 35  
ASP CB  HB2  sing N N 36  
ASP CB  HB3  sing N N 37  
ASP CG  OD1  doub N N 38  
ASP CG  OD2  sing N N 39  
ASP OD2 HD2  sing N N 40  
ASP OXT HXT  sing N N 41  
GLN N   CA   sing N N 42  
GLN N   H    sing N N 43  
GLN N   H2   sing N N 44  
GLN CA  C    sing N N 45  
GLN CA  CB   sing N N 46  
GLN CA  HA   sing N N 47  
GLN C   O    doub N N 48  
GLN C   OXT  sing N N 49  
GLN CB  CG   sing N N 50  
GLN CB  HB2  sing N N 51  
GLN CB  HB3  sing N N 52  
GLN CG  CD   sing N N 53  
GLN CG  HG2  sing N N 54  
GLN CG  HG3  sing N N 55  
GLN CD  OE1  doub N N 56  
GLN CD  NE2  sing N N 57  
GLN NE2 HE21 sing N N 58  
GLN NE2 HE22 sing N N 59  
GLN OXT HXT  sing N N 60  
GLU N   CA   sing N N 61  
GLU N   H    sing N N 62  
GLU N   H2   sing N N 63  
GLU CA  C    sing N N 64  
GLU CA  CB   sing N N 65  
GLU CA  HA   sing N N 66  
GLU C   O    doub N N 67  
GLU C   OXT  sing N N 68  
GLU CB  CG   sing N N 69  
GLU CB  HB2  sing N N 70  
GLU CB  HB3  sing N N 71  
GLU CG  CD   sing N N 72  
GLU CG  HG2  sing N N 73  
GLU CG  HG3  sing N N 74  
GLU CD  OE1  doub N N 75  
GLU CD  OE2  sing N N 76  
GLU OE2 HE2  sing N N 77  
GLU OXT HXT  sing N N 78  
GLY N   CA   sing N N 79  
GLY N   H    sing N N 80  
GLY N   H2   sing N N 81  
GLY CA  C    sing N N 82  
GLY CA  HA2  sing N N 83  
GLY CA  HA3  sing N N 84  
GLY C   O    doub N N 85  
GLY C   OXT  sing N N 86  
GLY OXT HXT  sing N N 87  
HIS N   CA   sing N N 88  
HIS N   H    sing N N 89  
HIS N   H2   sing N N 90  
HIS CA  C    sing N N 91  
HIS CA  CB   sing N N 92  
HIS CA  HA   sing N N 93  
HIS C   O    doub N N 94  
HIS C   OXT  sing N N 95  
HIS CB  CG   sing N N 96  
HIS CB  HB2  sing N N 97  
HIS CB  HB3  sing N N 98  
HIS CG  ND1  sing Y N 99  
HIS CG  CD2  doub Y N 100 
HIS ND1 CE1  doub Y N 101 
HIS ND1 HD1  sing N N 102 
HIS CD2 NE2  sing Y N 103 
HIS CD2 HD2  sing N N 104 
HIS CE1 NE2  sing Y N 105 
HIS CE1 HE1  sing N N 106 
HIS NE2 HE2  sing N N 107 
HIS OXT HXT  sing N N 108 
HOH O   H1   sing N N 109 
HOH O   H2   sing N N 110 
ILE N   CA   sing N N 111 
ILE N   H    sing N N 112 
ILE N   H2   sing N N 113 
ILE CA  C    sing N N 114 
ILE CA  CB   sing N N 115 
ILE CA  HA   sing N N 116 
ILE C   O    doub N N 117 
ILE C   OXT  sing N N 118 
ILE CB  CG1  sing N N 119 
ILE CB  CG2  sing N N 120 
ILE CB  HB   sing N N 121 
ILE CG1 CD1  sing N N 122 
ILE CG1 HG12 sing N N 123 
ILE CG1 HG13 sing N N 124 
ILE CG2 HG21 sing N N 125 
ILE CG2 HG22 sing N N 126 
ILE CG2 HG23 sing N N 127 
ILE CD1 HD11 sing N N 128 
ILE CD1 HD12 sing N N 129 
ILE CD1 HD13 sing N N 130 
ILE OXT HXT  sing N N 131 
LEU N   CA   sing N N 132 
LEU N   H    sing N N 133 
LEU N   H2   sing N N 134 
LEU CA  C    sing N N 135 
LEU CA  CB   sing N N 136 
LEU CA  HA   sing N N 137 
LEU C   O    doub N N 138 
LEU C   OXT  sing N N 139 
LEU CB  CG   sing N N 140 
LEU CB  HB2  sing N N 141 
LEU CB  HB3  sing N N 142 
LEU CG  CD1  sing N N 143 
LEU CG  CD2  sing N N 144 
LEU CG  HG   sing N N 145 
LEU CD1 HD11 sing N N 146 
LEU CD1 HD12 sing N N 147 
LEU CD1 HD13 sing N N 148 
LEU CD2 HD21 sing N N 149 
LEU CD2 HD22 sing N N 150 
LEU CD2 HD23 sing N N 151 
LEU OXT HXT  sing N N 152 
LYS N   CA   sing N N 153 
LYS N   H    sing N N 154 
LYS N   H2   sing N N 155 
LYS CA  C    sing N N 156 
LYS CA  CB   sing N N 157 
LYS CA  HA   sing N N 158 
LYS C   O    doub N N 159 
LYS C   OXT  sing N N 160 
LYS CB  CG   sing N N 161 
LYS CB  HB2  sing N N 162 
LYS CB  HB3  sing N N 163 
LYS CG  CD   sing N N 164 
LYS CG  HG2  sing N N 165 
LYS CG  HG3  sing N N 166 
LYS CD  CE   sing N N 167 
LYS CD  HD2  sing N N 168 
LYS CD  HD3  sing N N 169 
LYS CE  NZ   sing N N 170 
LYS CE  HE2  sing N N 171 
LYS CE  HE3  sing N N 172 
LYS NZ  HZ1  sing N N 173 
LYS NZ  HZ2  sing N N 174 
LYS NZ  HZ3  sing N N 175 
LYS OXT HXT  sing N N 176 
MSE N   CA   sing N N 177 
MSE N   H    sing N N 178 
MSE N   H2   sing N N 179 
MSE CA  C    sing N N 180 
MSE CA  CB   sing N N 181 
MSE CA  HA   sing N N 182 
MSE C   O    doub N N 183 
MSE C   OXT  sing N N 184 
MSE OXT HXT  sing N N 185 
MSE CB  CG   sing N N 186 
MSE CB  HB2  sing N N 187 
MSE CB  HB3  sing N N 188 
MSE CG  SE   sing N N 189 
MSE CG  HG2  sing N N 190 
MSE CG  HG3  sing N N 191 
MSE SE  CE   sing N N 192 
MSE CE  HE1  sing N N 193 
MSE CE  HE2  sing N N 194 
MSE CE  HE3  sing N N 195 
PRO N   CA   sing N N 196 
PRO N   CD   sing N N 197 
PRO N   H    sing N N 198 
PRO CA  C    sing N N 199 
PRO CA  CB   sing N N 200 
PRO CA  HA   sing N N 201 
PRO C   O    doub N N 202 
PRO C   OXT  sing N N 203 
PRO CB  CG   sing N N 204 
PRO CB  HB2  sing N N 205 
PRO CB  HB3  sing N N 206 
PRO CG  CD   sing N N 207 
PRO CG  HG2  sing N N 208 
PRO CG  HG3  sing N N 209 
PRO CD  HD2  sing N N 210 
PRO CD  HD3  sing N N 211 
PRO OXT HXT  sing N N 212 
SER N   CA   sing N N 213 
SER N   H    sing N N 214 
SER N   H2   sing N N 215 
SER CA  C    sing N N 216 
SER CA  CB   sing N N 217 
SER CA  HA   sing N N 218 
SER C   O    doub N N 219 
SER C   OXT  sing N N 220 
SER CB  OG   sing N N 221 
SER CB  HB2  sing N N 222 
SER CB  HB3  sing N N 223 
SER OG  HG   sing N N 224 
SER OXT HXT  sing N N 225 
THR N   CA   sing N N 226 
THR N   H    sing N N 227 
THR N   H2   sing N N 228 
THR CA  C    sing N N 229 
THR CA  CB   sing N N 230 
THR CA  HA   sing N N 231 
THR C   O    doub N N 232 
THR C   OXT  sing N N 233 
THR CB  OG1  sing N N 234 
THR CB  CG2  sing N N 235 
THR CB  HB   sing N N 236 
THR OG1 HG1  sing N N 237 
THR CG2 HG21 sing N N 238 
THR CG2 HG22 sing N N 239 
THR CG2 HG23 sing N N 240 
THR OXT HXT  sing N N 241 
TYR N   CA   sing N N 242 
TYR N   H    sing N N 243 
TYR N   H2   sing N N 244 
TYR CA  C    sing N N 245 
TYR CA  CB   sing N N 246 
TYR CA  HA   sing N N 247 
TYR C   O    doub N N 248 
TYR C   OXT  sing N N 249 
TYR CB  CG   sing N N 250 
TYR CB  HB2  sing N N 251 
TYR CB  HB3  sing N N 252 
TYR CG  CD1  doub Y N 253 
TYR CG  CD2  sing Y N 254 
TYR CD1 CE1  sing Y N 255 
TYR CD1 HD1  sing N N 256 
TYR CD2 CE2  doub Y N 257 
TYR CD2 HD2  sing N N 258 
TYR CE1 CZ   doub Y N 259 
TYR CE1 HE1  sing N N 260 
TYR CE2 CZ   sing Y N 261 
TYR CE2 HE2  sing N N 262 
TYR CZ  OH   sing N N 263 
TYR OH  HH   sing N N 264 
TYR OXT HXT  sing N N 265 
VAL N   CA   sing N N 266 
VAL N   H    sing N N 267 
VAL N   H2   sing N N 268 
VAL CA  C    sing N N 269 
VAL CA  CB   sing N N 270 
VAL CA  HA   sing N N 271 
VAL C   O    doub N N 272 
VAL C   OXT  sing N N 273 
VAL CB  CG1  sing N N 274 
VAL CB  CG2  sing N N 275 
VAL CB  HB   sing N N 276 
VAL CG1 HG11 sing N N 277 
VAL CG1 HG12 sing N N 278 
VAL CG1 HG13 sing N N 279 
VAL CG2 HG21 sing N N 280 
VAL CG2 HG22 sing N N 281 
VAL CG2 HG23 sing N N 282 
VAL OXT HXT  sing N N 283 
# 
_atom_sites.entry_id                    2RB6 
_atom_sites.fract_transf_matrix[1][1]   -0.01659988 
_atom_sites.fract_transf_matrix[1][2]   -0.01043862 
_atom_sites.fract_transf_matrix[1][3]   -0.00417149 
_atom_sites.fract_transf_matrix[2][1]   0.00365360 
_atom_sites.fract_transf_matrix[2][2]   -0.00739115 
_atom_sites.fract_transf_matrix[2][3]   0.00395641 
_atom_sites.fract_transf_matrix[3][1]   -0.01453380 
_atom_sites.fract_transf_matrix[3][2]   0.01016217 
_atom_sites.fract_transf_matrix[3][3]   0.03240581 
_atom_sites.fract_transf_vector[1]      0.853920 
_atom_sites.fract_transf_vector[2]      0.329394 
_atom_sites.fract_transf_vector[3]      0.587654 
# 
loop_
_atom_type.symbol 
C  
N  
O  
SE 
# 
loop_
_atom_site.group_PDB 
_atom_site.id 
_atom_site.type_symbol 
_atom_site.label_atom_id 
_atom_site.label_alt_id 
_atom_site.label_comp_id 
_atom_site.label_asym_id 
_atom_site.label_entity_id 
_atom_site.label_seq_id 
_atom_site.pdbx_PDB_ins_code 
_atom_site.Cartn_x 
_atom_site.Cartn_y 
_atom_site.Cartn_z 
_atom_site.occupancy 
_atom_site.B_iso_or_equiv 
_atom_site.pdbx_formal_charge 
_atom_site.auth_seq_id 
_atom_site.auth_comp_id 
_atom_site.auth_asym_id 
_atom_site.auth_atom_id 
_atom_site.pdbx_PDB_model_num 
ATOM   1   N  N   . SER A 1 2  ? 11.573  -6.133  -1.624  1.00 40.22 ? 25  SER A N   1 
ATOM   2   C  CA  . SER A 1 2  ? 10.951  -7.321  -2.285  1.00 42.03 ? 25  SER A CA  1 
ATOM   3   C  C   . SER A 1 2  ? 9.549   -7.027  -2.819  1.00 40.47 ? 25  SER A C   1 
ATOM   4   O  O   . SER A 1 2  ? 9.233   -7.375  -3.957  1.00 41.86 ? 25  SER A O   1 
ATOM   5   C  CB  . SER A 1 2  ? 10.876  -8.499  -1.307  1.00 45.30 ? 25  SER A CB  1 
ATOM   6   O  OG  . SER A 1 2  ? 12.160  -8.818  -0.781  1.00 50.70 ? 25  SER A OG  1 
ATOM   7   N  N   . SER A 1 3  ? 8.704   -6.399  -2.003  1.00 37.49 ? 26  SER A N   1 
ATOM   8   C  CA  . SER A 1 3  ? 7.347   -6.077  -2.440  1.00 35.02 ? 26  SER A CA  1 
ATOM   9   C  C   . SER A 1 3  ? 7.389   -5.258  -3.723  1.00 33.37 ? 26  SER A C   1 
ATOM   10  O  O   . SER A 1 3  ? 8.376   -4.585  -4.010  1.00 34.45 ? 26  SER A O   1 
ATOM   11  C  CB  . SER A 1 3  ? 6.594   -5.292  -1.358  1.00 35.00 ? 26  SER A CB  1 
ATOM   12  O  OG  . SER A 1 3  ? 5.885   -6.152  -0.488  1.00 34.30 ? 26  SER A OG  1 
ATOM   13  N  N   . GLN A 1 4  ? 6.314   -5.326  -4.493  1.00 31.16 ? 27  GLN A N   1 
ATOM   14  C  CA  . GLN A 1 4  ? 6.221   -4.600  -5.746  1.00 31.08 ? 27  GLN A CA  1 
ATOM   15  C  C   . GLN A 1 4  ? 5.212   -3.475  -5.559  1.00 30.51 ? 27  GLN A C   1 
ATOM   16  O  O   . GLN A 1 4  ? 4.115   -3.689  -5.045  1.00 32.17 ? 27  GLN A O   1 
ATOM   17  C  CB  . GLN A 1 4  ? 5.784   -5.558  -6.864  1.00 30.81 ? 27  GLN A CB  1 
ATOM   18  C  CG  . GLN A 1 4  ? 5.429   -4.923  -8.213  1.00 31.90 ? 27  GLN A CG  1 
ATOM   19  C  CD  . GLN A 1 4  ? 6.615   -4.281  -8.930  1.00 33.56 ? 27  GLN A CD  1 
ATOM   20  O  OE1 . GLN A 1 4  ? 7.633   -4.932  -9.182  1.00 34.30 ? 27  GLN A OE1 1 
ATOM   21  N  NE2 . GLN A 1 4  ? 6.475   -3.000  -9.282  1.00 30.08 ? 27  GLN A NE2 1 
ATOM   22  N  N   . TYR A 1 5  ? 5.596   -2.267  -5.948  1.00 30.01 ? 28  TYR A N   1 
ATOM   23  C  CA  . TYR A 1 5  ? 4.703   -1.137  -5.802  1.00 29.06 ? 28  TYR A CA  1 
ATOM   24  C  C   . TYR A 1 5  ? 4.197   -0.579  -7.108  1.00 28.91 ? 28  TYR A C   1 
ATOM   25  O  O   . TYR A 1 5  ? 4.893   -0.574  -8.116  1.00 30.08 ? 28  TYR A O   1 
ATOM   26  C  CB  . TYR A 1 5  ? 5.358   -0.028  -4.980  1.00 26.38 ? 28  TYR A CB  1 
ATOM   27  C  CG  . TYR A 1 5  ? 5.447   -0.359  -3.520  1.00 24.05 ? 28  TYR A CG  1 
ATOM   28  C  CD1 . TYR A 1 5  ? 6.541   -1.066  -3.007  1.00 24.06 ? 28  TYR A CD1 1 
ATOM   29  C  CD2 . TYR A 1 5  ? 4.438   0.026   -2.645  1.00 24.12 ? 28  TYR A CD2 1 
ATOM   30  C  CE1 . TYR A 1 5  ? 6.621   -1.377  -1.656  1.00 23.44 ? 28  TYR A CE1 1 
ATOM   31  C  CE2 . TYR A 1 5  ? 4.510   -0.280  -1.290  1.00 24.68 ? 28  TYR A CE2 1 
ATOM   32  C  CZ  . TYR A 1 5  ? 5.602   -0.975  -0.802  1.00 25.24 ? 28  TYR A CZ  1 
ATOM   33  O  OH  . TYR A 1 5  ? 5.683   -1.234  0.546   1.00 27.53 ? 28  TYR A OH  1 
ATOM   34  N  N   . ILE A 1 6  ? 2.958   -0.113  -7.060  1.00 28.98 ? 29  ILE A N   1 
ATOM   35  C  CA  . ILE A 1 6  ? 2.290   0.456   -8.206  1.00 29.56 ? 29  ILE A CA  1 
ATOM   36  C  C   . ILE A 1 6  ? 1.445   1.629   -7.728  1.00 31.50 ? 29  ILE A C   1 
ATOM   37  O  O   . ILE A 1 6  ? 0.734   1.528   -6.721  1.00 32.21 ? 29  ILE A O   1 
ATOM   38  C  CB  . ILE A 1 6  ? 1.371   -0.586  -8.879  1.00 27.95 ? 29  ILE A CB  1 
ATOM   39  C  CG1 . ILE A 1 6  ? 2.211   -1.659  -9.569  1.00 26.58 ? 29  ILE A CG1 1 
ATOM   40  C  CG2 . ILE A 1 6  ? 0.443   0.094   -9.857  1.00 26.73 ? 29  ILE A CG2 1 
ATOM   41  C  CD1 . ILE A 1 6  ? 1.382   -2.767  -10.186 1.00 27.46 ? 29  ILE A CD1 1 
HETATM 42  N  N   . MSE A 1 7  ? 1.549   2.740   -8.451  1.00 31.84 ? 30  MSE A N   1 
HETATM 43  C  CA  . MSE A 1 7  ? 0.796   3.942   -8.139  1.00 32.15 ? 30  MSE A CA  1 
HETATM 44  C  C   . MSE A 1 7  ? -0.149  4.232   -9.296  1.00 32.07 ? 30  MSE A C   1 
HETATM 45  O  O   . MSE A 1 7  ? 0.235   4.161   -10.473 1.00 28.61 ? 30  MSE A O   1 
HETATM 46  C  CB  . MSE A 1 7  ? 1.736   5.127   -7.967  1.00 34.08 ? 30  MSE A CB  1 
HETATM 47  C  CG  . MSE A 1 7  ? 2.895   4.861   -7.037  1.00 38.82 ? 30  MSE A CG  1 
HETATM 48  SE SE  . MSE A 1 7  ? 4.101   6.384   -6.923  1.00 47.04 ? 30  MSE A SE  1 
HETATM 49  C  CE  . MSE A 1 7  ? 2.970   7.483   -5.784  1.00 41.83 ? 30  MSE A CE  1 
ATOM   50  N  N   . SER A 1 8  ? -1.388  4.559   -8.955  1.00 31.95 ? 31  SER A N   1 
ATOM   51  C  CA  . SER A 1 8  ? -2.391  4.884   -9.955  1.00 31.85 ? 31  SER A CA  1 
ATOM   52  C  C   . SER A 1 8  ? -2.628  6.383   -9.955  1.00 30.87 ? 31  SER A C   1 
ATOM   53  O  O   . SER A 1 8  ? -2.850  6.989   -8.907  1.00 29.34 ? 31  SER A O   1 
ATOM   54  C  CB  . SER A 1 8  ? -3.693  4.128   -9.673  1.00 31.38 ? 31  SER A CB  1 
ATOM   55  O  OG  . SER A 1 8  ? -3.573  2.764   -10.050 1.00 30.60 ? 31  SER A OG  1 
ATOM   56  N  N   . THR A 1 9  ? -2.563  6.970   -11.146 1.00 32.63 ? 32  THR A N   1 
ATOM   57  C  CA  . THR A 1 9  ? -2.747  8.407   -11.336 1.00 35.77 ? 32  THR A CA  1 
ATOM   58  C  C   . THR A 1 9  ? -4.184  8.739   -11.702 1.00 36.01 ? 32  THR A C   1 
ATOM   59  O  O   . THR A 1 9  ? -4.838  8.004   -12.441 1.00 36.08 ? 32  THR A O   1 
ATOM   60  C  CB  . THR A 1 9  ? -1.827  8.932   -12.455 1.00 36.91 ? 32  THR A CB  1 
ATOM   61  O  OG1 . THR A 1 9  ? -0.461  8.693   -12.097 1.00 38.87 ? 32  THR A OG1 1 
ATOM   62  C  CG2 . THR A 1 9  ? -2.037  10.424  -12.675 1.00 38.62 ? 32  THR A CG2 1 
ATOM   63  N  N   . LYS A 1 10 ? -4.662  9.862   -11.184 1.00 38.36 ? 33  LYS A N   1 
ATOM   64  C  CA  . LYS A 1 10 ? -6.023  10.317  -11.438 1.00 42.35 ? 33  LYS A CA  1 
ATOM   65  C  C   . LYS A 1 10 ? -6.375  10.345  -12.926 1.00 43.70 ? 33  LYS A C   1 
ATOM   66  O  O   . LYS A 1 10 ? -7.522  10.088  -13.305 1.00 43.15 ? 33  LYS A O   1 
ATOM   67  C  CB  . LYS A 1 10 ? -6.219  11.713  -10.852 1.00 43.06 ? 33  LYS A CB  1 
ATOM   68  C  CG  . LYS A 1 10 ? -7.661  12.042  -10.534 1.00 46.40 ? 33  LYS A CG  1 
ATOM   69  C  CD  . LYS A 1 10 ? -7.783  13.390  -9.836  1.00 47.84 ? 33  LYS A CD  1 
ATOM   70  C  CE  . LYS A 1 10 ? -9.180  13.573  -9.259  1.00 50.96 ? 33  LYS A CE  1 
ATOM   71  N  NZ  . LYS A 1 10 ? -10.250 13.399  -10.283 1.00 50.87 ? 33  LYS A NZ  1 
ATOM   72  N  N   . ASP A 1 11 ? -5.394  10.659  -13.769 1.00 44.91 ? 34  ASP A N   1 
ATOM   73  C  CA  . ASP A 1 11 ? -5.637  10.726  -15.203 1.00 48.09 ? 34  ASP A CA  1 
ATOM   74  C  C   . ASP A 1 11 ? -5.810  9.342   -15.837 1.00 49.75 ? 34  ASP A C   1 
ATOM   75  O  O   . ASP A 1 11 ? -6.136  9.229   -17.020 1.00 48.91 ? 34  ASP A O   1 
ATOM   76  C  CB  . ASP A 1 11 ? -4.516  11.508  -15.898 1.00 48.58 ? 34  ASP A CB  1 
ATOM   77  C  CG  . ASP A 1 11 ? -3.168  10.829  -15.792 1.00 50.90 ? 34  ASP A CG  1 
ATOM   78  O  OD1 . ASP A 1 11 ? -2.145  11.502  -16.051 1.00 51.71 ? 34  ASP A OD1 1 
ATOM   79  O  OD2 . ASP A 1 11 ? -3.125  9.627   -15.469 1.00 52.06 ? 34  ASP A OD2 1 
ATOM   80  N  N   . GLY A 1 12 ? -5.599  8.295   -15.043 1.00 50.43 ? 35  GLY A N   1 
ATOM   81  C  CA  . GLY A 1 12 ? -5.760  6.946   -15.553 1.00 51.42 ? 35  GLY A CA  1 
ATOM   82  C  C   . GLY A 1 12 ? -4.471  6.172   -15.735 1.00 52.22 ? 35  GLY A C   1 
ATOM   83  O  O   . GLY A 1 12 ? -4.500  4.963   -15.968 1.00 53.29 ? 35  GLY A O   1 
ATOM   84  N  N   . LYS A 1 13 ? -3.342  6.867   -15.633 1.00 52.46 ? 36  LYS A N   1 
ATOM   85  C  CA  . LYS A 1 13 ? -2.031  6.239   -15.785 1.00 52.43 ? 36  LYS A CA  1 
ATOM   86  C  C   . LYS A 1 13 ? -1.701  5.321   -14.607 1.00 51.19 ? 36  LYS A C   1 
ATOM   87  O  O   . LYS A 1 13 ? -2.375  5.333   -13.577 1.00 50.91 ? 36  LYS A O   1 
ATOM   88  C  CB  . LYS A 1 13 ? -0.938  7.310   -15.911 1.00 54.88 ? 36  LYS A CB  1 
ATOM   89  C  CG  . LYS A 1 13 ? -1.038  8.185   -17.160 1.00 56.93 ? 36  LYS A CG  1 
ATOM   90  C  CD  . LYS A 1 13 ? -0.891  7.362   -18.435 1.00 58.59 ? 36  LYS A CD  1 
ATOM   91  C  CE  . LYS A 1 13 ? -0.843  8.245   -19.682 1.00 59.06 ? 36  LYS A CE  1 
ATOM   92  N  NZ  . LYS A 1 13 ? -2.068  9.080   -19.849 1.00 59.53 ? 36  LYS A NZ  1 
HETATM 93  N  N   . MSE A 1 14 ? -0.647  4.530   -14.774 1.00 50.27 ? 37  MSE A N   1 
HETATM 94  C  CA  . MSE A 1 14 ? -0.193  3.590   -13.759 1.00 48.60 ? 37  MSE A CA  1 
HETATM 95  C  C   . MSE A 1 14 ? 1.338   3.646   -13.735 1.00 45.34 ? 37  MSE A C   1 
HETATM 96  O  O   . MSE A 1 14 ? 1.969   3.825   -14.775 1.00 43.68 ? 37  MSE A O   1 
HETATM 97  C  CB  . MSE A 1 14 ? -0.703  2.190   -14.124 1.00 54.42 ? 37  MSE A CB  1 
HETATM 98  C  CG  . MSE A 1 14 ? -0.410  1.070   -13.134 1.00 60.29 ? 37  MSE A CG  1 
HETATM 99  SE SE  . MSE A 1 14 ? 1.039   -0.080  -13.721 1.00 71.93 ? 37  MSE A SE  1 
HETATM 100 C  CE  . MSE A 1 14 ? 0.319   -0.629  -15.442 1.00 67.15 ? 37  MSE A CE  1 
ATOM   101 N  N   . ILE A 1 15 ? 1.929   3.523   -12.548 1.00 42.43 ? 38  ILE A N   1 
ATOM   102 C  CA  . ILE A 1 15 ? 3.389   3.570   -12.412 1.00 39.42 ? 38  ILE A CA  1 
ATOM   103 C  C   . ILE A 1 15 ? 3.905   2.520   -11.417 1.00 37.21 ? 38  ILE A C   1 
ATOM   104 O  O   . ILE A 1 15 ? 3.354   2.355   -10.325 1.00 33.35 ? 38  ILE A O   1 
ATOM   105 C  CB  . ILE A 1 15 ? 3.851   4.981   -11.962 1.00 39.43 ? 38  ILE A CB  1 
ATOM   106 C  CG1 . ILE A 1 15 ? 3.439   6.013   -13.011 1.00 39.98 ? 38  ILE A CG1 1 
ATOM   107 C  CG2 . ILE A 1 15 ? 5.359   5.016   -11.785 1.00 39.27 ? 38  ILE A CG2 1 
ATOM   108 C  CD1 . ILE A 1 15 ? 3.690   7.449   -12.590 1.00 39.78 ? 38  ILE A CD1 1 
ATOM   109 N  N   . THR A 1 16 ? 4.965   1.814   -11.804 1.00 34.19 ? 39  THR A N   1 
ATOM   110 C  CA  . THR A 1 16 ? 5.550   0.787   -10.945 1.00 32.61 ? 39  THR A CA  1 
ATOM   111 C  C   . THR A 1 16 ? 6.833   1.266   -10.256 1.00 31.77 ? 39  THR A C   1 
ATOM   112 O  O   . THR A 1 16 ? 7.451   2.236   -10.682 1.00 32.12 ? 39  THR A O   1 
ATOM   113 C  CB  . THR A 1 16 ? 5.869   -0.501  -11.748 1.00 32.53 ? 39  THR A CB  1 
ATOM   114 O  OG1 . THR A 1 16 ? 6.907   -0.237  -12.702 1.00 32.25 ? 39  THR A OG1 1 
ATOM   115 C  CG2 . THR A 1 16 ? 4.632   -0.985  -12.483 1.00 30.14 ? 39  THR A CG2 1 
ATOM   116 N  N   . SER A 1 17 ? 7.215   0.574   -9.185  1.00 33.05 ? 40  SER A N   1 
ATOM   117 C  CA  . SER A 1 17 ? 8.414   0.887   -8.403  1.00 33.14 ? 40  SER A CA  1 
ATOM   118 C  C   . SER A 1 17 ? 8.756   -0.300  -7.497  1.00 34.18 ? 40  SER A C   1 
ATOM   119 O  O   . SER A 1 17 ? 7.860   -0.986  -7.003  1.00 33.32 ? 40  SER A O   1 
ATOM   120 C  CB  . SER A 1 17 ? 8.173   2.133   -7.546  1.00 32.77 ? 40  SER A CB  1 
ATOM   121 O  OG  . SER A 1 17 ? 9.301   2.415   -6.736  1.00 34.12 ? 40  SER A OG  1 
ATOM   122 N  N   . ASP A 1 18 ? 10.042  -0.549  -7.268  1.00 36.98 ? 41  ASP A N   1 
ATOM   123 C  CA  . ASP A 1 18 ? 10.422  -1.674  -6.407  1.00 39.71 ? 41  ASP A CA  1 
ATOM   124 C  C   . ASP A 1 18 ? 10.609  -1.259  -4.942  1.00 38.42 ? 41  ASP A C   1 
ATOM   125 O  O   . ASP A 1 18 ? 10.890  -2.099  -4.085  1.00 39.45 ? 41  ASP A O   1 
ATOM   126 C  CB  . ASP A 1 18 ? 11.684  -2.373  -6.945  1.00 42.09 ? 41  ASP A CB  1 
ATOM   127 C  CG  . ASP A 1 18 ? 11.429  -3.122  -8.263  1.00 45.90 ? 41  ASP A CG  1 
ATOM   128 O  OD1 . ASP A 1 18 ? 10.567  -4.034  -8.295  1.00 45.56 ? 41  ASP A OD1 1 
ATOM   129 O  OD2 . ASP A 1 18 ? 12.100  -2.800  -9.268  1.00 47.75 ? 41  ASP A OD2 1 
ATOM   130 N  N   . SER A 1 19 ? 10.440  0.034   -4.667  1.00 37.14 ? 42  SER A N   1 
ATOM   131 C  CA  . SER A 1 19 ? 10.550  0.574   -3.307  1.00 35.14 ? 42  SER A CA  1 
ATOM   132 C  C   . SER A 1 19 ? 9.280   1.333   -2.969  1.00 33.59 ? 42  SER A C   1 
ATOM   133 O  O   . SER A 1 19 ? 8.618   1.888   -3.845  1.00 32.01 ? 42  SER A O   1 
ATOM   134 C  CB  . SER A 1 19 ? 11.720  1.556   -3.174  1.00 34.81 ? 42  SER A CB  1 
ATOM   135 O  OG  . SER A 1 19 ? 12.966  0.950   -3.457  1.00 36.06 ? 42  SER A OG  1 
ATOM   136 N  N   . LYS A 1 20 ? 8.955   1.353   -1.685  1.00 32.33 ? 43  LYS A N   1 
ATOM   137 C  CA  . LYS A 1 20 ? 7.789   2.061   -1.194  1.00 32.88 ? 43  LYS A CA  1 
ATOM   138 C  C   . LYS A 1 20 ? 7.969   3.567   -1.450  1.00 33.49 ? 43  LYS A C   1 
ATOM   139 O  O   . LYS A 1 20 ? 8.952   4.170   -1.011  1.00 33.35 ? 43  LYS A O   1 
ATOM   140 C  CB  . LYS A 1 20 ? 7.636   1.781   0.306   1.00 32.28 ? 43  LYS A CB  1 
ATOM   141 C  CG  . LYS A 1 20 ? 6.514   2.528   0.999   1.00 32.77 ? 43  LYS A CG  1 
ATOM   142 C  CD  . LYS A 1 20 ? 6.544   2.291   2.504   1.00 31.72 ? 43  LYS A CD  1 
ATOM   143 C  CE  . LYS A 1 20 ? 5.540   3.186   3.233   1.00 32.39 ? 43  LYS A CE  1 
ATOM   144 N  NZ  . LYS A 1 20 ? 4.118   2.891   2.872   1.00 34.43 ? 43  LYS A NZ  1 
ATOM   145 N  N   . PRO A 1 21 ? 7.038   4.186   -2.192  1.00 34.80 ? 44  PRO A N   1 
ATOM   146 C  CA  . PRO A 1 21 ? 7.157   5.623   -2.459  1.00 36.32 ? 44  PRO A CA  1 
ATOM   147 C  C   . PRO A 1 21 ? 7.061   6.394   -1.138  1.00 38.27 ? 44  PRO A C   1 
ATOM   148 O  O   . PRO A 1 21 ? 6.188   6.123   -0.303  1.00 38.71 ? 44  PRO A O   1 
ATOM   149 C  CB  . PRO A 1 21 ? 5.993   5.906   -3.424  1.00 34.20 ? 44  PRO A CB  1 
ATOM   150 C  CG  . PRO A 1 21 ? 4.979   4.874   -3.064  1.00 34.68 ? 44  PRO A CG  1 
ATOM   151 C  CD  . PRO A 1 21 ? 5.815   3.630   -2.801  1.00 35.23 ? 44  PRO A CD  1 
ATOM   152 N  N   . LYS A 1 22 ? 7.977   7.338   -0.948  1.00 39.47 ? 45  LYS A N   1 
ATOM   153 C  CA  . LYS A 1 22 ? 8.047   8.138   0.273   1.00 39.56 ? 45  LYS A CA  1 
ATOM   154 C  C   . LYS A 1 22 ? 7.404   9.516   0.065   1.00 40.28 ? 45  LYS A C   1 
ATOM   155 O  O   . LYS A 1 22 ? 7.846   10.293  -0.783  1.00 38.30 ? 45  LYS A O   1 
ATOM   156 C  CB  . LYS A 1 22 ? 9.518   8.284   0.655   1.00 41.26 ? 45  LYS A CB  1 
ATOM   157 C  CG  . LYS A 1 22 ? 9.801   8.537   2.118   1.00 44.34 ? 45  LYS A CG  1 
ATOM   158 C  CD  . LYS A 1 22 ? 11.212  8.062   2.465   1.00 47.38 ? 45  LYS A CD  1 
ATOM   159 C  CE  . LYS A 1 22 ? 11.546  8.267   3.947   1.00 49.98 ? 45  LYS A CE  1 
ATOM   160 N  NZ  . LYS A 1 22 ? 11.664  9.714   4.319   1.00 50.47 ? 45  LYS A NZ  1 
ATOM   161 N  N   . LEU A 1 23 ? 6.367   9.822   0.843   1.00 40.96 ? 46  LEU A N   1 
ATOM   162 C  CA  . LEU A 1 23 ? 5.671   11.104  0.715   1.00 42.15 ? 46  LEU A CA  1 
ATOM   163 C  C   . LEU A 1 23 ? 6.358   12.286  1.404   1.00 43.60 ? 46  LEU A C   1 
ATOM   164 O  O   . LEU A 1 23 ? 6.613   12.255  2.607   1.00 44.88 ? 46  LEU A O   1 
ATOM   165 C  CB  . LEU A 1 23 ? 4.236   10.985  1.252   1.00 42.56 ? 46  LEU A CB  1 
ATOM   166 C  CG  . LEU A 1 23 ? 3.430   12.293  1.267   1.00 43.07 ? 46  LEU A CG  1 
ATOM   167 C  CD1 . LEU A 1 23 ? 3.416   12.899  -0.130  1.00 41.74 ? 46  LEU A CD1 1 
ATOM   168 C  CD2 . LEU A 1 23 ? 2.011   12.040  1.758   1.00 41.01 ? 46  LEU A CD2 1 
ATOM   169 N  N   . ASP A 1 24 ? 6.644   13.329  0.627   1.00 44.43 ? 47  ASP A N   1 
ATOM   170 C  CA  . ASP A 1 24 ? 7.274   14.550  1.129   1.00 43.81 ? 47  ASP A CA  1 
ATOM   171 C  C   . ASP A 1 24 ? 6.160   15.582  1.331   1.00 44.33 ? 47  ASP A C   1 
ATOM   172 O  O   . ASP A 1 24 ? 5.671   16.183  0.366   1.00 42.11 ? 47  ASP A O   1 
ATOM   173 C  CB  . ASP A 1 24 ? 8.307   15.061  0.110   1.00 44.10 ? 47  ASP A CB  1 
ATOM   174 C  CG  . ASP A 1 24 ? 9.091   16.280  0.602   1.00 44.39 ? 47  ASP A CG  1 
ATOM   175 O  OD1 . ASP A 1 24 ? 10.192  16.525  0.071   1.00 45.99 ? 47  ASP A OD1 1 
ATOM   176 O  OD2 . ASP A 1 24 ? 8.614   17.008  1.497   1.00 43.49 ? 47  ASP A OD2 1 
ATOM   177 N  N   . LYS A 1 25 ? 5.763   15.767  2.591   1.00 44.45 ? 48  LYS A N   1 
ATOM   178 C  CA  . LYS A 1 25 ? 4.702   16.701  2.958   1.00 45.72 ? 48  LYS A CA  1 
ATOM   179 C  C   . LYS A 1 25 ? 5.045   18.164  2.720   1.00 46.05 ? 48  LYS A C   1 
ATOM   180 O  O   . LYS A 1 25 ? 4.151   19.002  2.590   1.00 48.20 ? 48  LYS A O   1 
ATOM   181 C  CB  . LYS A 1 25 ? 4.297   16.509  4.427   1.00 47.43 ? 48  LYS A CB  1 
ATOM   182 C  CG  . LYS A 1 25 ? 3.404   15.289  4.670   1.00 51.21 ? 48  LYS A CG  1 
ATOM   183 C  CD  . LYS A 1 25 ? 2.611   15.414  5.965   1.00 54.08 ? 48  LYS A CD  1 
ATOM   184 C  CE  . LYS A 1 25 ? 1.655   14.238  6.152   1.00 55.96 ? 48  LYS A CE  1 
ATOM   185 N  NZ  . LYS A 1 25 ? 0.861   14.340  7.419   1.00 57.30 ? 48  LYS A NZ  1 
ATOM   186 N  N   . THR A 1 26 ? 6.333   18.480  2.669   1.00 44.32 ? 49  THR A N   1 
ATOM   187 C  CA  . THR A 1 26 ? 6.746   19.854  2.441   1.00 41.35 ? 49  THR A CA  1 
ATOM   188 C  C   . THR A 1 26 ? 6.308   20.274  1.041   1.00 41.01 ? 49  THR A C   1 
ATOM   189 O  O   . THR A 1 26 ? 5.781   21.369  0.845   1.00 40.63 ? 49  THR A O   1 
ATOM   190 C  CB  . THR A 1 26 ? 8.276   20.001  2.565   1.00 40.36 ? 49  THR A CB  1 
ATOM   191 O  OG1 . THR A 1 26 ? 8.697   19.542  3.856   1.00 38.20 ? 49  THR A OG1 1 
ATOM   192 C  CG2 . THR A 1 26 ? 8.690   21.456  2.390   1.00 35.64 ? 49  THR A CG2 1 
ATOM   193 N  N   . THR A 1 27 ? 6.514   19.386  0.071   1.00 40.69 ? 50  THR A N   1 
ATOM   194 C  CA  . THR A 1 27 ? 6.155   19.667  -1.316  1.00 40.38 ? 50  THR A CA  1 
ATOM   195 C  C   . THR A 1 27 ? 4.943   18.887  -1.822  1.00 40.63 ? 50  THR A C   1 
ATOM   196 O  O   . THR A 1 27 ? 4.520   19.077  -2.964  1.00 40.12 ? 50  THR A O   1 
ATOM   197 C  CB  . THR A 1 27 ? 7.310   19.334  -2.262  1.00 40.52 ? 50  THR A CB  1 
ATOM   198 O  OG1 . THR A 1 27 ? 7.610   17.937  -2.156  1.00 41.62 ? 50  THR A OG1 1 
ATOM   199 C  CG2 . THR A 1 27 ? 8.542   20.142  -1.922  1.00 38.85 ? 50  THR A CG2 1 
ATOM   200 N  N   . GLY A 1 28 ? 4.384   18.014  -0.990  1.00 40.47 ? 51  GLY A N   1 
ATOM   201 C  CA  . GLY A 1 28 ? 3.252   17.222  -1.439  1.00 41.94 ? 51  GLY A CA  1 
ATOM   202 C  C   . GLY A 1 28 ? 3.666   16.387  -2.650  1.00 43.28 ? 51  GLY A C   1 
ATOM   203 O  O   . GLY A 1 28 ? 2.876   16.147  -3.572  1.00 43.11 ? 51  GLY A O   1 
HETATM 204 N  N   . MSE A 1 29 ? 4.924   15.951  -2.637  1.00 42.99 ? 52  MSE A N   1 
HETATM 205 C  CA  . MSE A 1 29 ? 5.506   15.149  -3.708  1.00 41.68 ? 52  MSE A CA  1 
HETATM 206 C  C   . MSE A 1 29 ? 5.839   13.730  -3.253  1.00 38.71 ? 52  MSE A C   1 
HETATM 207 O  O   . MSE A 1 29 ? 6.388   13.535  -2.171  1.00 36.55 ? 52  MSE A O   1 
HETATM 208 C  CB  . MSE A 1 29 ? 6.799   15.807  -4.202  1.00 44.90 ? 52  MSE A CB  1 
HETATM 209 C  CG  . MSE A 1 29 ? 6.624   17.137  -4.892  1.00 49.56 ? 52  MSE A CG  1 
HETATM 210 SE SE  . MSE A 1 29 ? 6.059   16.914  -6.719  1.00 58.73 ? 52  MSE A SE  1 
HETATM 211 C  CE  . MSE A 1 29 ? 5.841   18.778  -7.189  1.00 53.38 ? 52  MSE A CE  1 
ATOM   212 N  N   . TYR A 1 30 ? 5.511   12.741  -4.081  1.00 36.52 ? 53  TYR A N   1 
ATOM   213 C  CA  . TYR A 1 30 ? 5.837   11.350  -3.764  1.00 35.16 ? 53  TYR A CA  1 
ATOM   214 C  C   . TYR A 1 30 ? 7.121   10.988  -4.505  1.00 33.36 ? 53  TYR A C   1 
ATOM   215 O  O   . TYR A 1 30 ? 7.193   11.101  -5.729  1.00 32.48 ? 53  TYR A O   1 
ATOM   216 C  CB  . TYR A 1 30 ? 4.721   10.395  -4.210  1.00 36.37 ? 53  TYR A CB  1 
ATOM   217 C  CG  . TYR A 1 30 ? 3.752   9.981   -3.118  1.00 38.39 ? 53  TYR A CG  1 
ATOM   218 C  CD1 . TYR A 1 30 ? 4.147   9.117   -2.092  1.00 38.95 ? 53  TYR A CD1 1 
ATOM   219 C  CD2 . TYR A 1 30 ? 2.440   10.459  -3.107  1.00 38.58 ? 53  TYR A CD2 1 
ATOM   220 C  CE1 . TYR A 1 30 ? 3.260   8.739   -1.087  1.00 39.22 ? 53  TYR A CE1 1 
ATOM   221 C  CE2 . TYR A 1 30 ? 1.546   10.090  -2.107  1.00 40.55 ? 53  TYR A CE2 1 
ATOM   222 C  CZ  . TYR A 1 30 ? 1.961   9.233   -1.100  1.00 41.35 ? 53  TYR A CZ  1 
ATOM   223 O  OH  . TYR A 1 30 ? 1.074   8.876   -0.112  1.00 43.59 ? 53  TYR A OH  1 
ATOM   224 N  N   . LEU A 1 31 ? 8.137   10.574  -3.759  1.00 31.78 ? 54  LEU A N   1 
ATOM   225 C  CA  . LEU A 1 31 ? 9.404   10.172  -4.356  1.00 30.40 ? 54  LEU A CA  1 
ATOM   226 C  C   . LEU A 1 31 ? 9.395   8.654   -4.482  1.00 31.29 ? 54  LEU A C   1 
ATOM   227 O  O   . LEU A 1 31 ? 8.931   7.941   -3.584  1.00 30.39 ? 54  LEU A O   1 
ATOM   228 C  CB  . LEU A 1 31 ? 10.589  10.608  -3.487  1.00 29.01 ? 54  LEU A CB  1 
ATOM   229 C  CG  . LEU A 1 31 ? 11.194  12.016  -3.620  1.00 31.08 ? 54  LEU A CG  1 
ATOM   230 C  CD1 . LEU A 1 31 ? 12.096  12.090  -4.850  1.00 27.98 ? 54  LEU A CD1 1 
ATOM   231 C  CD2 . LEU A 1 31 ? 10.087  13.063  -3.691  1.00 30.28 ? 54  LEU A CD2 1 
ATOM   232 N  N   . TYR A 1 32 ? 9.915   8.169   -5.603  1.00 29.46 ? 55  TYR A N   1 
ATOM   233 C  CA  . TYR A 1 32 ? 9.956   6.748   -5.859  1.00 28.88 ? 55  TYR A CA  1 
ATOM   234 C  C   . TYR A 1 32 ? 11.080  6.474   -6.860  1.00 30.87 ? 55  TYR A C   1 
ATOM   235 O  O   . TYR A 1 32 ? 11.615  7.407   -7.453  1.00 28.87 ? 55  TYR A O   1 
ATOM   236 C  CB  . TYR A 1 32 ? 8.589   6.305   -6.397  1.00 25.09 ? 55  TYR A CB  1 
ATOM   237 C  CG  . TYR A 1 32 ? 8.304   6.649   -7.849  1.00 22.14 ? 55  TYR A CG  1 
ATOM   238 C  CD1 . TYR A 1 32 ? 8.681   5.783   -8.866  1.00 23.05 ? 55  TYR A CD1 1 
ATOM   239 C  CD2 . TYR A 1 32 ? 7.613   7.817   -8.201  1.00 23.14 ? 55  TYR A CD2 1 
ATOM   240 C  CE1 . TYR A 1 32 ? 8.375   6.049   -10.198 1.00 22.76 ? 55  TYR A CE1 1 
ATOM   241 C  CE2 . TYR A 1 32 ? 7.293   8.103   -9.540  1.00 19.44 ? 55  TYR A CE2 1 
ATOM   242 C  CZ  . TYR A 1 32 ? 7.682   7.203   -10.530 1.00 24.41 ? 55  TYR A CZ  1 
ATOM   243 O  OH  . TYR A 1 32 ? 7.370   7.423   -11.851 1.00 24.56 ? 55  TYR A OH  1 
ATOM   244 N  N   . TYR A 1 33 ? 11.455  5.206   -7.026  1.00 34.31 ? 56  TYR A N   1 
ATOM   245 C  CA  . TYR A 1 33 ? 12.520  4.847   -7.966  1.00 38.93 ? 56  TYR A CA  1 
ATOM   246 C  C   . TYR A 1 33 ? 11.984  4.156   -9.203  1.00 40.46 ? 56  TYR A C   1 
ATOM   247 O  O   . TYR A 1 33 ? 11.156  3.257   -9.114  1.00 39.24 ? 56  TYR A O   1 
ATOM   248 C  CB  . TYR A 1 33 ? 13.567  3.949   -7.295  1.00 38.06 ? 56  TYR A CB  1 
ATOM   249 C  CG  . TYR A 1 33 ? 14.369  4.658   -6.245  1.00 37.58 ? 56  TYR A CG  1 
ATOM   250 C  CD1 . TYR A 1 33 ? 13.819  4.931   -4.990  1.00 38.40 ? 56  TYR A CD1 1 
ATOM   251 C  CD2 . TYR A 1 33 ? 15.660  5.106   -6.514  1.00 37.30 ? 56  TYR A CD2 1 
ATOM   252 C  CE1 . TYR A 1 33 ? 14.532  5.637   -4.029  1.00 37.05 ? 56  TYR A CE1 1 
ATOM   253 C  CE2 . TYR A 1 33 ? 16.382  5.813   -5.561  1.00 37.97 ? 56  TYR A CE2 1 
ATOM   254 C  CZ  . TYR A 1 33 ? 15.809  6.077   -4.318  1.00 38.27 ? 56  TYR A CZ  1 
ATOM   255 O  OH  . TYR A 1 33 ? 16.510  6.794   -3.368  1.00 39.87 ? 56  TYR A OH  1 
ATOM   256 N  N   . ASP A 1 34 ? 12.476  4.583   -10.360 1.00 44.65 ? 57  ASP A N   1 
ATOM   257 C  CA  . ASP A 1 34 ? 12.043  4.017   -11.626 1.00 50.00 ? 57  ASP A CA  1 
ATOM   258 C  C   . ASP A 1 34 ? 12.881  2.806   -12.039 1.00 53.02 ? 57  ASP A C   1 
ATOM   259 O  O   . ASP A 1 34 ? 13.987  2.584   -11.536 1.00 53.64 ? 57  ASP A O   1 
ATOM   260 C  CB  . ASP A 1 34 ? 12.109  5.081   -12.725 1.00 51.58 ? 57  ASP A CB  1 
ATOM   261 C  CG  . ASP A 1 34 ? 13.521  5.302   -13.245 1.00 53.42 ? 57  ASP A CG  1 
ATOM   262 O  OD1 . ASP A 1 34 ? 14.440  5.501   -12.423 1.00 55.29 ? 57  ASP A OD1 1 
ATOM   263 O  OD2 . ASP A 1 34 ? 13.710  5.283   -14.481 1.00 54.06 ? 57  ASP A OD2 1 
ATOM   264 N  N   . GLU A 1 35 ? 12.332  2.029   -12.964 1.00 56.54 ? 58  GLU A N   1 
ATOM   265 C  CA  . GLU A 1 35 ? 12.983  0.835   -13.487 1.00 60.10 ? 58  GLU A CA  1 
ATOM   266 C  C   . GLU A 1 35 ? 14.306  1.241   -14.129 1.00 61.73 ? 58  GLU A C   1 
ATOM   267 O  O   . GLU A 1 35 ? 14.331  2.129   -14.979 1.00 62.67 ? 58  GLU A O   1 
ATOM   268 C  CB  . GLU A 1 35 ? 12.085  0.180   -14.543 1.00 61.38 ? 58  GLU A CB  1 
ATOM   269 C  CG  . GLU A 1 35 ? 10.574  0.399   -14.343 1.00 63.82 ? 58  GLU A CG  1 
ATOM   270 C  CD  . GLU A 1 35 ? 10.122  1.841   -14.609 1.00 64.94 ? 58  GLU A CD  1 
ATOM   271 O  OE1 . GLU A 1 35 ? 10.394  2.364   -15.715 1.00 65.58 ? 58  GLU A OE1 1 
ATOM   272 O  OE2 . GLU A 1 35 ? 9.483   2.448   -13.715 1.00 64.72 ? 58  GLU A OE2 1 
ATOM   273 N  N   . ASP A 1 36 ? 15.401  0.593   -13.738 1.00 63.08 ? 59  ASP A N   1 
ATOM   274 C  CA  . ASP A 1 36 ? 16.710  0.924   -14.305 1.00 65.36 ? 59  ASP A CA  1 
ATOM   275 C  C   . ASP A 1 36 ? 16.942  2.427   -14.215 1.00 65.54 ? 59  ASP A C   1 
ATOM   276 O  O   . ASP A 1 36 ? 17.091  3.093   -15.243 1.00 65.25 ? 59  ASP A O   1 
ATOM   277 C  CB  . ASP A 1 36 ? 16.794  0.518   -15.789 1.00 66.73 ? 59  ASP A CB  1 
ATOM   278 C  CG  . ASP A 1 36 ? 16.931  -0.979  -15.990 1.00 67.75 ? 59  ASP A CG  1 
ATOM   279 O  OD1 . ASP A 1 36 ? 17.948  -1.550  -15.545 1.00 68.68 ? 59  ASP A OD1 1 
ATOM   280 O  OD2 . ASP A 1 36 ? 16.024  -1.584  -16.606 1.00 69.47 ? 59  ASP A OD2 1 
ATOM   281 N  N   . GLY A 1 37 ? 16.966  2.971   -13.004 1.00 65.36 ? 60  GLY A N   1 
ATOM   282 C  CA  . GLY A 1 37 ? 17.176  4.401   -12.902 1.00 65.42 ? 60  GLY A CA  1 
ATOM   283 C  C   . GLY A 1 37 ? 17.183  5.035   -11.528 1.00 64.97 ? 60  GLY A C   1 
ATOM   284 O  O   . GLY A 1 37 ? 17.181  4.355   -10.495 1.00 63.29 ? 60  GLY A O   1 
ATOM   285 N  N   . ARG A 1 38 ? 17.189  6.367   -11.539 1.00 64.61 ? 61  ARG A N   1 
ATOM   286 C  CA  . ARG A 1 38 ? 17.213  7.162   -10.321 1.00 64.92 ? 61  ARG A CA  1 
ATOM   287 C  C   . ARG A 1 38 ? 15.797  7.427   -9.835  1.00 62.10 ? 61  ARG A C   1 
ATOM   288 O  O   . ARG A 1 38 ? 14.829  6.850   -10.333 1.00 60.99 ? 61  ARG A O   1 
ATOM   289 C  CB  . ARG A 1 38 ? 17.922  8.507   -10.565 1.00 67.93 ? 61  ARG A CB  1 
ATOM   290 C  CG  . ARG A 1 38 ? 18.365  9.219   -9.280  1.00 70.60 ? 61  ARG A CG  1 
ATOM   291 C  CD  . ARG A 1 38 ? 18.622  10.721  -9.472  1.00 72.72 ? 61  ARG A CD  1 
ATOM   292 N  NE  . ARG A 1 38 ? 17.389  11.473  -9.733  1.00 73.95 ? 61  ARG A NE  1 
ATOM   293 C  CZ  . ARG A 1 38 ? 17.301  12.805  -9.746  1.00 72.69 ? 61  ARG A CZ  1 
ATOM   294 N  NH1 . ARG A 1 38 ? 18.372  13.558  -9.510  1.00 71.23 ? 61  ARG A NH1 1 
ATOM   295 N  NH2 . ARG A 1 38 ? 16.136  13.387  -10.003 1.00 70.87 ? 61  ARG A NH2 1 
ATOM   296 N  N   . GLU A 1 39 ? 15.691  8.307   -8.851  1.00 58.91 ? 62  GLU A N   1 
ATOM   297 C  CA  . GLU A 1 39 ? 14.407  8.658   -8.286  1.00 57.23 ? 62  GLU A CA  1 
ATOM   298 C  C   . GLU A 1 39 ? 13.634  9.563   -9.230  1.00 55.01 ? 62  GLU A C   1 
ATOM   299 O  O   . GLU A 1 39 ? 14.201  10.157  -10.150 1.00 56.46 ? 62  GLU A O   1 
ATOM   300 C  CB  . GLU A 1 39 ? 14.614  9.349   -6.939  1.00 57.60 ? 62  GLU A CB  1 
ATOM   301 C  CG  . GLU A 1 39 ? 15.508  10.566  -7.019  1.00 57.38 ? 62  GLU A CG  1 
ATOM   302 C  CD  . GLU A 1 39 ? 16.043  10.978  -5.667  1.00 58.94 ? 62  GLU A CD  1 
ATOM   303 O  OE1 . GLU A 1 39 ? 16.781  11.982  -5.612  1.00 60.40 ? 62  GLU A OE1 1 
ATOM   304 O  OE2 . GLU A 1 39 ? 15.735  10.302  -4.658  1.00 58.73 ? 62  GLU A OE2 1 
ATOM   305 N  N   . VAL A 1 40 ? 12.332  9.650   -9.001  1.00 50.69 ? 63  VAL A N   1 
ATOM   306 C  CA  . VAL A 1 40 ? 11.469  10.487  -9.809  1.00 47.47 ? 63  VAL A CA  1 
ATOM   307 C  C   . VAL A 1 40 ? 10.343  11.012  -8.926  1.00 46.01 ? 63  VAL A C   1 
ATOM   308 O  O   . VAL A 1 40 ? 10.063  10.460  -7.857  1.00 44.90 ? 63  VAL A O   1 
ATOM   309 C  CB  . VAL A 1 40 ? 10.935  9.707   -11.059 1.00 46.60 ? 63  VAL A CB  1 
ATOM   310 C  CG1 . VAL A 1 40 ? 10.734  8.245   -10.719 1.00 44.32 ? 63  VAL A CG1 1 
ATOM   311 C  CG2 . VAL A 1 40 ? 9.646   10.332  -11.571 1.00 42.58 ? 63  VAL A CG2 1 
HETATM 312 N  N   . MSE A 1 41 ? 9.714   12.089  -9.371  1.00 44.90 ? 64  MSE A N   1 
HETATM 313 C  CA  . MSE A 1 41 ? 8.656   12.724  -8.606  1.00 45.28 ? 64  MSE A CA  1 
HETATM 314 C  C   . MSE A 1 41 ? 7.286   12.685  -9.253  1.00 42.85 ? 64  MSE A C   1 
HETATM 315 O  O   . MSE A 1 41 ? 7.160   12.666  -10.474 1.00 43.19 ? 64  MSE A O   1 
HETATM 316 C  CB  . MSE A 1 41 ? 9.032   14.180  -8.358  1.00 49.70 ? 64  MSE A CB  1 
HETATM 317 C  CG  . MSE A 1 41 ? 9.147   14.578  -6.905  1.00 54.90 ? 64  MSE A CG  1 
HETATM 318 SE SE  . MSE A 1 41 ? 9.837   16.384  -6.768  1.00 60.96 ? 64  MSE A SE  1 
HETATM 319 C  CE  . MSE A 1 41 ? 11.688  15.916  -6.415  1.00 58.14 ? 64  MSE A CE  1 
ATOM   320 N  N   . ILE A 1 42 ? 6.265   12.695  -8.406  1.00 40.41 ? 65  ILE A N   1 
ATOM   321 C  CA  . ILE A 1 42 ? 4.876   12.690  -8.842  1.00 39.10 ? 65  ILE A CA  1 
ATOM   322 C  C   . ILE A 1 42 ? 4.105   13.419  -7.741  1.00 38.71 ? 65  ILE A C   1 
ATOM   323 O  O   . ILE A 1 42 ? 4.353   13.197  -6.555  1.00 38.80 ? 65  ILE A O   1 
ATOM   324 C  CB  . ILE A 1 42 ? 4.348   11.231  -9.021  1.00 39.89 ? 65  ILE A CB  1 
ATOM   325 C  CG1 . ILE A 1 42 ? 2.894   11.237  -9.502  1.00 38.66 ? 65  ILE A CG1 1 
ATOM   326 C  CG2 . ILE A 1 42 ? 4.460   10.460  -7.711  1.00 40.27 ? 65  ILE A CG2 1 
ATOM   327 C  CD1 . ILE A 1 42 ? 2.708   11.662  -10.926 1.00 38.19 ? 65  ILE A CD1 1 
ATOM   328 N  N   . LYS A 1 43 ? 3.195   14.309  -8.129  1.00 38.49 ? 66  LYS A N   1 
ATOM   329 C  CA  . LYS A 1 43 ? 2.405   15.072  -7.163  1.00 37.97 ? 66  LYS A CA  1 
ATOM   330 C  C   . LYS A 1 43 ? 1.463   14.169  -6.366  1.00 37.85 ? 66  LYS A C   1 
ATOM   331 O  O   . LYS A 1 43 ? 0.856   13.255  -6.917  1.00 37.79 ? 66  LYS A O   1 
ATOM   332 C  CB  . LYS A 1 43 ? 1.592   16.158  -7.880  1.00 38.86 ? 66  LYS A CB  1 
ATOM   333 C  CG  . LYS A 1 43 ? 2.414   17.119  -8.738  1.00 40.19 ? 66  LYS A CG  1 
ATOM   334 C  CD  . LYS A 1 43 ? 1.577   18.297  -9.239  1.00 39.20 ? 66  LYS A CD  1 
ATOM   335 C  CE  . LYS A 1 43 ? 1.048   19.140  -8.080  1.00 40.85 ? 66  LYS A CE  1 
ATOM   336 N  NZ  . LYS A 1 43 ? 2.145   19.717  -7.251  1.00 42.58 ? 66  LYS A NZ  1 
ATOM   337 N  N   . GLN A 1 44 ? 1.336   14.444  -5.071  1.00 37.73 ? 67  GLN A N   1 
ATOM   338 C  CA  . GLN A 1 44 ? 0.486   13.661  -4.181  1.00 38.64 ? 67  GLN A CA  1 
ATOM   339 C  C   . GLN A 1 44 ? -0.949  13.634  -4.698  1.00 39.62 ? 67  GLN A C   1 
ATOM   340 O  O   . GLN A 1 44 ? -1.569  12.571  -4.804  1.00 38.72 ? 67  GLN A O   1 
ATOM   341 C  CB  . GLN A 1 44 ? 0.528   14.276  -2.782  1.00 42.81 ? 67  GLN A CB  1 
ATOM   342 C  CG  . GLN A 1 44 ? 0.208   13.325  -1.650  1.00 48.61 ? 67  GLN A CG  1 
ATOM   343 C  CD  . GLN A 1 44 ? -1.260  12.973  -1.583  1.00 53.57 ? 67  GLN A CD  1 
ATOM   344 O  OE1 . GLN A 1 44 ? -2.107  13.831  -1.323  1.00 56.16 ? 67  GLN A OE1 1 
ATOM   345 N  NE2 . GLN A 1 44 ? -1.574  11.705  -1.825  1.00 55.41 ? 67  GLN A NE2 1 
ATOM   346 N  N   . GLU A 1 45 ? -1.465  14.815  -5.029  1.00 40.31 ? 68  GLU A N   1 
ATOM   347 C  CA  . GLU A 1 45 ? -2.820  14.965  -5.538  1.00 40.32 ? 68  GLU A CA  1 
ATOM   348 C  C   . GLU A 1 45 ? -3.082  14.202  -6.840  1.00 39.37 ? 68  GLU A C   1 
ATOM   349 O  O   . GLU A 1 45 ? -4.235  13.930  -7.176  1.00 39.26 ? 68  GLU A O   1 
ATOM   350 C  CB  . GLU A 1 45 ? -3.122  16.443  -5.757  1.00 43.86 ? 68  GLU A CB  1 
ATOM   351 C  CG  . GLU A 1 45 ? -2.118  17.136  -6.648  1.00 48.68 ? 68  GLU A CG  1 
ATOM   352 C  CD  . GLU A 1 45 ? -2.540  18.546  -7.022  1.00 52.24 ? 68  GLU A CD  1 
ATOM   353 O  OE1 . GLU A 1 45 ? -2.908  19.316  -6.109  1.00 51.82 ? 68  GLU A OE1 1 
ATOM   354 O  OE2 . GLU A 1 45 ? -2.492  18.884  -8.229  1.00 54.67 ? 68  GLU A OE2 1 
ATOM   355 N  N   . ASP A 1 46 ? -2.026  13.866  -7.575  1.00 36.96 ? 69  ASP A N   1 
ATOM   356 C  CA  . ASP A 1 46 ? -2.179  13.133  -8.835  1.00 35.22 ? 69  ASP A CA  1 
ATOM   357 C  C   . ASP A 1 46 ? -2.314  11.629  -8.582  1.00 35.35 ? 69  ASP A C   1 
ATOM   358 O  O   . ASP A 1 46 ? -2.699  10.868  -9.484  1.00 35.41 ? 69  ASP A O   1 
ATOM   359 C  CB  . ASP A 1 46 ? -0.967  13.380  -9.747  1.00 35.62 ? 69  ASP A CB  1 
ATOM   360 C  CG  . ASP A 1 46 ? -1.112  14.637  -10.612 1.00 35.54 ? 69  ASP A CG  1 
ATOM   361 O  OD1 . ASP A 1 46 ? -1.672  15.647  -10.131 1.00 32.97 ? 69  ASP A OD1 1 
ATOM   362 O  OD2 . ASP A 1 46 ? -0.642  14.615  -11.772 1.00 35.39 ? 69  ASP A OD2 1 
ATOM   363 N  N   . VAL A 1 47 ? -2.003  11.202  -7.358  1.00 32.53 ? 70  VAL A N   1 
ATOM   364 C  CA  . VAL A 1 47 ? -2.059  9.786   -6.996  1.00 29.19 ? 70  VAL A CA  1 
ATOM   365 C  C   . VAL A 1 47 ? -3.363  9.393   -6.297  1.00 29.40 ? 70  VAL A C   1 
ATOM   366 O  O   . VAL A 1 47 ? -3.708  9.945   -5.258  1.00 29.89 ? 70  VAL A O   1 
ATOM   367 C  CB  . VAL A 1 47 ? -0.859  9.426   -6.089  1.00 27.23 ? 70  VAL A CB  1 
ATOM   368 C  CG1 . VAL A 1 47 ? -0.916  7.955   -5.681  1.00 25.00 ? 70  VAL A CG1 1 
ATOM   369 C  CG2 . VAL A 1 47 ? 0.436   9.736   -6.814  1.00 21.98 ? 70  VAL A CG2 1 
ATOM   370 N  N   . THR A 1 48 ? -4.089  8.439   -6.872  1.00 29.15 ? 71  THR A N   1 
ATOM   371 C  CA  . THR A 1 48 ? -5.338  7.995   -6.264  1.00 29.22 ? 71  THR A CA  1 
ATOM   372 C  C   . THR A 1 48 ? -5.117  6.895   -5.221  1.00 29.32 ? 71  THR A C   1 
ATOM   373 O  O   . THR A 1 48 ? -5.839  6.821   -4.223  1.00 31.14 ? 71  THR A O   1 
ATOM   374 C  CB  . THR A 1 48 ? -6.349  7.482   -7.330  1.00 29.76 ? 71  THR A CB  1 
ATOM   375 O  OG1 . THR A 1 48 ? -5.774  6.398   -8.068  1.00 30.91 ? 71  THR A OG1 1 
ATOM   376 C  CG2 . THR A 1 48 ? -6.737  8.605   -8.291  1.00 25.72 ? 71  THR A CG2 1 
ATOM   377 N  N   . GLN A 1 49 ? -4.104  6.060   -5.428  1.00 27.91 ? 72  GLN A N   1 
ATOM   378 C  CA  . GLN A 1 49 ? -3.830  4.970   -4.498  1.00 27.33 ? 72  GLN A CA  1 
ATOM   379 C  C   . GLN A 1 49 ? -2.411  4.416   -4.631  1.00 27.49 ? 72  GLN A C   1 
ATOM   380 O  O   . GLN A 1 49 ? -1.774  4.551   -5.680  1.00 29.37 ? 72  GLN A O   1 
ATOM   381 C  CB  . GLN A 1 49 ? -4.834  3.834   -4.754  1.00 25.61 ? 72  GLN A CB  1 
ATOM   382 C  CG  . GLN A 1 49 ? -4.875  3.412   -6.225  1.00 23.22 ? 72  GLN A CG  1 
ATOM   383 C  CD  . GLN A 1 49 ? -5.967  2.400   -6.544  1.00 24.43 ? 72  GLN A CD  1 
ATOM   384 O  OE1 . GLN A 1 49 ? -6.972  2.293   -5.833  1.00 22.22 ? 72  GLN A OE1 1 
ATOM   385 N  NE2 . GLN A 1 49 ? -5.787  1.668   -7.639  1.00 23.47 ? 72  GLN A NE2 1 
ATOM   386 N  N   . ILE A 1 50 ? -1.916  3.798   -3.564  1.00 26.21 ? 73  ILE A N   1 
ATOM   387 C  CA  . ILE A 1 50 ? -0.601  3.174   -3.597  1.00 26.46 ? 73  ILE A CA  1 
ATOM   388 C  C   . ILE A 1 50 ? -0.806  1.690   -3.290  1.00 26.48 ? 73  ILE A C   1 
ATOM   389 O  O   . ILE A 1 50 ? -1.309  1.332   -2.225  1.00 23.60 ? 73  ILE A O   1 
ATOM   390 C  CB  . ILE A 1 50 ? 0.353   3.809   -2.576  1.00 27.97 ? 73  ILE A CB  1 
ATOM   391 C  CG1 . ILE A 1 50 ? 0.641   5.258   -2.989  1.00 27.51 ? 73  ILE A CG1 1 
ATOM   392 C  CG2 . ILE A 1 50 ? 1.648   2.987   -2.493  1.00 24.92 ? 73  ILE A CG2 1 
ATOM   393 C  CD1 . ILE A 1 50 ? 1.415   6.061   -1.965  1.00 30.95 ? 73  ILE A CD1 1 
ATOM   394 N  N   . ILE A 1 51 ? -0.423  0.833   -4.234  1.00 26.36 ? 74  ILE A N   1 
ATOM   395 C  CA  . ILE A 1 51 ? -0.626  -0.604  -4.081  1.00 28.19 ? 74  ILE A CA  1 
ATOM   396 C  C   . ILE A 1 51 ? 0.597   -1.464  -3.800  1.00 28.23 ? 74  ILE A C   1 
ATOM   397 O  O   . ILE A 1 51 ? 1.564   -1.476  -4.564  1.00 23.99 ? 74  ILE A O   1 
ATOM   398 C  CB  . ILE A 1 51 ? -1.316  -1.190  -5.328  1.00 30.01 ? 74  ILE A CB  1 
ATOM   399 C  CG1 . ILE A 1 51 ? -2.531  -0.338  -5.696  1.00 31.26 ? 74  ILE A CG1 1 
ATOM   400 C  CG2 . ILE A 1 51 ? -1.747  -2.626  -5.054  1.00 30.84 ? 74  ILE A CG2 1 
ATOM   401 C  CD1 . ILE A 1 51 ? -3.121  -0.656  -7.044  1.00 31.48 ? 74  ILE A CD1 1 
ATOM   402 N  N   . GLU A 1 52 ? 0.537   -2.206  -2.700  1.00 29.18 ? 75  GLU A N   1 
ATOM   403 C  CA  . GLU A 1 52 ? 1.634   -3.091  -2.362  1.00 31.16 ? 75  GLU A CA  1 
ATOM   404 C  C   . GLU A 1 52 ? 1.304   -4.550  -2.690  1.00 31.38 ? 75  GLU A C   1 
ATOM   405 O  O   . GLU A 1 52 ? 0.296   -5.093  -2.242  1.00 31.32 ? 75  GLU A O   1 
ATOM   406 C  CB  . GLU A 1 52 ? 1.979   -2.992  -0.886  1.00 29.33 ? 75  GLU A CB  1 
ATOM   407 C  CG  . GLU A 1 52 ? 3.000   -4.025  -0.501  1.00 30.05 ? 75  GLU A CG  1 
ATOM   408 C  CD  . GLU A 1 52 ? 3.278   -4.057  0.972   1.00 29.68 ? 75  GLU A CD  1 
ATOM   409 O  OE1 . GLU A 1 52 ? 2.350   -3.804  1.763   1.00 32.30 ? 75  GLU A OE1 1 
ATOM   410 O  OE2 . GLU A 1 52 ? 4.424   -4.359  1.343   1.00 32.01 ? 75  GLU A OE2 1 
ATOM   411 N  N   . ARG A 1 53 ? 2.163   -5.173  -3.487  1.00 31.01 ? 76  ARG A N   1 
ATOM   412 C  CA  . ARG A 1 53 ? 1.988   -6.565  -3.846  1.00 30.55 ? 76  ARG A CA  1 
ATOM   413 C  C   . ARG A 1 53 ? 3.102   -7.346  -3.181  1.00 31.09 ? 76  ARG A C   1 
ATOM   414 O  O   . ARG A 1 53 ? 4.282   -7.134  -3.453  1.00 32.15 ? 76  ARG A O   1 
ATOM   415 C  CB  . ARG A 1 53 ? 1.982   -6.728  -5.369  1.00 30.38 ? 76  ARG A CB  1 
ATOM   416 C  CG  . ARG A 1 53 ? 0.613   -6.376  -5.969  1.00 32.24 ? 76  ARG A CG  1 
ATOM   417 C  CD  . ARG A 1 53 ? 0.596   -6.361  -7.490  1.00 33.30 ? 76  ARG A CD  1 
ATOM   418 N  NE  . ARG A 1 53 ? -0.711  -5.961  -8.011  1.00 32.81 ? 76  ARG A NE  1 
ATOM   419 C  CZ  . ARG A 1 53 ? -0.971  -5.748  -9.297  1.00 31.52 ? 76  ARG A CZ  1 
ATOM   420 N  NH1 . ARG A 1 53 ? -0.010  -5.894  -10.207 1.00 33.20 ? 76  ARG A NH1 1 
ATOM   421 N  NH2 . ARG A 1 53 ? -2.192  -5.395  -9.673  1.00 27.52 ? 76  ARG A NH2 1 
ATOM   422 N  N   . LEU A 1 54 ? 2.697   -8.229  -2.276  1.00 32.12 ? 77  LEU A N   1 
ATOM   423 C  CA  . LEU A 1 54 ? 3.606   -9.047  -1.483  1.00 34.30 ? 77  LEU A CA  1 
ATOM   424 C  C   . LEU A 1 54 ? 4.278   -10.213 -2.206  1.00 36.84 ? 77  LEU A C   1 
ATOM   425 O  O   . LEU A 1 54 ? 3.717   -10.793 -3.132  1.00 35.66 ? 77  LEU A O   1 
ATOM   426 C  CB  . LEU A 1 54 ? 2.854   -9.583  -0.257  1.00 31.73 ? 77  LEU A CB  1 
ATOM   427 C  CG  . LEU A 1 54 ? 2.742   -8.707  0.994   1.00 29.62 ? 77  LEU A CG  1 
ATOM   428 C  CD1 . LEU A 1 54 ? 2.209   -7.333  0.640   1.00 30.98 ? 77  LEU A CD1 1 
ATOM   429 C  CD2 . LEU A 1 54 ? 1.856   -9.398  2.015   1.00 28.04 ? 77  LEU A CD2 1 
ATOM   430 N  N   . GLU A 1 55 ? 5.490   -10.545 -1.768  1.00 40.06 ? 78  GLU A N   1 
ATOM   431 C  CA  . GLU A 1 55 ? 6.226   -11.671 -2.325  1.00 42.95 ? 78  GLU A CA  1 
ATOM   432 C  C   . GLU A 1 55 ? 6.013   -12.835 -1.376  1.00 43.84 ? 78  GLU A C   1 
ATOM   433 O  O   . GLU A 1 55 ? 6.018   -12.648 -0.164  1.00 44.07 ? 78  GLU A O   1 
ATOM   434 C  CB  . GLU A 1 55 ? 7.718   -11.366 -2.405  1.00 44.23 ? 78  GLU A CB  1 
ATOM   435 C  CG  . GLU A 1 55 ? 8.154   -10.662 -3.658  1.00 48.23 ? 78  GLU A CG  1 
ATOM   436 C  CD  . GLU A 1 55 ? 9.665   -10.586 -3.769  1.00 52.56 ? 78  GLU A CD  1 
ATOM   437 O  OE1 . GLU A 1 55 ? 10.172  -10.055 -4.786  1.00 53.64 ? 78  GLU A OE1 1 
ATOM   438 O  OE2 . GLU A 1 55 ? 10.350  -11.058 -2.833  1.00 54.01 ? 78  GLU A OE2 1 
ATOM   439 N  N   . HIS A 1 56 ? 5.831   -14.030 -1.921  1.00 45.36 ? 79  HIS A N   1 
ATOM   440 C  CA  . HIS A 1 56 ? 5.614   -15.200 -1.083  1.00 48.30 ? 79  HIS A CA  1 
ATOM   441 C  C   . HIS A 1 56 ? 6.498   -16.382 -1.443  1.00 51.65 ? 79  HIS A C   1 
ATOM   442 O  O   . HIS A 1 56 ? 6.583   -17.356 -0.692  1.00 51.78 ? 79  HIS A O   1 
ATOM   443 C  CB  . HIS A 1 56 ? 4.161   -15.640 -1.167  1.00 46.58 ? 79  HIS A CB  1 
ATOM   444 C  CG  . HIS A 1 56 ? 3.201   -14.667 -0.560  1.00 44.95 ? 79  HIS A CG  1 
ATOM   445 N  ND1 . HIS A 1 56 ? 2.255   -13.999 -1.299  1.00 43.21 ? 79  HIS A ND1 1 
ATOM   446 C  CD2 . HIS A 1 56 ? 3.050   -14.256 0.722   1.00 44.45 ? 79  HIS A CD2 1 
ATOM   447 C  CE1 . HIS A 1 56 ? 1.555   -13.210 -0.499  1.00 43.31 ? 79  HIS A CE1 1 
ATOM   448 N  NE2 . HIS A 1 56 ? 2.016   -13.348 0.727   1.00 44.62 ? 79  HIS A NE2 1 
ATOM   449 N  N   . HIS A 1 57 ? 7.142   -16.295 -2.601  1.00 55.83 ? 80  HIS A N   1 
ATOM   450 C  CA  . HIS A 1 57 ? 8.018   -17.352 -3.085  1.00 59.20 ? 80  HIS A CA  1 
ATOM   451 C  C   . HIS A 1 57 ? 9.467   -17.066 -2.733  1.00 61.50 ? 80  HIS A C   1 
ATOM   452 O  O   . HIS A 1 57 ? 10.371  -17.363 -3.512  1.00 62.23 ? 80  HIS A O   1 
ATOM   453 C  CB  . HIS A 1 57 ? 7.876   -17.483 -4.598  1.00 59.08 ? 80  HIS A CB  1 
ATOM   454 C  CG  . HIS A 1 57 ? 6.526   -17.945 -5.037  1.00 60.32 ? 80  HIS A CG  1 
ATOM   455 N  ND1 . HIS A 1 57 ? 6.017   -19.180 -4.697  1.00 61.69 ? 80  HIS A ND1 1 
ATOM   456 C  CD2 . HIS A 1 57 ? 5.575   -17.344 -5.793  1.00 60.68 ? 80  HIS A CD2 1 
ATOM   457 C  CE1 . HIS A 1 57 ? 4.813   -19.321 -5.226  1.00 62.02 ? 80  HIS A CE1 1 
ATOM   458 N  NE2 . HIS A 1 57 ? 4.524   -18.218 -5.895  1.00 60.91 ? 80  HIS A NE2 1 
ATOM   459 N  N   . HIS A 1 58 ? 9.679   -16.490 -1.554  1.00 64.22 ? 81  HIS A N   1 
ATOM   460 C  CA  . HIS A 1 58 ? 11.018  -16.143 -1.085  1.00 67.23 ? 81  HIS A CA  1 
ATOM   461 C  C   . HIS A 1 58 ? 11.682  -17.265 -0.280  1.00 67.69 ? 81  HIS A C   1 
ATOM   462 O  O   . HIS A 1 58 ? 12.056  -17.021 0.888   1.00 69.02 ? 81  HIS A O   1 
ATOM   463 C  CB  . HIS A 1 58 ? 10.952  -14.852 -0.252  1.00 69.32 ? 81  HIS A CB  1 
ATOM   464 C  CG  . HIS A 1 58 ? 9.727   -14.748 0.608   1.00 71.84 ? 81  HIS A CG  1 
ATOM   465 N  ND1 . HIS A 1 58 ? 9.399   -15.686 1.566   1.00 71.63 ? 81  HIS A ND1 1 
ATOM   466 C  CD2 . HIS A 1 58 ? 8.745   -13.812 0.651   1.00 71.59 ? 81  HIS A CD2 1 
ATOM   467 C  CE1 . HIS A 1 58 ? 8.272   -15.335 2.159   1.00 71.45 ? 81  HIS A CE1 1 
ATOM   468 N  NE2 . HIS A 1 58 ? 7.856   -14.201 1.621   1.00 71.46 ? 81  HIS A NE2 1 
ATOM   469 N  N   . SER B 1 2  ? -6.665  11.127  7.070   1.00 40.05 ? 25  SER B N   1 
ATOM   470 C  CA  . SER B 1 2  ? -5.971  9.821   6.837   1.00 39.02 ? 25  SER B CA  1 
ATOM   471 C  C   . SER B 1 2  ? -6.682  8.962   5.788   1.00 38.53 ? 25  SER B C   1 
ATOM   472 O  O   . SER B 1 2  ? -7.899  9.030   5.620   1.00 35.88 ? 25  SER B O   1 
ATOM   473 C  CB  . SER B 1 2  ? -5.853  9.042   8.151   1.00 39.89 ? 25  SER B CB  1 
ATOM   474 O  OG  . SER B 1 2  ? -5.081  9.767   9.097   1.00 37.86 ? 25  SER B OG  1 
ATOM   475 N  N   . SER B 1 3  ? -5.895  8.154   5.087   1.00 37.64 ? 26  SER B N   1 
ATOM   476 C  CA  . SER B 1 3  ? -6.394  7.288   4.033   1.00 37.56 ? 26  SER B CA  1 
ATOM   477 C  C   . SER B 1 3  ? -6.996  5.970   4.514   1.00 37.94 ? 26  SER B C   1 
ATOM   478 O  O   . SER B 1 3  ? -6.916  5.625   5.696   1.00 35.58 ? 26  SER B O   1 
ATOM   479 C  CB  . SER B 1 3  ? -5.264  7.007   3.044   1.00 36.52 ? 26  SER B CB  1 
ATOM   480 O  OG  . SER B 1 3  ? -4.051  6.824   3.738   1.00 35.33 ? 26  SER B OG  1 
ATOM   481 N  N   . GLN B 1 4  ? -7.593  5.240   3.572   1.00 37.56 ? 27  GLN B N   1 
ATOM   482 C  CA  . GLN B 1 4  ? -8.214  3.951   3.849   1.00 37.38 ? 27  GLN B CA  1 
ATOM   483 C  C   . GLN B 1 4  ? -7.343  2.821   3.293   1.00 35.83 ? 27  GLN B C   1 
ATOM   484 O  O   . GLN B 1 4  ? -6.505  3.039   2.411   1.00 35.26 ? 27  GLN B O   1 
ATOM   485 C  CB  . GLN B 1 4  ? -9.603  3.882   3.205   1.00 38.91 ? 27  GLN B CB  1 
ATOM   486 C  CG  . GLN B 1 4  ? -10.595 4.954   3.663   1.00 46.81 ? 27  GLN B CG  1 
ATOM   487 C  CD  . GLN B 1 4  ? -11.114 4.756   5.084   1.00 49.61 ? 27  GLN B CD  1 
ATOM   488 O  OE1 . GLN B 1 4  ? -10.367 4.886   6.057   1.00 53.21 ? 27  GLN B OE1 1 
ATOM   489 N  NE2 . GLN B 1 4  ? -12.401 4.431   5.206   1.00 48.86 ? 27  GLN B NE2 1 
ATOM   490 N  N   . TYR B 1 5  ? -7.564  1.613   3.801   1.00 33.41 ? 28  TYR B N   1 
ATOM   491 C  CA  . TYR B 1 5  ? -6.802  0.453   3.374   1.00 33.77 ? 28  TYR B CA  1 
ATOM   492 C  C   . TYR B 1 5  ? -7.655  -0.761  3.029   1.00 32.95 ? 28  TYR B C   1 
ATOM   493 O  O   . TYR B 1 5  ? -8.549  -1.131  3.778   1.00 33.20 ? 28  TYR B O   1 
ATOM   494 C  CB  . TYR B 1 5  ? -5.800  0.070   4.458   1.00 35.42 ? 28  TYR B CB  1 
ATOM   495 C  CG  . TYR B 1 5  ? -4.797  1.152   4.767   1.00 35.22 ? 28  TYR B CG  1 
ATOM   496 C  CD1 . TYR B 1 5  ? -5.128  2.221   5.601   1.00 36.10 ? 28  TYR B CD1 1 
ATOM   497 C  CD2 . TYR B 1 5  ? -3.513  1.104   4.225   1.00 35.81 ? 28  TYR B CD2 1 
ATOM   498 C  CE1 . TYR B 1 5  ? -4.199  3.218   5.894   1.00 37.20 ? 28  TYR B CE1 1 
ATOM   499 C  CE2 . TYR B 1 5  ? -2.577  2.090   4.504   1.00 38.02 ? 28  TYR B CE2 1 
ATOM   500 C  CZ  . TYR B 1 5  ? -2.924  3.144   5.342   1.00 39.46 ? 28  TYR B CZ  1 
ATOM   501 O  OH  . TYR B 1 5  ? -1.986  4.107   5.632   1.00 41.61 ? 28  TYR B OH  1 
ATOM   502 N  N   . ILE B 1 6  ? -7.346  -1.383  1.891   1.00 33.28 ? 29  ILE B N   1 
ATOM   503 C  CA  . ILE B 1 6  ? -8.059  -2.562  1.399   1.00 33.09 ? 29  ILE B CA  1 
ATOM   504 C  C   . ILE B 1 6  ? -7.070  -3.709  1.216   1.00 34.42 ? 29  ILE B C   1 
ATOM   505 O  O   . ILE B 1 6  ? -6.089  -3.578  0.484   1.00 34.74 ? 29  ILE B O   1 
ATOM   506 C  CB  . ILE B 1 6  ? -8.724  -2.278  0.027   1.00 34.23 ? 29  ILE B CB  1 
ATOM   507 C  CG1 . ILE B 1 6  ? -9.588  -1.016  0.111   1.00 31.81 ? 29  ILE B CG1 1 
ATOM   508 C  CG2 . ILE B 1 6  ? -9.603  -3.454  -0.386  1.00 32.24 ? 29  ILE B CG2 1 
ATOM   509 C  CD1 . ILE B 1 6  ? -10.783 -1.197  1.004   1.00 34.03 ? 29  ILE B CD1 1 
HETATM 510 N  N   . MSE B 1 7  ? -7.318  -4.831  1.884   1.00 36.02 ? 30  MSE B N   1 
HETATM 511 C  CA  . MSE B 1 7  ? -6.435  -5.984  1.770   1.00 38.47 ? 30  MSE B CA  1 
HETATM 512 C  C   . MSE B 1 7  ? -7.077  -7.067  0.927   1.00 38.19 ? 30  MSE B C   1 
HETATM 513 O  O   . MSE B 1 7  ? -8.281  -7.295  1.013   1.00 38.92 ? 30  MSE B O   1 
HETATM 514 C  CB  . MSE B 1 7  ? -6.126  -6.574  3.143   1.00 42.72 ? 30  MSE B CB  1 
HETATM 515 C  CG  . MSE B 1 7  ? -5.231  -5.727  4.019   1.00 49.77 ? 30  MSE B CG  1 
HETATM 516 SE SE  . MSE B 1 7  ? -5.119  -6.449  5.826   1.00 60.41 ? 30  MSE B SE  1 
HETATM 517 C  CE  . MSE B 1 7  ? -6.903  -5.987  6.408   1.00 57.81 ? 30  MSE B CE  1 
ATOM   518 N  N   . SER B 1 8  ? -6.269  -7.727  0.106   1.00 37.02 ? 31  SER B N   1 
ATOM   519 C  CA  . SER B 1 8  ? -6.762  -8.816  -0.723  1.00 35.70 ? 31  SER B CA  1 
ATOM   520 C  C   . SER B 1 8  ? -6.106  -10.082 -0.216  1.00 34.93 ? 31  SER B C   1 
ATOM   521 O  O   . SER B 1 8  ? -4.891  -10.123 -0.016  1.00 33.51 ? 31  SER B O   1 
ATOM   522 C  CB  . SER B 1 8  ? -6.420  -8.599  -2.200  1.00 35.13 ? 31  SER B CB  1 
ATOM   523 O  OG  . SER B 1 8  ? -7.355  -7.724  -2.803  1.00 36.25 ? 31  SER B OG  1 
ATOM   524 N  N   . THR B 1 9  ? -6.917  -11.110 0.007   1.00 34.41 ? 32  THR B N   1 
ATOM   525 C  CA  . THR B 1 9  ? -6.413  -12.378 0.514   1.00 34.24 ? 32  THR B CA  1 
ATOM   526 C  C   . THR B 1 9  ? -6.452  -13.489 -0.537  1.00 35.14 ? 32  THR B C   1 
ATOM   527 O  O   . THR B 1 9  ? -7.145  -13.380 -1.545  1.00 32.75 ? 32  THR B O   1 
ATOM   528 C  CB  . THR B 1 9  ? -7.213  -12.794 1.772   1.00 33.13 ? 32  THR B CB  1 
ATOM   529 O  OG1 . THR B 1 9  ? -8.613  -12.759 1.484   1.00 29.72 ? 32  THR B OG1 1 
ATOM   530 C  CG2 . THR B 1 9  ? -6.934  -11.834 2.916   1.00 30.88 ? 32  THR B CG2 1 
ATOM   531 N  N   . LYS B 1 10 ? -5.684  -14.549 -0.308  1.00 37.70 ? 33  LYS B N   1 
ATOM   532 C  CA  . LYS B 1 10 ? -5.651  -15.664 -1.242  1.00 41.29 ? 33  LYS B CA  1 
ATOM   533 C  C   . LYS B 1 10 ? -7.044  -16.233 -1.479  1.00 42.98 ? 33  LYS B C   1 
ATOM   534 O  O   . LYS B 1 10 ? -7.420  -16.544 -2.611  1.00 45.19 ? 33  LYS B O   1 
ATOM   535 C  CB  . LYS B 1 10 ? -4.730  -16.769 -0.731  1.00 42.60 ? 33  LYS B CB  1 
ATOM   536 C  CG  . LYS B 1 10 ? -3.279  -16.574 -1.125  1.00 47.95 ? 33  LYS B CG  1 
ATOM   537 C  CD  . LYS B 1 10 ? -2.443  -17.790 -0.765  1.00 49.90 ? 33  LYS B CD  1 
ATOM   538 C  CE  . LYS B 1 10 ? -1.024  -17.638 -1.293  1.00 51.92 ? 33  LYS B CE  1 
ATOM   539 N  NZ  . LYS B 1 10 ? -0.332  -16.453 -0.709  1.00 52.64 ? 33  LYS B NZ  1 
ATOM   540 N  N   . ASP B 1 11 ? -7.811  -16.361 -0.404  1.00 43.18 ? 34  ASP B N   1 
ATOM   541 C  CA  . ASP B 1 11 ? -9.164  -16.890 -0.471  1.00 41.72 ? 34  ASP B CA  1 
ATOM   542 C  C   . ASP B 1 11 ? -10.059 -16.133 -1.459  1.00 41.13 ? 34  ASP B C   1 
ATOM   543 O  O   . ASP B 1 11 ? -11.188 -16.548 -1.702  1.00 42.39 ? 34  ASP B O   1 
ATOM   544 C  CB  . ASP B 1 11 ? -9.773  -16.845 0.924   1.00 43.94 ? 34  ASP B CB  1 
ATOM   545 C  CG  . ASP B 1 11 ? -9.665  -15.472 1.545   1.00 45.85 ? 34  ASP B CG  1 
ATOM   546 O  OD1 . ASP B 1 11 ? -10.276 -14.531 0.998   1.00 48.48 ? 34  ASP B OD1 1 
ATOM   547 O  OD2 . ASP B 1 11 ? -8.963  -15.327 2.565   1.00 45.57 ? 34  ASP B OD2 1 
ATOM   548 N  N   . GLY B 1 12 ? -9.567  -15.022 -2.010  1.00 38.27 ? 35  GLY B N   1 
ATOM   549 C  CA  . GLY B 1 12 ? -10.347 -14.260 -2.975  1.00 34.09 ? 35  GLY B CA  1 
ATOM   550 C  C   . GLY B 1 12 ? -11.248 -13.182 -2.403  1.00 33.59 ? 35  GLY B C   1 
ATOM   551 O  O   . GLY B 1 12 ? -12.124 -12.662 -3.093  1.00 31.99 ? 35  GLY B O   1 
ATOM   552 N  N   . LYS B 1 13 ? -11.031 -12.832 -1.142  1.00 33.82 ? 36  LYS B N   1 
ATOM   553 C  CA  . LYS B 1 13 ? -11.835 -11.815 -0.485  1.00 33.47 ? 36  LYS B CA  1 
ATOM   554 C  C   . LYS B 1 13 ? -11.080 -10.488 -0.340  1.00 33.66 ? 36  LYS B C   1 
ATOM   555 O  O   . LYS B 1 13 ? -9.924  -10.368 -0.744  1.00 31.68 ? 36  LYS B O   1 
ATOM   556 C  CB  . LYS B 1 13 ? -12.263 -12.329 0.891   1.00 34.25 ? 36  LYS B CB  1 
ATOM   557 C  CG  . LYS B 1 13 ? -13.125 -13.588 0.849   1.00 37.50 ? 36  LYS B CG  1 
ATOM   558 C  CD  . LYS B 1 13 ? -14.472 -13.341 0.159   1.00 42.11 ? 36  LYS B CD  1 
ATOM   559 C  CE  . LYS B 1 13 ? -15.338 -14.606 0.155   1.00 44.17 ? 36  LYS B CE  1 
ATOM   560 N  NZ  . LYS B 1 13 ? -16.618 -14.465 -0.612  1.00 45.86 ? 36  LYS B NZ  1 
HETATM 561 N  N   . MSE B 1 14 ? -11.759 -9.497  0.227   1.00 34.11 ? 37  MSE B N   1 
HETATM 562 C  CA  . MSE B 1 14 ? -11.170 -8.194  0.469   1.00 36.67 ? 37  MSE B CA  1 
HETATM 563 C  C   . MSE B 1 14 ? -11.685 -7.685  1.810   1.00 36.18 ? 37  MSE B C   1 
HETATM 564 O  O   . MSE B 1 14 ? -12.843 -7.920  2.173   1.00 32.90 ? 37  MSE B O   1 
HETATM 565 C  CB  . MSE B 1 14 ? -11.523 -7.196  -0.643  1.00 41.65 ? 37  MSE B CB  1 
HETATM 566 C  CG  . MSE B 1 14 ? -12.974 -6.731  -0.654  1.00 46.77 ? 37  MSE B CG  1 
HETATM 567 SE SE  . MSE B 1 14 ? -13.198 -4.986  -1.501  1.00 58.47 ? 37  MSE B SE  1 
HETATM 568 C  CE  . MSE B 1 14 ? -13.303 -3.895  0.106   1.00 50.97 ? 37  MSE B CE  1 
ATOM   569 N  N   . ILE B 1 15 ? -10.814 -6.992  2.543   1.00 36.64 ? 38  ILE B N   1 
ATOM   570 C  CA  . ILE B 1 15 ? -11.149 -6.455  3.860   1.00 36.93 ? 38  ILE B CA  1 
ATOM   571 C  C   . ILE B 1 15 ? -10.779 -4.981  3.932   1.00 36.38 ? 38  ILE B C   1 
ATOM   572 O  O   . ILE B 1 15 ? -9.833  -4.543  3.289   1.00 36.33 ? 38  ILE B O   1 
ATOM   573 C  CB  . ILE B 1 15 ? -10.371 -7.202  4.969   1.00 37.40 ? 38  ILE B CB  1 
ATOM   574 C  CG1 . ILE B 1 15 ? -10.501 -8.721  4.770   1.00 38.19 ? 38  ILE B CG1 1 
ATOM   575 C  CG2 . ILE B 1 15 ? -10.906 -6.810  6.333   1.00 37.15 ? 38  ILE B CG2 1 
ATOM   576 C  CD1 . ILE B 1 15 ? -9.572  -9.549  5.659   1.00 37.41 ? 38  ILE B CD1 1 
ATOM   577 N  N   . THR B 1 16 ? -11.523 -4.215  4.717   1.00 37.37 ? 39  THR B N   1 
ATOM   578 C  CA  . THR B 1 16 ? -11.232 -2.792  4.868   1.00 39.12 ? 39  THR B CA  1 
ATOM   579 C  C   . THR B 1 16 ? -10.667 -2.510  6.250   1.00 38.49 ? 39  THR B C   1 
ATOM   580 O  O   . THR B 1 16 ? -10.807 -3.317  7.163   1.00 39.12 ? 39  THR B O   1 
ATOM   581 C  CB  . THR B 1 16 ? -12.496 -1.921  4.712   1.00 41.32 ? 39  THR B CB  1 
ATOM   582 O  OG1 . THR B 1 16 ? -13.474 -2.325  5.687   1.00 42.31 ? 39  THR B OG1 1 
ATOM   583 C  CG2 . THR B 1 16 ? -13.063 -2.043  3.296   1.00 38.27 ? 39  THR B CG2 1 
ATOM   584 N  N   . SER B 1 17 ? -10.028 -1.354  6.391   1.00 38.40 ? 40  SER B N   1 
ATOM   585 C  CA  . SER B 1 17 ? -9.447  -0.933  7.655   1.00 38.00 ? 40  SER B CA  1 
ATOM   586 C  C   . SER B 1 17 ? -9.270  0.580   7.608   1.00 39.11 ? 40  SER B C   1 
ATOM   587 O  O   . SER B 1 17 ? -8.967  1.144   6.554   1.00 39.47 ? 40  SER B O   1 
ATOM   588 C  CB  . SER B 1 17 ? -8.099  -1.626  7.879   1.00 36.40 ? 40  SER B CB  1 
ATOM   589 O  OG  . SER B 1 17 ? -7.537  -1.267  9.131   1.00 35.34 ? 40  SER B OG  1 
ATOM   590 N  N   . ASP B 1 18 ? -9.467  1.231   8.750   1.00 39.38 ? 41  ASP B N   1 
ATOM   591 C  CA  . ASP B 1 18 ? -9.342  2.678   8.842   1.00 39.01 ? 41  ASP B CA  1 
ATOM   592 C  C   . ASP B 1 18 ? -7.906  3.105   9.113   1.00 37.99 ? 41  ASP B C   1 
ATOM   593 O  O   . ASP B 1 18 ? -7.535  4.254   8.875   1.00 37.51 ? 41  ASP B O   1 
ATOM   594 C  CB  . ASP B 1 18 ? -10.284 3.208   9.926   1.00 38.56 ? 41  ASP B CB  1 
ATOM   595 C  CG  . ASP B 1 18 ? -11.748 2.996   9.573   1.00 40.24 ? 41  ASP B CG  1 
ATOM   596 O  OD1 . ASP B 1 18 ? -12.130 3.357   8.433   1.00 34.72 ? 41  ASP B OD1 1 
ATOM   597 O  OD2 . ASP B 1 18 ? -12.512 2.480   10.432  1.00 41.37 ? 41  ASP B OD2 1 
ATOM   598 N  N   . SER B 1 19 ? -7.110  2.170   9.622   1.00 37.68 ? 42  SER B N   1 
ATOM   599 C  CA  . SER B 1 19 ? -5.700  2.418   9.909   1.00 36.81 ? 42  SER B CA  1 
ATOM   600 C  C   . SER B 1 19 ? -4.856  1.421   9.112   1.00 36.81 ? 42  SER B C   1 
ATOM   601 O  O   . SER B 1 19 ? -5.362  0.406   8.614   1.00 36.48 ? 42  SER B O   1 
ATOM   602 C  CB  . SER B 1 19 ? -5.408  2.279   11.414  1.00 35.66 ? 42  SER B CB  1 
ATOM   603 O  OG  . SER B 1 19 ? -5.593  0.955   11.889  1.00 33.76 ? 42  SER B OG  1 
ATOM   604 N  N   . LYS B 1 20 ? -3.573  1.728   8.983   1.00 36.65 ? 43  LYS B N   1 
ATOM   605 C  CA  . LYS B 1 20 ? -2.637  0.885   8.251   1.00 36.92 ? 43  LYS B CA  1 
ATOM   606 C  C   . LYS B 1 20 ? -2.345  -0.419  8.986   1.00 36.52 ? 43  LYS B C   1 
ATOM   607 O  O   . LYS B 1 20 ? -1.977  -0.413  10.164  1.00 35.50 ? 43  LYS B O   1 
ATOM   608 C  CB  . LYS B 1 20 ? -1.323  1.639   8.017   1.00 36.80 ? 43  LYS B CB  1 
ATOM   609 C  CG  . LYS B 1 20 ? -0.206  0.790   7.446   1.00 38.65 ? 43  LYS B CG  1 
ATOM   610 C  CD  . LYS B 1 20 ? 1.103   1.555   7.432   1.00 41.66 ? 43  LYS B CD  1 
ATOM   611 C  CE  . LYS B 1 20 ? 2.270   0.633   7.126   1.00 42.70 ? 43  LYS B CE  1 
ATOM   612 N  NZ  . LYS B 1 20 ? 2.152   0.024   5.768   1.00 46.34 ? 43  LYS B NZ  1 
ATOM   613 N  N   . PRO B 1 21 ? -2.502  -1.560  8.291   1.00 36.68 ? 44  PRO B N   1 
ATOM   614 C  CA  . PRO B 1 21 ? -2.252  -2.883  8.869   1.00 36.01 ? 44  PRO B CA  1 
ATOM   615 C  C   . PRO B 1 21 ? -0.813  -2.965  9.348   1.00 36.08 ? 44  PRO B C   1 
ATOM   616 O  O   . PRO B 1 21 ? 0.113   -2.695  8.585   1.00 35.93 ? 44  PRO B O   1 
ATOM   617 C  CB  . PRO B 1 21 ? -2.530  -3.831  7.708   1.00 35.88 ? 44  PRO B CB  1 
ATOM   618 C  CG  . PRO B 1 21 ? -3.532  -3.072  6.884   1.00 35.95 ? 44  PRO B CG  1 
ATOM   619 C  CD  . PRO B 1 21 ? -2.972  -1.679  6.901   1.00 35.07 ? 44  PRO B CD  1 
ATOM   620 N  N   . LYS B 1 22 ? -0.648  -3.330  10.618  1.00 37.73 ? 45  LYS B N   1 
ATOM   621 C  CA  . LYS B 1 22 ? 0.656   -3.449  11.269  1.00 38.59 ? 45  LYS B CA  1 
ATOM   622 C  C   . LYS B 1 22 ? 1.221   -4.865  11.144  1.00 38.84 ? 45  LYS B C   1 
ATOM   623 O  O   . LYS B 1 22 ? 0.683   -5.799  11.734  1.00 37.50 ? 45  LYS B O   1 
ATOM   624 C  CB  . LYS B 1 22 ? 0.514   -3.127  12.760  1.00 41.26 ? 45  LYS B CB  1 
ATOM   625 C  CG  . LYS B 1 22 ? -0.221  -1.830  13.071  1.00 46.37 ? 45  LYS B CG  1 
ATOM   626 C  CD  . LYS B 1 22 ? 0.669   -0.607  12.883  1.00 49.74 ? 45  LYS B CD  1 
ATOM   627 C  CE  . LYS B 1 22 ? 1.465   -0.300  14.148  1.00 50.15 ? 45  LYS B CE  1 
ATOM   628 N  NZ  . LYS B 1 22 ? 2.254   -1.475  14.627  1.00 50.40 ? 45  LYS B NZ  1 
ATOM   629 N  N   . LEU B 1 23 ? 2.306   -5.024  10.390  1.00 39.44 ? 46  LEU B N   1 
ATOM   630 C  CA  . LEU B 1 23 ? 2.927   -6.335  10.236  1.00 42.04 ? 46  LEU B CA  1 
ATOM   631 C  C   . LEU B 1 23 ? 3.984   -6.594  11.312  1.00 44.09 ? 46  LEU B C   1 
ATOM   632 O  O   . LEU B 1 23 ? 4.926   -5.812  11.470  1.00 43.29 ? 46  LEU B O   1 
ATOM   633 C  CB  . LEU B 1 23 ? 3.586   -6.474  8.857   1.00 43.31 ? 46  LEU B CB  1 
ATOM   634 C  CG  . LEU B 1 23 ? 4.441   -7.748  8.679   1.00 43.86 ? 46  LEU B CG  1 
ATOM   635 C  CD1 . LEU B 1 23 ? 3.532   -8.975  8.626   1.00 42.14 ? 46  LEU B CD1 1 
ATOM   636 C  CD2 . LEU B 1 23 ? 5.277   -7.656  7.411   1.00 42.39 ? 46  LEU B CD2 1 
ATOM   637 N  N   . ASP B 1 24 ? 3.820   -7.695  12.043  1.00 46.30 ? 47  ASP B N   1 
ATOM   638 C  CA  . ASP B 1 24 ? 4.759   -8.082  13.094  1.00 47.85 ? 47  ASP B CA  1 
ATOM   639 C  C   . ASP B 1 24 ? 5.834   -8.937  12.426  1.00 48.79 ? 47  ASP B C   1 
ATOM   640 O  O   . ASP B 1 24 ? 5.559   -10.029 11.924  1.00 48.42 ? 47  ASP B O   1 
ATOM   641 C  CB  . ASP B 1 24 ? 4.032   -8.882  14.183  1.00 50.00 ? 47  ASP B CB  1 
ATOM   642 C  CG  . ASP B 1 24 ? 4.847   -9.014  15.466  1.00 51.52 ? 47  ASP B CG  1 
ATOM   643 O  OD1 . ASP B 1 24 ? 5.042   -8.001  16.171  1.00 52.52 ? 47  ASP B OD1 1 
ATOM   644 O  OD2 . ASP B 1 24 ? 5.296   -10.137 15.768  1.00 51.41 ? 47  ASP B OD2 1 
ATOM   645 N  N   . LYS B 1 25 ? 7.055   -8.415  12.410  1.00 49.82 ? 48  LYS B N   1 
ATOM   646 C  CA  . LYS B 1 25 ? 8.199   -9.076  11.792  1.00 51.43 ? 48  LYS B CA  1 
ATOM   647 C  C   . LYS B 1 25 ? 8.522   -10.444 12.398  1.00 51.06 ? 48  LYS B C   1 
ATOM   648 O  O   . LYS B 1 25 ? 8.942   -11.356 11.692  1.00 50.75 ? 48  LYS B O   1 
ATOM   649 C  CB  . LYS B 1 25 ? 9.433   -8.173  11.908  1.00 54.65 ? 48  LYS B CB  1 
ATOM   650 C  CG  . LYS B 1 25 ? 9.236   -6.739  11.388  1.00 56.77 ? 48  LYS B CG  1 
ATOM   651 C  CD  . LYS B 1 25 ? 9.142   -6.680  9.860   1.00 57.42 ? 48  LYS B CD  1 
ATOM   652 C  CE  . LYS B 1 25 ? 10.431  -7.159  9.187   1.00 57.67 ? 48  LYS B CE  1 
ATOM   653 N  NZ  . LYS B 1 25 ? 11.629  -6.338  9.544   1.00 56.94 ? 48  LYS B NZ  1 
ATOM   654 N  N   . THR B 1 26 ? 8.323   -10.588 13.704  1.00 49.69 ? 49  THR B N   1 
ATOM   655 C  CA  . THR B 1 26 ? 8.633   -11.845 14.362  1.00 48.18 ? 49  THR B CA  1 
ATOM   656 C  C   . THR B 1 26 ? 7.585   -12.933 14.155  1.00 47.69 ? 49  THR B C   1 
ATOM   657 O  O   . THR B 1 26 ? 7.924   -14.074 13.837  1.00 50.08 ? 49  THR B O   1 
ATOM   658 C  CB  . THR B 1 26 ? 8.854   -11.632 15.872  1.00 48.01 ? 49  THR B CB  1 
ATOM   659 O  OG1 . THR B 1 26 ? 7.634   -11.209 16.487  1.00 47.89 ? 49  THR B OG1 1 
ATOM   660 C  CG2 . THR B 1 26 ? 9.913   -10.571 16.099  1.00 47.11 ? 49  THR B CG2 1 
ATOM   661 N  N   . THR B 1 27 ? 6.315   -12.591 14.328  1.00 45.17 ? 50  THR B N   1 
ATOM   662 C  CA  . THR B 1 27 ? 5.242   -13.567 14.168  1.00 42.60 ? 50  THR B CA  1 
ATOM   663 C  C   . THR B 1 27 ? 4.814   -13.792 12.715  1.00 40.78 ? 50  THR B C   1 
ATOM   664 O  O   . THR B 1 27 ? 4.203   -14.817 12.393  1.00 37.78 ? 50  THR B O   1 
ATOM   665 C  CB  . THR B 1 27 ? 3.996   -13.147 14.968  1.00 43.09 ? 50  THR B CB  1 
ATOM   666 O  OG1 . THR B 1 27 ? 3.604   -11.821 14.580  1.00 44.51 ? 50  THR B OG1 1 
ATOM   667 C  CG2 . THR B 1 27 ? 4.288   -13.173 16.451  1.00 42.75 ? 50  THR B CG2 1 
ATOM   668 N  N   . GLY B 1 28 ? 5.140   -12.836 11.846  1.00 39.97 ? 51  GLY B N   1 
ATOM   669 C  CA  . GLY B 1 28 ? 4.763   -12.944 10.444  1.00 39.05 ? 51  GLY B CA  1 
ATOM   670 C  C   . GLY B 1 28 ? 3.261   -12.744 10.270  1.00 39.12 ? 51  GLY B C   1 
ATOM   671 O  O   . GLY B 1 28 ? 2.644   -13.250 9.330   1.00 38.13 ? 51  GLY B O   1 
HETATM 672 N  N   . MSE B 1 29 ? 2.677   -11.986 11.189  1.00 39.12 ? 52  MSE B N   1 
HETATM 673 C  CA  . MSE B 1 29 ? 1.250   -11.716 11.180  1.00 38.59 ? 52  MSE B CA  1 
HETATM 674 C  C   . MSE B 1 29 ? 0.922   -10.262 10.870  1.00 37.33 ? 52  MSE B C   1 
HETATM 675 O  O   . MSE B 1 29 ? 1.729   -9.363  11.101  1.00 38.46 ? 52  MSE B O   1 
HETATM 676 C  CB  . MSE B 1 29 ? 0.656   -12.047 12.549  1.00 40.29 ? 52  MSE B CB  1 
HETATM 677 C  CG  . MSE B 1 29 ? 0.860   -13.464 13.021  1.00 43.52 ? 52  MSE B CG  1 
HETATM 678 SE SE  . MSE B 1 29 ? -0.186  -14.730 12.018  1.00 52.41 ? 52  MSE B SE  1 
HETATM 679 C  CE  . MSE B 1 29 ? -1.928  -13.934 12.230  1.00 50.21 ? 52  MSE B CE  1 
ATOM   680 N  N   . TYR B 1 30 ? -0.277  -10.041 10.350  1.00 35.58 ? 53  TYR B N   1 
ATOM   681 C  CA  . TYR B 1 30 ? -0.748  -8.694  10.067  1.00 34.20 ? 53  TYR B CA  1 
ATOM   682 C  C   . TYR B 1 30 ? -1.849  -8.438  11.074  1.00 32.31 ? 53  TYR B C   1 
ATOM   683 O  O   . TYR B 1 30 ? -2.689  -9.304  11.302  1.00 31.69 ? 53  TYR B O   1 
ATOM   684 C  CB  . TYR B 1 30 ? -1.322  -8.585  8.654   1.00 34.05 ? 53  TYR B CB  1 
ATOM   685 C  CG  . TYR B 1 30 ? -0.339  -8.046  7.652   1.00 34.56 ? 53  TYR B CG  1 
ATOM   686 C  CD1 . TYR B 1 30 ? -0.008  -6.691  7.633   1.00 34.80 ? 53  TYR B CD1 1 
ATOM   687 C  CD2 . TYR B 1 30 ? 0.280   -8.894  6.733   1.00 34.64 ? 53  TYR B CD2 1 
ATOM   688 C  CE1 . TYR B 1 30 ? 0.918   -6.192  6.723   1.00 35.72 ? 53  TYR B CE1 1 
ATOM   689 C  CE2 . TYR B 1 30 ? 1.208   -8.406  5.818   1.00 35.94 ? 53  TYR B CE2 1 
ATOM   690 C  CZ  . TYR B 1 30 ? 1.524   -7.055  5.820   1.00 36.91 ? 53  TYR B CZ  1 
ATOM   691 O  OH  . TYR B 1 30 ? 2.447   -6.568  4.923   1.00 38.36 ? 53  TYR B OH  1 
ATOM   692 N  N   . LEU B 1 31 ? -1.827  -7.269  11.698  1.00 32.22 ? 54  LEU B N   1 
ATOM   693 C  CA  . LEU B 1 31 ? -2.856  -6.908  12.665  1.00 32.54 ? 54  LEU B CA  1 
ATOM   694 C  C   . LEU B 1 31 ? -3.597  -5.692  12.128  1.00 33.41 ? 54  LEU B C   1 
ATOM   695 O  O   . LEU B 1 31 ? -2.991  -4.832  11.492  1.00 32.76 ? 54  LEU B O   1 
ATOM   696 C  CB  . LEU B 1 31 ? -2.237  -6.558  14.028  1.00 33.91 ? 54  LEU B CB  1 
ATOM   697 C  CG  . LEU B 1 31 ? -1.621  -7.609  14.968  1.00 34.94 ? 54  LEU B CG  1 
ATOM   698 C  CD1 . LEU B 1 31 ? -2.688  -8.602  15.424  1.00 35.71 ? 54  LEU B CD1 1 
ATOM   699 C  CD2 . LEU B 1 31 ? -0.480  -8.325  14.267  1.00 35.97 ? 54  LEU B CD2 1 
ATOM   700 N  N   . TYR B 1 32 ? -4.902  -5.622  12.372  1.00 35.62 ? 55  TYR B N   1 
ATOM   701 C  CA  . TYR B 1 32 ? -5.711  -4.480  11.930  1.00 36.80 ? 55  TYR B CA  1 
ATOM   702 C  C   . TYR B 1 32 ? -7.055  -4.500  12.652  1.00 38.75 ? 55  TYR B C   1 
ATOM   703 O  O   . TYR B 1 32 ? -7.467  -5.531  13.198  1.00 37.97 ? 55  TYR B O   1 
ATOM   704 C  CB  . TYR B 1 32 ? -5.947  -4.522  10.411  1.00 36.16 ? 55  TYR B CB  1 
ATOM   705 C  CG  . TYR B 1 32 ? -7.007  -5.506  9.960   1.00 34.14 ? 55  TYR B CG  1 
ATOM   706 C  CD1 . TYR B 1 32 ? -8.355  -5.142  9.907   1.00 34.45 ? 55  TYR B CD1 1 
ATOM   707 C  CD2 . TYR B 1 32 ? -6.667  -6.812  9.618   1.00 35.58 ? 55  TYR B CD2 1 
ATOM   708 C  CE1 . TYR B 1 32 ? -9.341  -6.056  9.526   1.00 33.79 ? 55  TYR B CE1 1 
ATOM   709 C  CE2 . TYR B 1 32 ? -7.644  -7.739  9.234   1.00 35.54 ? 55  TYR B CE2 1 
ATOM   710 C  CZ  . TYR B 1 32 ? -8.975  -7.353  9.194   1.00 36.14 ? 55  TYR B CZ  1 
ATOM   711 O  OH  . TYR B 1 32 ? -9.933  -8.278  8.839   1.00 38.53 ? 55  TYR B OH  1 
ATOM   712 N  N   . TYR B 1 33 ? -7.742  -3.363  12.664  1.00 39.92 ? 56  TYR B N   1 
ATOM   713 C  CA  . TYR B 1 33 ? -9.035  -3.302  13.319  1.00 42.56 ? 56  TYR B CA  1 
ATOM   714 C  C   . TYR B 1 33 ? -10.138 -3.194  12.291  1.00 44.82 ? 56  TYR B C   1 
ATOM   715 O  O   . TYR B 1 33 ? -9.921  -2.696  11.193  1.00 46.17 ? 56  TYR B O   1 
ATOM   716 C  CB  . TYR B 1 33 ? -9.114  -2.110  14.282  1.00 41.96 ? 56  TYR B CB  1 
ATOM   717 C  CG  . TYR B 1 33 ? -7.999  -2.059  15.298  1.00 41.02 ? 56  TYR B CG  1 
ATOM   718 C  CD1 . TYR B 1 33 ? -6.746  -1.553  14.955  1.00 37.86 ? 56  TYR B CD1 1 
ATOM   719 C  CD2 . TYR B 1 33 ? -8.189  -2.536  16.600  1.00 39.84 ? 56  TYR B CD2 1 
ATOM   720 C  CE1 . TYR B 1 33 ? -5.707  -1.518  15.880  1.00 38.10 ? 56  TYR B CE1 1 
ATOM   721 C  CE2 . TYR B 1 33 ? -7.151  -2.512  17.532  1.00 38.66 ? 56  TYR B CE2 1 
ATOM   722 C  CZ  . TYR B 1 33 ? -5.914  -2.000  17.166  1.00 37.87 ? 56  TYR B CZ  1 
ATOM   723 O  OH  . TYR B 1 33 ? -4.886  -1.969  18.081  1.00 36.62 ? 56  TYR B OH  1 
ATOM   724 N  N   . ASP B 1 34 ? -11.319 -3.686  12.650  1.00 48.60 ? 57  ASP B N   1 
ATOM   725 C  CA  . ASP B 1 34 ? -12.477 -3.624  11.771  1.00 51.56 ? 57  ASP B CA  1 
ATOM   726 C  C   . ASP B 1 34 ? -13.428 -2.535  12.289  1.00 54.20 ? 57  ASP B C   1 
ATOM   727 O  O   . ASP B 1 34 ? -12.982 -1.537  12.871  1.00 53.93 ? 57  ASP B O   1 
ATOM   728 C  CB  . ASP B 1 34 ? -13.187 -4.982  11.725  1.00 51.94 ? 57  ASP B CB  1 
ATOM   729 C  CG  . ASP B 1 34 ? -13.725 -5.416  13.079  1.00 52.55 ? 57  ASP B CG  1 
ATOM   730 O  OD1 . ASP B 1 34 ? -14.333 -6.502  13.154  1.00 53.82 ? 57  ASP B OD1 1 
ATOM   731 O  OD2 . ASP B 1 34 ? -13.548 -4.680  14.069  1.00 54.43 ? 57  ASP B OD2 1 
ATOM   732 N  N   . GLU B 1 35 ? -14.729 -2.736  12.087  1.00 56.64 ? 58  GLU B N   1 
ATOM   733 C  CA  . GLU B 1 35 ? -15.754 -1.778  12.515  1.00 58.64 ? 58  GLU B CA  1 
ATOM   734 C  C   . GLU B 1 35 ? -15.791 -1.509  14.016  1.00 57.68 ? 58  GLU B C   1 
ATOM   735 O  O   . GLU B 1 35 ? -15.617 -0.374  14.462  1.00 56.81 ? 58  GLU B O   1 
ATOM   736 C  CB  . GLU B 1 35 ? -17.147 -2.262  12.087  1.00 61.88 ? 58  GLU B CB  1 
ATOM   737 C  CG  . GLU B 1 35 ? -17.444 -2.201  10.595  1.00 65.77 ? 58  GLU B CG  1 
ATOM   738 C  CD  . GLU B 1 35 ? -16.460 -3.001  9.764   1.00 67.59 ? 58  GLU B CD  1 
ATOM   739 O  OE1 . GLU B 1 35 ? -15.334 -2.510  9.530   1.00 67.65 ? 58  GLU B OE1 1 
ATOM   740 O  OE2 . GLU B 1 35 ? -16.812 -4.128  9.354   1.00 70.41 ? 58  GLU B OE2 1 
ATOM   741 N  N   . ASP B 1 36 ? -16.041 -2.569  14.781  1.00 56.86 ? 59  ASP B N   1 
ATOM   742 C  CA  . ASP B 1 36 ? -16.148 -2.484  16.235  1.00 56.04 ? 59  ASP B CA  1 
ATOM   743 C  C   . ASP B 1 36 ? -14.842 -2.095  16.925  1.00 53.67 ? 59  ASP B C   1 
ATOM   744 O  O   . ASP B 1 36 ? -14.790 -1.982  18.154  1.00 51.40 ? 59  ASP B O   1 
ATOM   745 C  CB  . ASP B 1 36 ? -16.644 -3.824  16.803  1.00 58.64 ? 59  ASP B CB  1 
ATOM   746 C  CG  . ASP B 1 36 ? -18.015 -4.231  16.263  1.00 61.37 ? 59  ASP B CG  1 
ATOM   747 O  OD1 . ASP B 1 36 ? -18.521 -5.301  16.679  1.00 62.13 ? 59  ASP B OD1 1 
ATOM   748 O  OD2 . ASP B 1 36 ? -18.584 -3.486  15.429  1.00 62.17 ? 59  ASP B OD2 1 
ATOM   749 N  N   . GLY B 1 37 ? -13.793 -1.882  16.136  1.00 51.97 ? 60  GLY B N   1 
ATOM   750 C  CA  . GLY B 1 37 ? -12.509 -1.537  16.718  1.00 51.10 ? 60  GLY B CA  1 
ATOM   751 C  C   . GLY B 1 37 ? -11.930 -2.790  17.341  1.00 49.63 ? 60  GLY B C   1 
ATOM   752 O  O   . GLY B 1 37 ? -11.234 -2.746  18.355  1.00 49.19 ? 60  GLY B O   1 
ATOM   753 N  N   . ARG B 1 38 ? -12.245 -3.919  16.714  1.00 49.54 ? 61  ARG B N   1 
ATOM   754 C  CA  . ARG B 1 38 ? -11.793 -5.233  17.152  1.00 49.07 ? 61  ARG B CA  1 
ATOM   755 C  C   . ARG B 1 38 ? -10.515 -5.611  16.417  1.00 48.42 ? 61  ARG B C   1 
ATOM   756 O  O   . ARG B 1 38 ? -10.475 -5.623  15.186  1.00 46.16 ? 61  ARG B O   1 
ATOM   757 C  CB  . ARG B 1 38 ? -12.886 -6.273  16.879  1.00 49.35 ? 61  ARG B CB  1 
ATOM   758 C  CG  . ARG B 1 38 ? -12.422 -7.721  16.939  1.00 50.75 ? 61  ARG B CG  1 
ATOM   759 C  CD  . ARG B 1 38 ? -13.245 -8.521  17.936  1.00 51.75 ? 61  ARG B CD  1 
ATOM   760 N  NE  . ARG B 1 38 ? -14.659 -8.177  17.841  1.00 53.68 ? 61  ARG B NE  1 
ATOM   761 C  CZ  . ARG B 1 38 ? -15.621 -8.726  18.577  1.00 54.42 ? 61  ARG B CZ  1 
ATOM   762 N  NH1 . ARG B 1 38 ? -15.326 -9.662  19.473  1.00 54.75 ? 61  ARG B NH1 1 
ATOM   763 N  NH2 . ARG B 1 38 ? -16.878 -8.328  18.423  1.00 53.95 ? 61  ARG B NH2 1 
ATOM   764 N  N   . GLU B 1 39 ? -9.473  -5.911  17.187  1.00 49.43 ? 62  GLU B N   1 
ATOM   765 C  CA  . GLU B 1 39 ? -8.177  -6.288  16.632  1.00 51.00 ? 62  GLU B CA  1 
ATOM   766 C  C   . GLU B 1 39 ? -8.270  -7.638  15.929  1.00 52.09 ? 62  GLU B C   1 
ATOM   767 O  O   . GLU B 1 39 ? -8.743  -8.621  16.499  1.00 52.49 ? 62  GLU B O   1 
ATOM   768 C  CB  . GLU B 1 39 ? -7.122  -6.346  17.743  1.00 50.38 ? 62  GLU B CB  1 
ATOM   769 C  CG  . GLU B 1 39 ? -5.690  -6.492  17.246  1.00 50.66 ? 62  GLU B CG  1 
ATOM   770 C  CD  . GLU B 1 39 ? -4.663  -6.275  18.345  1.00 50.96 ? 62  GLU B CD  1 
ATOM   771 O  OE1 . GLU B 1 39 ? -4.603  -7.103  19.274  1.00 50.47 ? 62  GLU B OE1 1 
ATOM   772 O  OE2 . GLU B 1 39 ? -3.923  -5.268  18.280  1.00 51.18 ? 62  GLU B OE2 1 
ATOM   773 N  N   . VAL B 1 40 ? -7.821  -7.679  14.682  1.00 53.05 ? 63  VAL B N   1 
ATOM   774 C  CA  . VAL B 1 40 ? -7.869  -8.908  13.911  1.00 52.53 ? 63  VAL B CA  1 
ATOM   775 C  C   . VAL B 1 40 ? -6.504  -9.223  13.316  1.00 52.93 ? 63  VAL B C   1 
ATOM   776 O  O   . VAL B 1 40 ? -5.852  -8.356  12.732  1.00 52.58 ? 63  VAL B O   1 
ATOM   777 C  CB  . VAL B 1 40 ? -8.890  -8.790  12.766  1.00 51.81 ? 63  VAL B CB  1 
ATOM   778 C  CG1 . VAL B 1 40 ? -9.032  -10.124 12.057  1.00 50.77 ? 63  VAL B CG1 1 
ATOM   779 C  CG2 . VAL B 1 40 ? -10.223 -8.320  13.316  1.00 51.79 ? 63  VAL B CG2 1 
HETATM 780 N  N   . MSE B 1 41 ? -6.067  -10.466 13.473  1.00 52.50 ? 64  MSE B N   1 
HETATM 781 C  CA  . MSE B 1 41 ? -4.791  -10.863 12.916  1.00 53.10 ? 64  MSE B CA  1 
HETATM 782 C  C   . MSE B 1 41 ? -5.007  -11.766 11.713  1.00 49.47 ? 64  MSE B C   1 
HETATM 783 O  O   . MSE B 1 41 ? -6.000  -12.496 11.635  1.00 49.87 ? 64  MSE B O   1 
HETATM 784 C  CB  . MSE B 1 41 ? -3.943  -11.584 13.960  1.00 59.55 ? 64  MSE B CB  1 
HETATM 785 C  CG  . MSE B 1 41 ? -4.616  -12.793 14.582  1.00 68.68 ? 64  MSE B CG  1 
HETATM 786 SE SE  . MSE B 1 41 ? -3.358  -13.970 15.500  1.00 81.28 ? 64  MSE B SE  1 
HETATM 787 C  CE  . MSE B 1 41 ? -2.211  -12.629 16.308  1.00 75.83 ? 64  MSE B CE  1 
ATOM   788 N  N   . ILE B 1 42 ? -4.078  -11.690 10.765  1.00 44.98 ? 65  ILE B N   1 
ATOM   789 C  CA  . ILE B 1 42 ? -4.121  -12.496 9.544   1.00 39.52 ? 65  ILE B CA  1 
ATOM   790 C  C   . ILE B 1 42 ? -2.690  -12.744 9.053   1.00 36.09 ? 65  ILE B C   1 
ATOM   791 O  O   . ILE B 1 42 ? -1.841  -11.847 9.087   1.00 33.58 ? 65  ILE B O   1 
ATOM   792 C  CB  . ILE B 1 42 ? -4.953  -11.794 8.424   1.00 38.41 ? 65  ILE B CB  1 
ATOM   793 C  CG1 . ILE B 1 42 ? -4.793  -12.546 7.107   1.00 38.12 ? 65  ILE B CG1 1 
ATOM   794 C  CG2 . ILE B 1 42 ? -4.521  -10.345 8.265   1.00 38.50 ? 65  ILE B CG2 1 
ATOM   795 C  CD1 . ILE B 1 42 ? -5.554  -11.937 5.960   1.00 38.94 ? 65  ILE B CD1 1 
ATOM   796 N  N   . LYS B 1 43 ? -2.429  -13.968 8.608   1.00 33.02 ? 66  LYS B N   1 
ATOM   797 C  CA  . LYS B 1 43 ? -1.103  -14.348 8.136   1.00 30.87 ? 66  LYS B CA  1 
ATOM   798 C  C   . LYS B 1 43 ? -0.601  -13.512 6.970   1.00 30.07 ? 66  LYS B C   1 
ATOM   799 O  O   . LYS B 1 43 ? -1.361  -13.113 6.095   1.00 29.59 ? 66  LYS B O   1 
ATOM   800 C  CB  . LYS B 1 43 ? -1.069  -15.811 7.682   1.00 30.93 ? 66  LYS B CB  1 
ATOM   801 C  CG  . LYS B 1 43 ? -1.462  -16.861 8.692   1.00 31.59 ? 66  LYS B CG  1 
ATOM   802 C  CD  . LYS B 1 43 ? -1.386  -18.208 7.993   1.00 33.94 ? 66  LYS B CD  1 
ATOM   803 C  CE  . LYS B 1 43 ? -2.316  -19.246 8.586   1.00 35.08 ? 66  LYS B CE  1 
ATOM   804 N  NZ  . LYS B 1 43 ? -2.337  -20.467 7.726   1.00 34.28 ? 66  LYS B NZ  1 
ATOM   805 N  N   . GLN B 1 44 ? 0.703   -13.279 6.973   1.00 29.93 ? 67  GLN B N   1 
ATOM   806 C  CA  . GLN B 1 44 ? 1.372   -12.550 5.923   1.00 31.25 ? 67  GLN B CA  1 
ATOM   807 C  C   . GLN B 1 44 ? 1.253   -13.390 4.639   1.00 30.82 ? 67  GLN B C   1 
ATOM   808 O  O   . GLN B 1 44 ? 1.330   -12.864 3.526   1.00 31.67 ? 67  GLN B O   1 
ATOM   809 C  CB  . GLN B 1 44 ? 2.838   -12.359 6.324   1.00 34.21 ? 67  GLN B CB  1 
ATOM   810 C  CG  . GLN B 1 44 ? 3.745   -11.741 5.280   1.00 39.08 ? 67  GLN B CG  1 
ATOM   811 C  CD  . GLN B 1 44 ? 5.196   -11.651 5.757   1.00 45.18 ? 67  GLN B CD  1 
ATOM   812 O  OE1 . GLN B 1 44 ? 6.080   -11.193 5.025   1.00 48.43 ? 67  GLN B OE1 1 
ATOM   813 N  NE2 . GLN B 1 44 ? 5.442   -12.082 6.992   1.00 46.99 ? 67  GLN B NE2 1 
ATOM   814 N  N   . GLU B 1 45 ? 1.055   -14.698 4.801   1.00 30.32 ? 68  GLU B N   1 
ATOM   815 C  CA  . GLU B 1 45 ? 0.910   -15.609 3.661   1.00 30.88 ? 68  GLU B CA  1 
ATOM   816 C  C   . GLU B 1 45 ? -0.455  -15.507 2.976   1.00 31.45 ? 68  GLU B C   1 
ATOM   817 O  O   . GLU B 1 45 ? -0.586  -15.854 1.802   1.00 31.08 ? 68  GLU B O   1 
ATOM   818 C  CB  . GLU B 1 45 ? 1.109   -17.070 4.086   1.00 31.78 ? 68  GLU B CB  1 
ATOM   819 C  CG  . GLU B 1 45 ? 2.541   -17.472 4.391   1.00 32.66 ? 68  GLU B CG  1 
ATOM   820 C  CD  . GLU B 1 45 ? 2.979   -17.062 5.777   1.00 35.33 ? 68  GLU B CD  1 
ATOM   821 O  OE1 . GLU B 1 45 ? 2.111   -16.662 6.585   1.00 35.69 ? 68  GLU B OE1 1 
ATOM   822 O  OE2 . GLU B 1 45 ? 4.191   -17.148 6.064   1.00 36.84 ? 68  GLU B OE2 1 
ATOM   823 N  N   . ASP B 1 46 ? -1.463  -15.044 3.714   1.00 31.98 ? 69  ASP B N   1 
ATOM   824 C  CA  . ASP B 1 46 ? -2.821  -14.911 3.192   1.00 32.42 ? 69  ASP B CA  1 
ATOM   825 C  C   . ASP B 1 46 ? -3.077  -13.588 2.469   1.00 31.85 ? 69  ASP B C   1 
ATOM   826 O  O   . ASP B 1 46 ? -4.098  -13.441 1.779   1.00 32.79 ? 69  ASP B O   1 
ATOM   827 C  CB  . ASP B 1 46 ? -3.856  -15.058 4.322   1.00 35.21 ? 69  ASP B CB  1 
ATOM   828 C  CG  . ASP B 1 46 ? -3.980  -16.490 4.837   1.00 39.19 ? 69  ASP B CG  1 
ATOM   829 O  OD1 . ASP B 1 46 ? -3.915  -17.433 4.014   1.00 41.03 ? 69  ASP B OD1 1 
ATOM   830 O  OD2 . ASP B 1 46 ? -4.169  -16.669 6.066   1.00 38.44 ? 69  ASP B OD2 1 
ATOM   831 N  N   . VAL B 1 47 ? -2.171  -12.625 2.628   1.00 27.51 ? 70  VAL B N   1 
ATOM   832 C  CA  . VAL B 1 47 ? -2.344  -11.323 1.986   1.00 24.76 ? 70  VAL B CA  1 
ATOM   833 C  C   . VAL B 1 47 ? -1.629  -11.265 0.635   1.00 24.06 ? 70  VAL B C   1 
ATOM   834 O  O   . VAL B 1 47 ? -0.428  -11.466 0.575   1.00 23.87 ? 70  VAL B O   1 
ATOM   835 C  CB  . VAL B 1 47 ? -1.809  -10.196 2.897   1.00 24.69 ? 70  VAL B CB  1 
ATOM   836 C  CG1 . VAL B 1 47 ? -2.086  -8.830  2.270   1.00 22.68 ? 70  VAL B CG1 1 
ATOM   837 C  CG2 . VAL B 1 47 ? -2.467  -10.285 4.269   1.00 22.36 ? 70  VAL B CG2 1 
ATOM   838 N  N   . THR B 1 48 ? -2.369  -11.016 -0.448  1.00 24.44 ? 71  THR B N   1 
ATOM   839 C  CA  . THR B 1 48 ? -1.759  -10.931 -1.782  1.00 24.50 ? 71  THR B CA  1 
ATOM   840 C  C   . THR B 1 48 ? -1.427  -9.488  -2.158  1.00 25.00 ? 71  THR B C   1 
ATOM   841 O  O   . THR B 1 48 ? -0.457  -9.241  -2.864  1.00 23.95 ? 71  THR B O   1 
ATOM   842 C  CB  . THR B 1 48 ? -2.661  -11.532 -2.891  1.00 22.24 ? 71  THR B CB  1 
ATOM   843 O  OG1 . THR B 1 48 ? -3.951  -10.919 -2.849  1.00 25.68 ? 71  THR B OG1 1 
ATOM   844 C  CG2 . THR B 1 48 ? -2.799  -13.028 -2.720  1.00 20.37 ? 71  THR B CG2 1 
ATOM   845 N  N   . GLN B 1 49 ? -2.241  -8.543  -1.697  1.00 27.16 ? 72  GLN B N   1 
ATOM   846 C  CA  . GLN B 1 49 ? -1.998  -7.128  -1.969  1.00 29.47 ? 72  GLN B CA  1 
ATOM   847 C  C   . GLN B 1 49 ? -2.739  -6.223  -0.989  1.00 29.01 ? 72  GLN B C   1 
ATOM   848 O  O   . GLN B 1 49 ? -3.788  -6.586  -0.448  1.00 28.04 ? 72  GLN B O   1 
ATOM   849 C  CB  . GLN B 1 49 ? -2.371  -6.759  -3.418  1.00 29.83 ? 72  GLN B CB  1 
ATOM   850 C  CG  . GLN B 1 49 ? -3.820  -6.338  -3.634  1.00 31.52 ? 72  GLN B CG  1 
ATOM   851 C  CD  . GLN B 1 49 ? -4.135  -6.004  -5.098  1.00 32.55 ? 72  GLN B CD  1 
ATOM   852 O  OE1 . GLN B 1 49 ? -3.231  -5.889  -5.940  1.00 30.56 ? 72  GLN B OE1 1 
ATOM   853 N  NE2 . GLN B 1 49 ? -5.421  -5.833  -5.400  1.00 29.58 ? 72  GLN B NE2 1 
ATOM   854 N  N   . ILE B 1 50 ? -2.160  -5.049  -0.759  1.00 29.28 ? 73  ILE B N   1 
ATOM   855 C  CA  . ILE B 1 50 ? -2.716  -4.054  0.142   1.00 30.89 ? 73  ILE B CA  1 
ATOM   856 C  C   . ILE B 1 50 ? -2.791  -2.730  -0.593  1.00 33.44 ? 73  ILE B C   1 
ATOM   857 O  O   . ILE B 1 50 ? -1.772  -2.174  -1.000  1.00 35.54 ? 73  ILE B O   1 
ATOM   858 C  CB  . ILE B 1 50 ? -1.834  -3.840  1.362   1.00 29.90 ? 73  ILE B CB  1 
ATOM   859 C  CG1 . ILE B 1 50 ? -1.651  -5.160  2.105   1.00 30.28 ? 73  ILE B CG1 1 
ATOM   860 C  CG2 . ILE B 1 50 ? -2.456  -2.777  2.258   1.00 30.26 ? 73  ILE B CG2 1 
ATOM   861 C  CD1 . ILE B 1 50 ? -0.527  -5.129  3.123   1.00 28.72 ? 73  ILE B CD1 1 
ATOM   862 N  N   . ILE B 1 51 ? -4.004  -2.222  -0.747  1.00 34.70 ? 74  ILE B N   1 
ATOM   863 C  CA  . ILE B 1 51 ? -4.229  -0.966  -1.441  1.00 34.74 ? 74  ILE B CA  1 
ATOM   864 C  C   . ILE B 1 51 ? -4.506  0.187   -0.488  1.00 33.80 ? 74  ILE B C   1 
ATOM   865 O  O   . ILE B 1 51 ? -5.362  0.085   0.392   1.00 32.57 ? 74  ILE B O   1 
ATOM   866 C  CB  . ILE B 1 51 ? -5.417  -1.099  -2.383  1.00 35.61 ? 74  ILE B CB  1 
ATOM   867 C  CG1 . ILE B 1 51 ? -5.220  -2.343  -3.257  1.00 35.34 ? 74  ILE B CG1 1 
ATOM   868 C  CG2 . ILE B 1 51 ? -5.570  0.179   -3.203  1.00 36.51 ? 74  ILE B CG2 1 
ATOM   869 C  CD1 . ILE B 1 51 ? -6.440  -2.723  -4.066  1.00 35.66 ? 74  ILE B CD1 1 
ATOM   870 N  N   . GLU B 1 52 ? -3.780  1.283   -0.669  1.00 33.95 ? 75  GLU B N   1 
ATOM   871 C  CA  . GLU B 1 52 ? -3.979  2.465   0.166   1.00 33.62 ? 75  GLU B CA  1 
ATOM   872 C  C   . GLU B 1 52 ? -4.739  3.522   -0.627  1.00 33.09 ? 75  GLU B C   1 
ATOM   873 O  O   . GLU B 1 52 ? -4.165  4.193   -1.478  1.00 31.63 ? 75  GLU B O   1 
ATOM   874 C  CB  . GLU B 1 52 ? -2.644  3.053   0.618   1.00 32.79 ? 75  GLU B CB  1 
ATOM   875 C  CG  . GLU B 1 52 ? -2.798  4.076   1.732   1.00 34.27 ? 75  GLU B CG  1 
ATOM   876 C  CD  . GLU B 1 52 ? -1.635  5.052   1.831   1.00 36.31 ? 75  GLU B CD  1 
ATOM   877 O  OE1 . GLU B 1 52 ? -0.467  4.641   1.631   1.00 35.49 ? 75  GLU B OE1 1 
ATOM   878 O  OE2 . GLU B 1 52 ? -1.894  6.238   2.126   1.00 37.63 ? 75  GLU B OE2 1 
ATOM   879 N  N   . ARG B 1 53 ? -6.031  3.659   -0.350  1.00 34.78 ? 76  ARG B N   1 
ATOM   880 C  CA  . ARG B 1 53 ? -6.862  4.646   -1.036  1.00 36.66 ? 76  ARG B CA  1 
ATOM   881 C  C   . ARG B 1 53 ? -6.617  5.990   -0.350  1.00 38.39 ? 76  ARG B C   1 
ATOM   882 O  O   . ARG B 1 53 ? -7.063  6.217   0.778   1.00 38.88 ? 76  ARG B O   1 
ATOM   883 C  CB  . ARG B 1 53 ? -8.342  4.244   -0.948  1.00 35.08 ? 76  ARG B CB  1 
ATOM   884 C  CG  . ARG B 1 53 ? -9.242  4.892   -1.997  1.00 35.78 ? 76  ARG B CG  1 
ATOM   885 C  CD  . ARG B 1 53 ? -8.808  4.556   -3.432  1.00 35.88 ? 76  ARG B CD  1 
ATOM   886 N  NE  . ARG B 1 53 ? -9.518  5.370   -4.420  1.00 36.24 ? 76  ARG B NE  1 
ATOM   887 C  CZ  . ARG B 1 53 ? -9.498  5.157   -5.734  1.00 36.32 ? 76  ARG B CZ  1 
ATOM   888 N  NH1 . ARG B 1 53 ? -8.802  4.147   -6.236  1.00 37.19 ? 76  ARG B NH1 1 
ATOM   889 N  NH2 . ARG B 1 53 ? -10.177 5.954   -6.549  1.00 33.98 ? 76  ARG B NH2 1 
ATOM   890 N  N   . LEU B 1 54 ? -5.893  6.870   -1.037  1.00 41.40 ? 77  LEU B N   1 
ATOM   891 C  CA  . LEU B 1 54 ? -5.537  8.181   -0.497  1.00 43.73 ? 77  LEU B CA  1 
ATOM   892 C  C   . LEU B 1 54 ? -6.697  9.170   -0.389  1.00 47.53 ? 77  LEU B C   1 
ATOM   893 O  O   . LEU B 1 54 ? -7.647  9.144   -1.172  1.00 46.66 ? 77  LEU B O   1 
ATOM   894 C  CB  . LEU B 1 54 ? -4.416  8.823   -1.333  1.00 40.75 ? 77  LEU B CB  1 
ATOM   895 C  CG  . LEU B 1 54 ? -3.086  8.095   -1.572  1.00 38.96 ? 77  LEU B CG  1 
ATOM   896 C  CD1 . LEU B 1 54 ? -2.255  8.901   -2.548  1.00 38.97 ? 77  LEU B CD1 1 
ATOM   897 C  CD2 . LEU B 1 54 ? -2.333  7.891   -0.279  1.00 37.93 ? 77  LEU B CD2 1 
ATOM   898 N  N   . GLU B 1 55 ? -6.586  10.043  0.606   1.00 53.04 ? 78  GLU B N   1 
ATOM   899 C  CA  . GLU B 1 55 ? -7.565  11.087  0.875   1.00 58.23 ? 78  GLU B CA  1 
ATOM   900 C  C   . GLU B 1 55 ? -6.947  12.407  0.408   1.00 59.73 ? 78  GLU B C   1 
ATOM   901 O  O   . GLU B 1 55 ? -5.801  12.707  0.746   1.00 59.05 ? 78  GLU B O   1 
ATOM   902 C  CB  . GLU B 1 55 ? -7.845  11.153  2.381   1.00 59.89 ? 78  GLU B CB  1 
ATOM   903 C  CG  . GLU B 1 55 ? -8.677  12.352  2.805   1.00 64.07 ? 78  GLU B CG  1 
ATOM   904 C  CD  . GLU B 1 55 ? -8.644  12.597  4.302   1.00 66.08 ? 78  GLU B CD  1 
ATOM   905 O  OE1 . GLU B 1 55 ? -9.054  11.693  5.063   1.00 67.46 ? 78  GLU B OE1 1 
ATOM   906 O  OE2 . GLU B 1 55 ? -8.210  13.698  4.715   1.00 67.03 ? 78  GLU B OE2 1 
ATOM   907 N  N   . HIS B 1 56 ? -7.699  13.194  -0.360  1.00 62.04 ? 79  HIS B N   1 
ATOM   908 C  CA  . HIS B 1 56 ? -7.182  14.470  -0.860  1.00 64.10 ? 79  HIS B CA  1 
ATOM   909 C  C   . HIS B 1 56 ? -7.958  15.680  -0.339  1.00 66.52 ? 79  HIS B C   1 
ATOM   910 O  O   . HIS B 1 56 ? -8.586  15.622  0.720   1.00 66.69 ? 79  HIS B O   1 
ATOM   911 C  CB  . HIS B 1 56 ? -7.193  14.474  -2.395  1.00 62.66 ? 79  HIS B CB  1 
ATOM   912 C  CG  . HIS B 1 56 ? -6.285  13.453  -3.014  1.00 60.79 ? 79  HIS B CG  1 
ATOM   913 N  ND1 . HIS B 1 56 ? -4.916  13.468  -2.845  1.00 59.95 ? 79  HIS B ND1 1 
ATOM   914 C  CD2 . HIS B 1 56 ? -6.551  12.392  -3.813  1.00 59.09 ? 79  HIS B CD2 1 
ATOM   915 C  CE1 . HIS B 1 56 ? -4.380  12.462  -3.511  1.00 57.90 ? 79  HIS B CE1 1 
ATOM   916 N  NE2 . HIS B 1 56 ? -5.349  11.794  -4.108  1.00 57.30 ? 79  HIS B NE2 1 
ATOM   917 N  N   . HIS B 1 57 ? -7.895  16.779  -1.091  1.00 69.62 ? 80  HIS B N   1 
ATOM   918 C  CA  . HIS B 1 57 ? -8.588  18.028  -0.746  1.00 72.11 ? 80  HIS B CA  1 
ATOM   919 C  C   . HIS B 1 57 ? -8.192  18.591  0.622   1.00 72.88 ? 80  HIS B C   1 
ATOM   920 O  O   . HIS B 1 57 ? -7.285  18.019  1.268   1.00 73.36 ? 80  HIS B O   1 
ATOM   921 C  CB  . HIS B 1 57 ? -10.114 17.832  -0.792  1.00 73.63 ? 80  HIS B CB  1 
ATOM   922 C  CG  . HIS B 1 57 ? -10.612 17.204  -2.057  1.00 75.56 ? 80  HIS B CG  1 
ATOM   923 N  ND1 . HIS B 1 57 ? -10.150 17.567  -3.307  1.00 76.54 ? 80  HIS B ND1 1 
ATOM   924 C  CD2 . HIS B 1 57 ? -11.548 16.248  -2.271  1.00 75.60 ? 80  HIS B CD2 1 
ATOM   925 C  CE1 . HIS B 1 57 ? -10.778 16.864  -4.229  1.00 76.75 ? 80  HIS B CE1 1 
ATOM   926 N  NE2 . HIS B 1 57 ? -11.634 16.055  -3.627  1.00 76.54 ? 80  HIS B NE2 1 
HETATM 927 O  O   . HOH C 2 .  ? 3.697   -0.132  2.532   1.00 15.42 ? 85  HOH A O   1 
HETATM 928 O  O   . HOH C 2 .  ? 1.223   -1.418  1.938   1.00 18.66 ? 86  HOH A O   1 
HETATM 929 O  O   . HOH C 2 .  ? 8.367   15.482  4.416   1.00 22.22 ? 87  HOH A O   1 
HETATM 930 O  O   . HOH C 2 .  ? 0.188   0.367   -0.148  1.00 24.41 ? 88  HOH A O   1 
HETATM 931 O  O   . HOH C 2 .  ? 8.014   5.942   -14.187 1.00 26.50 ? 89  HOH A O   1 
HETATM 932 O  O   . HOH C 2 .  ? 5.736   7.961   2.769   1.00 29.63 ? 90  HOH A O   1 
HETATM 933 O  O   . HOH C 2 .  ? 9.625   17.144  -3.173  1.00 30.36 ? 91  HOH A O   1 
HETATM 934 O  O   . HOH C 2 .  ? -3.968  12.610  -12.653 1.00 32.18 ? 92  HOH A O   1 
HETATM 935 O  O   . HOH C 2 .  ? 1.611   6.818   1.535   1.00 33.75 ? 93  HOH A O   1 
HETATM 936 O  O   . HOH C 2 .  ? 1.315   -11.907 -3.316  1.00 34.72 ? 94  HOH A O   1 
HETATM 937 O  O   . HOH C 2 .  ? 10.149  3.980   -4.461  1.00 35.10 ? 95  HOH A O   1 
HETATM 938 O  O   . HOH C 2 .  ? 11.826  16.876  3.141   1.00 35.54 ? 96  HOH A O   1 
HETATM 939 O  O   . HOH C 2 .  ? 14.888  4.568   -17.037 1.00 36.79 ? 97  HOH A O   1 
HETATM 940 O  O   . HOH C 2 .  ? -11.397 15.739  -8.141  1.00 37.69 ? 98  HOH A O   1 
HETATM 941 O  O   . HOH C 2 .  ? 12.995  -9.370  -4.257  1.00 38.49 ? 99  HOH A O   1 
HETATM 942 O  O   . HOH C 2 .  ? -1.986  11.220  0.660   1.00 38.74 ? 100 HOH A O   1 
HETATM 943 O  O   . HOH C 2 .  ? 17.533  3.448   -18.644 1.00 40.22 ? 101 HOH A O   1 
HETATM 944 O  O   . HOH C 2 .  ? -8.444  6.570   -10.024 1.00 40.34 ? 102 HOH A O   1 
HETATM 945 O  O   . HOH C 2 .  ? 3.601   4.673   0.566   1.00 40.58 ? 103 HOH A O   1 
HETATM 946 O  O   . HOH C 2 .  ? 13.533  2.379   -18.242 1.00 40.93 ? 104 HOH A O   1 
HETATM 947 O  O   . HOH C 2 .  ? 9.685   4.719   1.762   1.00 44.11 ? 105 HOH A O   1 
HETATM 948 O  O   . HOH C 2 .  ? 13.478  -0.877  -1.391  1.00 50.81 ? 108 HOH A O   1 
HETATM 949 O  O   . HOH C 2 .  ? 2.776   5.128   4.518   1.00 51.60 ? 110 HOH A O   1 
HETATM 950 O  O   . HOH D 2 .  ? -10.906 -0.351  10.606  1.00 27.31 ? 85  HOH B O   1 
HETATM 951 O  O   . HOH D 2 .  ? -14.409 -4.944  5.088   1.00 18.14 ? 86  HOH B O   1 
HETATM 952 O  O   . HOH D 2 .  ? -4.383  -19.911 6.286   1.00 18.51 ? 87  HOH B O   1 
HETATM 953 O  O   . HOH D 2 .  ? 2.958   -2.218  8.688   1.00 20.51 ? 88  HOH B O   1 
HETATM 954 O  O   . HOH D 2 .  ? -7.961  8.688   -3.698  1.00 22.27 ? 89  HOH B O   1 
HETATM 955 O  O   . HOH D 2 .  ? 1.255   2.543   0.796   1.00 22.84 ? 90  HOH B O   1 
HETATM 956 O  O   . HOH D 2 .  ? 4.670   -12.284 2.578   1.00 25.25 ? 91  HOH B O   1 
HETATM 957 O  O   . HOH D 2 .  ? -13.985 -9.938  3.601   1.00 26.78 ? 92  HOH B O   1 
HETATM 958 O  O   . HOH D 2 .  ? -8.770  3.541   -9.032  1.00 26.86 ? 93  HOH B O   1 
HETATM 959 O  O   . HOH D 2 .  ? -16.215 -7.013  15.138  1.00 27.32 ? 94  HOH B O   1 
HETATM 960 O  O   . HOH D 2 .  ? -0.369  5.557   6.970   1.00 28.34 ? 95  HOH B O   1 
HETATM 961 O  O   . HOH D 2 .  ? -4.349  10.433  2.421   1.00 32.66 ? 96  HOH B O   1 
HETATM 962 O  O   . HOH D 2 .  ? -11.469 3.568   -10.384 1.00 33.33 ? 97  HOH B O   1 
HETATM 963 O  O   . HOH D 2 .  ? -6.666  -16.406 2.329   1.00 36.66 ? 99  HOH B O   1 
HETATM 964 O  O   . HOH D 2 .  ? 0.570   -11.620 15.988  1.00 43.46 ? 100 HOH B O   1 
HETATM 965 O  O   . HOH D 2 .  ? -4.998  16.367  -1.944  1.00 45.52 ? 101 HOH B O   1 
HETATM 966 O  O   . HOH D 2 .  ? 0.019   -0.081  3.983   1.00 45.54 ? 102 HOH B O   1 
HETATM 967 O  O   . HOH D 2 .  ? -10.623 14.340  -0.098  1.00 45.58 ? 103 HOH B O   1 
HETATM 968 O  O   . HOH D 2 .  ? -7.636  -7.425  -6.215  1.00 46.27 ? 104 HOH B O   1 
HETATM 969 O  O   . HOH D 2 .  ? -3.114  9.176   5.472   1.00 47.15 ? 105 HOH B O   1 
HETATM 970 O  O   . HOH D 2 .  ? -6.952  14.834  2.519   1.00 48.72 ? 106 HOH B O   1 
HETATM 971 O  O   . HOH D 2 .  ? -9.639  20.839  -1.990  1.00 51.51 ? 107 HOH B O   1 
HETATM 972 O  O   . HOH D 2 .  ? 3.881   -8.373  18.774  1.00 56.14 ? 108 HOH B O   1 
# 
